data_4HVM
#
_entry.id   4HVM
#
_cell.length_a   123.799
_cell.length_b   128.015
_cell.length_c   129.307
_cell.angle_alpha   90.00
_cell.angle_beta   90.00
_cell.angle_gamma   90.00
#
_symmetry.space_group_name_H-M   'P 21 21 21'
#
loop_
_entity.id
_entity.type
_entity.pdbx_description
1 polymer TlmII
2 non-polymer 'SULFATE ION'
3 water water
#
_entity_poly.entity_id   1
_entity_poly.type   'polypeptide(L)'
_entity_poly.pdbx_seq_one_letter_code
;SNA(MSE)TSLSSRPGLRRASFLQRGAWRWLREAPPAAAFAARGLLGSGRIDDDRLAAAADEVLDAFPLLRVNFVDDDGL
W(MSE)RTRENADALVRSDLRGHPDPQARCVELLRADRDRPTDPERDPLVRLHLVRLSETDVVLGVVAHQ(MSE)LLDAR
SRY(MSE)VLGAVWQAYYGRFRPAQYRDFAEVADFHPLDRETVRVARHRWWSRRLPALPVRGGDGGPVGPPETSRLRVPG
SRWQALTEPGGPLGGNGSLA(MSE)AALTAWWLWTQGAGTGTDTGAGTGTGKDSLYLSTEVDLRDHLQLGSVVGPLTDRV
VFGVDLTGLREPSFRDL(MSE)SRTQAGFLDAVVHYLPYHDVVDLAVDLGVVTPPRVAARWDVAVHLCRNAPSSSLTRGE
RTLAELGVSIELFREADLIGGDTRSATDTWDGTDTWDGTTTDLSVGELGED(MSE)VIVLDQRRTHPAGGGSALLDGLDA
A(MSE)AQAVADPSAPLPHSTVDTTTQSTVDKDTVDRNTAHENEE
;
_entity_poly.pdbx_strand_id   A,B,C,D
#
# COMPACT_ATOMS: atom_id res chain seq x y z
N GLY A 12 -27.75 -14.37 33.01
CA GLY A 12 -26.30 -14.54 33.01
C GLY A 12 -25.59 -13.54 32.10
N LEU A 13 -25.71 -12.27 32.44
CA LEU A 13 -25.09 -11.20 31.65
C LEU A 13 -24.28 -10.26 32.54
N ARG A 14 -22.96 -10.41 32.52
CA ARG A 14 -22.08 -9.56 33.30
C ARG A 14 -21.82 -8.24 32.57
N ARG A 15 -21.68 -7.16 33.33
CA ARG A 15 -21.41 -5.85 32.75
C ARG A 15 -20.01 -5.84 32.17
N ALA A 16 -19.83 -5.09 31.09
CA ALA A 16 -18.53 -4.98 30.44
C ALA A 16 -17.61 -4.03 31.19
N SER A 17 -16.32 -4.30 31.13
CA SER A 17 -15.32 -3.47 31.82
C SER A 17 -15.12 -2.14 31.12
N PHE A 18 -14.34 -1.25 31.74
CA PHE A 18 -14.15 0.11 31.22
C PHE A 18 -13.30 0.15 29.95
N LEU A 19 -12.39 -0.81 29.79
CA LEU A 19 -11.58 -0.90 28.57
C LEU A 19 -12.37 -1.51 27.44
N GLN A 20 -13.31 -2.40 27.79
CA GLN A 20 -14.22 -2.98 26.81
C GLN A 20 -15.22 -1.95 26.33
N ARG A 21 -15.78 -1.20 27.26
CA ARG A 21 -16.69 -0.10 26.94
C ARG A 21 -16.01 0.94 26.06
N GLY A 22 -14.76 1.27 26.40
CA GLY A 22 -14.00 2.26 25.67
C GLY A 22 -13.70 1.86 24.24
N ALA A 23 -13.18 0.65 24.05
CA ALA A 23 -12.85 0.15 22.72
C ALA A 23 -14.10 0.01 21.85
N TRP A 24 -15.22 -0.33 22.49
CA TRP A 24 -16.47 -0.53 21.78
C TRP A 24 -16.99 0.77 21.16
N ARG A 25 -16.54 1.89 21.69
CA ARG A 25 -16.97 3.20 21.18
C ARG A 25 -16.52 3.44 19.74
N TRP A 26 -15.33 2.94 19.39
CA TRP A 26 -14.80 3.11 18.04
C TRP A 26 -14.90 1.83 17.21
N LEU A 27 -14.87 0.68 17.88
CA LEU A 27 -14.91 -0.60 17.18
C LEU A 27 -16.27 -0.95 16.60
N ARG A 28 -17.32 -0.31 17.14
CA ARG A 28 -18.68 -0.62 16.73
C ARG A 28 -18.97 -0.22 15.28
N GLU A 29 -18.37 0.88 14.84
CA GLU A 29 -18.59 1.37 13.48
C GLU A 29 -17.43 1.07 12.53
N ALA A 30 -16.36 0.49 13.09
CA ALA A 30 -15.23 0.07 12.28
C ALA A 30 -15.49 -1.33 11.74
N PRO A 31 -14.81 -1.71 10.65
CA PRO A 31 -14.92 -3.10 10.18
C PRO A 31 -14.49 -4.07 11.27
N PRO A 32 -15.27 -5.13 11.48
CA PRO A 32 -15.08 -6.10 12.57
C PRO A 32 -13.68 -6.70 12.62
N ALA A 33 -13.01 -6.75 11.48
CA ALA A 33 -11.68 -7.33 11.41
C ALA A 33 -10.64 -6.44 12.08
N ALA A 34 -10.99 -5.18 12.30
CA ALA A 34 -10.09 -4.22 12.91
C ALA A 34 -9.86 -4.53 14.38
N ALA A 35 -10.76 -5.31 14.96
CA ALA A 35 -10.67 -5.66 16.37
C ALA A 35 -9.86 -6.93 16.60
N PHE A 36 -9.39 -7.53 15.51
CA PHE A 36 -8.75 -8.85 15.60
C PHE A 36 -7.24 -8.80 15.39
N ALA A 37 -6.55 -9.69 16.10
CA ALA A 37 -5.10 -9.83 15.98
C ALA A 37 -4.76 -11.31 15.99
N ALA A 38 -3.63 -11.66 15.40
CA ALA A 38 -3.21 -13.05 15.36
C ALA A 38 -1.78 -13.25 15.85
N ARG A 39 -1.60 -14.22 16.74
CA ARG A 39 -0.28 -14.63 17.20
C ARG A 39 -0.22 -16.15 17.19
N GLY A 40 0.97 -16.72 17.24
CA GLY A 40 1.11 -18.16 17.22
C GLY A 40 2.41 -18.69 17.82
N LEU A 41 2.35 -19.92 18.31
CA LEU A 41 3.53 -20.62 18.81
C LEU A 41 3.85 -21.80 17.90
N LEU A 42 5.12 -21.92 17.52
CA LEU A 42 5.55 -23.01 16.67
C LEU A 42 6.10 -24.17 17.49
N GLY A 43 5.48 -25.34 17.36
CA GLY A 43 5.95 -26.54 18.03
C GLY A 43 6.71 -27.44 17.07
N SER A 44 7.82 -27.99 17.55
CA SER A 44 8.64 -28.85 16.70
C SER A 44 9.09 -30.11 17.43
N GLY A 45 8.81 -31.26 16.84
CA GLY A 45 9.13 -32.54 17.44
C GLY A 45 8.00 -33.53 17.23
N ARG A 46 7.99 -34.62 17.99
CA ARG A 46 6.91 -35.59 17.90
C ARG A 46 5.67 -35.04 18.61
N ILE A 47 4.68 -34.63 17.82
CA ILE A 47 3.48 -33.98 18.36
C ILE A 47 2.21 -34.76 18.01
N ASP A 48 1.45 -35.13 19.04
CA ASP A 48 0.17 -35.78 18.85
C ASP A 48 -0.92 -34.73 18.62
N ASP A 49 -1.42 -34.65 17.38
CA ASP A 49 -2.40 -33.63 17.02
C ASP A 49 -3.69 -33.74 17.85
N ASP A 50 -4.19 -34.95 17.99
CA ASP A 50 -5.43 -35.18 18.73
C ASP A 50 -5.27 -34.79 20.19
N ARG A 51 -4.08 -35.05 20.74
CA ARG A 51 -3.79 -34.69 22.11
C ARG A 51 -3.72 -33.18 22.26
N LEU A 52 -3.13 -32.52 21.27
CA LEU A 52 -3.03 -31.07 21.26
C LEU A 52 -4.40 -30.44 21.05
N ALA A 53 -5.21 -31.04 20.19
CA ALA A 53 -6.56 -30.57 19.93
C ALA A 53 -7.42 -30.68 21.18
N ALA A 54 -7.24 -31.76 21.93
CA ALA A 54 -7.96 -31.96 23.18
C ALA A 54 -7.52 -30.93 24.21
N ALA A 55 -6.24 -30.58 24.17
CA ALA A 55 -5.70 -29.59 25.09
C ALA A 55 -6.31 -28.22 24.84
N ALA A 56 -6.52 -27.90 23.57
CA ALA A 56 -7.10 -26.62 23.19
C ALA A 56 -8.53 -26.50 23.70
N ASP A 57 -9.29 -27.58 23.56
CA ASP A 57 -10.67 -27.63 24.02
C ASP A 57 -10.74 -27.45 25.53
N GLU A 58 -9.75 -28.00 26.23
CA GLU A 58 -9.68 -27.92 27.68
C GLU A 58 -9.48 -26.48 28.13
N VAL A 59 -8.63 -25.76 27.41
CA VAL A 59 -8.35 -24.36 27.73
C VAL A 59 -9.53 -23.47 27.38
N LEU A 60 -10.17 -23.76 26.25
CA LEU A 60 -11.36 -23.02 25.83
C LEU A 60 -12.49 -23.18 26.84
N ASP A 61 -12.48 -24.29 27.56
CA ASP A 61 -13.48 -24.57 28.57
C ASP A 61 -13.15 -23.86 29.88
N ALA A 62 -11.90 -23.98 30.30
CA ALA A 62 -11.47 -23.46 31.58
C ALA A 62 -11.54 -21.94 31.67
N PHE A 63 -11.50 -21.27 30.52
CA PHE A 63 -11.58 -19.81 30.46
C PHE A 63 -12.86 -19.35 29.79
N PRO A 64 -13.93 -19.17 30.58
CA PRO A 64 -15.23 -18.73 30.04
C PRO A 64 -15.17 -17.40 29.30
N LEU A 65 -14.11 -16.63 29.53
CA LEU A 65 -13.93 -15.36 28.84
C LEU A 65 -13.76 -15.57 27.34
N LEU A 66 -13.09 -16.66 26.97
CA LEU A 66 -12.84 -16.97 25.57
C LEU A 66 -14.14 -17.28 24.84
N ARG A 67 -15.15 -17.73 25.59
CA ARG A 67 -16.44 -18.09 25.01
C ARG A 67 -17.46 -16.96 25.20
N VAL A 68 -16.99 -15.72 25.19
CA VAL A 68 -17.86 -14.58 25.47
C VAL A 68 -18.26 -13.81 24.22
N ASN A 69 -19.56 -13.54 24.10
CA ASN A 69 -20.09 -12.65 23.09
C ASN A 69 -20.61 -11.37 23.74
N PHE A 70 -20.80 -10.32 22.95
CA PHE A 70 -21.22 -9.04 23.49
C PHE A 70 -22.65 -8.69 23.09
N VAL A 71 -23.36 -8.03 24.00
CA VAL A 71 -24.72 -7.60 23.74
C VAL A 71 -24.85 -6.09 23.92
N ASP A 72 -24.99 -5.38 22.81
CA ASP A 72 -25.15 -3.93 22.87
C ASP A 72 -26.63 -3.58 22.96
N ASP A 73 -27.14 -3.53 24.19
CA ASP A 73 -28.53 -3.21 24.45
C ASP A 73 -28.68 -2.76 25.90
N ASP A 74 -29.06 -1.50 26.10
CA ASP A 74 -29.08 -0.89 27.42
C ASP A 74 -27.68 -0.96 28.04
N GLY A 75 -26.67 -0.59 27.25
CA GLY A 75 -25.29 -0.68 27.67
C GLY A 75 -24.60 -1.89 27.08
N LEU A 76 -23.32 -2.08 27.39
CA LEU A 76 -22.56 -3.21 26.88
C LEU A 76 -22.50 -4.33 27.90
N TRP A 77 -22.78 -5.55 27.46
CA TRP A 77 -22.83 -6.70 28.36
C TRP A 77 -22.08 -7.90 27.82
N ARG A 79 -21.77 -12.12 27.52
CA ARG A 79 -22.61 -13.31 27.50
C ARG A 79 -21.75 -14.54 27.26
N THR A 80 -21.81 -15.51 28.16
CA THR A 80 -20.96 -16.68 28.07
C THR A 80 -21.60 -17.80 27.25
N ARG A 81 -21.01 -18.06 26.09
CA ARG A 81 -21.49 -19.10 25.19
C ARG A 81 -21.17 -20.48 25.77
N GLU A 82 -22.13 -21.39 25.68
CA GLU A 82 -21.98 -22.73 26.26
C GLU A 82 -21.01 -23.60 25.47
N ASN A 83 -21.18 -23.62 24.15
CA ASN A 83 -20.31 -24.40 23.28
C ASN A 83 -19.25 -23.52 22.62
N ALA A 84 -17.99 -23.92 22.72
CA ALA A 84 -16.89 -23.14 22.19
C ALA A 84 -16.96 -23.00 20.67
N ASP A 85 -16.84 -24.12 19.96
CA ASP A 85 -16.84 -24.15 18.50
C ASP A 85 -15.80 -23.16 17.95
N ALA A 86 -14.56 -23.31 18.42
CA ALA A 86 -13.52 -22.34 18.11
C ALA A 86 -12.20 -23.00 17.73
N LEU A 87 -12.19 -24.32 17.65
CA LEU A 87 -10.98 -25.04 17.27
C LEU A 87 -10.97 -25.38 15.78
N VAL A 88 -10.09 -24.71 15.04
CA VAL A 88 -9.96 -24.95 13.60
C VAL A 88 -8.69 -25.74 13.32
N ARG A 89 -8.82 -26.85 12.60
CA ARG A 89 -7.68 -27.71 12.30
C ARG A 89 -7.35 -27.69 10.81
N SER A 90 -6.10 -27.36 10.49
CA SER A 90 -5.66 -27.26 9.10
C SER A 90 -4.37 -28.05 8.88
N ASP A 91 -4.08 -28.35 7.61
CA ASP A 91 -2.87 -29.09 7.24
C ASP A 91 -2.29 -28.48 5.97
N LEU A 92 -1.04 -28.04 6.03
CA LEU A 92 -0.40 -27.34 4.92
C LEU A 92 0.80 -28.08 4.35
N ARG A 93 0.85 -29.40 4.56
CA ARG A 93 1.96 -30.21 4.08
C ARG A 93 2.08 -30.26 2.56
N GLY A 94 0.98 -29.95 1.87
CA GLY A 94 0.97 -29.97 0.42
C GLY A 94 1.63 -28.77 -0.21
N HIS A 95 1.98 -27.78 0.61
CA HIS A 95 2.63 -26.57 0.11
C HIS A 95 4.15 -26.64 0.30
N PRO A 96 4.91 -26.23 -0.72
CA PRO A 96 6.38 -26.22 -0.66
C PRO A 96 6.92 -25.31 0.45
N ASP A 97 6.21 -24.22 0.75
CA ASP A 97 6.59 -23.33 1.84
C ASP A 97 5.45 -23.22 2.85
N PRO A 98 5.32 -24.22 3.72
CA PRO A 98 4.21 -24.31 4.68
C PRO A 98 4.14 -23.12 5.64
N GLN A 99 5.30 -22.59 6.05
CA GLN A 99 5.33 -21.50 7.02
C GLN A 99 4.75 -20.20 6.46
N ALA A 100 5.04 -19.91 5.19
CA ALA A 100 4.51 -18.72 4.55
C ALA A 100 3.00 -18.81 4.40
N ARG A 101 2.51 -20.03 4.22
CA ARG A 101 1.07 -20.27 4.07
C ARG A 101 0.35 -20.12 5.39
N CYS A 102 1.01 -20.54 6.47
CA CYS A 102 0.41 -20.49 7.80
C CYS A 102 0.19 -19.05 8.23
N VAL A 103 1.09 -18.17 7.79
CA VAL A 103 0.94 -16.74 8.06
C VAL A 103 -0.24 -16.19 7.28
N GLU A 104 -0.34 -16.59 6.01
CA GLU A 104 -1.44 -16.16 5.16
C GLU A 104 -2.76 -16.73 5.67
N LEU A 105 -2.70 -17.89 6.32
CA LEU A 105 -3.89 -18.52 6.86
C LEU A 105 -4.46 -17.73 8.03
N LEU A 106 -3.59 -17.42 9.00
CA LEU A 106 -4.01 -16.69 10.19
C LEU A 106 -4.46 -15.28 9.86
N ARG A 107 -3.75 -14.64 8.94
CA ARG A 107 -4.14 -13.32 8.45
C ARG A 107 -5.52 -13.36 7.82
N ALA A 108 -5.79 -14.40 7.04
CA ALA A 108 -7.06 -14.54 6.35
C ALA A 108 -8.22 -14.72 7.33
N ASP A 109 -7.99 -15.56 8.34
CA ASP A 109 -9.02 -15.80 9.35
C ASP A 109 -9.21 -14.57 10.21
N ARG A 110 -8.15 -13.77 10.34
CA ARG A 110 -8.19 -12.53 11.11
C ARG A 110 -9.05 -11.49 10.40
N ASP A 111 -9.03 -11.51 9.08
CA ASP A 111 -9.72 -10.50 8.28
C ASP A 111 -11.18 -10.88 8.01
N ARG A 112 -11.58 -12.06 8.48
CA ARG A 112 -12.92 -12.57 8.28
C ARG A 112 -13.91 -11.85 9.20
N PRO A 113 -14.99 -11.30 8.62
CA PRO A 113 -15.99 -10.53 9.37
C PRO A 113 -16.73 -11.38 10.40
N THR A 114 -16.63 -10.97 11.66
CA THR A 114 -17.17 -11.76 12.76
C THR A 114 -18.27 -10.99 13.50
N ASP A 115 -19.43 -11.64 13.66
CA ASP A 115 -20.52 -11.06 14.45
C ASP A 115 -20.21 -11.19 15.94
N PRO A 116 -19.93 -10.07 16.60
CA PRO A 116 -19.49 -10.11 18.00
C PRO A 116 -20.56 -10.57 18.96
N GLU A 117 -21.81 -10.71 18.49
CA GLU A 117 -22.90 -11.10 19.36
C GLU A 117 -23.31 -12.55 19.17
N ARG A 118 -22.72 -13.23 18.19
CA ARG A 118 -23.07 -14.60 17.89
C ARG A 118 -21.87 -15.53 17.72
N ASP A 119 -20.88 -15.09 16.96
CA ASP A 119 -19.76 -15.95 16.58
C ASP A 119 -18.66 -16.00 17.64
N PRO A 120 -17.89 -17.10 17.66
CA PRO A 120 -16.73 -17.19 18.54
C PRO A 120 -15.70 -16.10 18.23
N LEU A 121 -15.28 -15.37 19.27
CA LEU A 121 -14.38 -14.23 19.10
C LEU A 121 -12.93 -14.59 19.41
N VAL A 122 -12.71 -15.83 19.84
CA VAL A 122 -11.37 -16.35 20.07
C VAL A 122 -11.23 -17.71 19.38
N ARG A 123 -10.52 -17.72 18.26
CA ARG A 123 -10.33 -18.94 17.48
C ARG A 123 -8.93 -19.50 17.65
N LEU A 124 -8.84 -20.77 18.00
CA LEU A 124 -7.55 -21.44 18.11
C LEU A 124 -7.30 -22.25 16.85
N HIS A 125 -6.15 -22.02 16.22
CA HIS A 125 -5.78 -22.75 15.01
C HIS A 125 -4.70 -23.78 15.30
N LEU A 126 -4.93 -25.02 14.86
CA LEU A 126 -3.94 -26.08 14.96
C LEU A 126 -3.46 -26.41 13.54
N VAL A 127 -2.35 -25.81 13.14
CA VAL A 127 -1.87 -25.94 11.77
C VAL A 127 -0.61 -26.79 11.70
N ARG A 128 -0.69 -27.91 11.00
CA ARG A 128 0.48 -28.78 10.83
C ARG A 128 1.21 -28.42 9.54
N LEU A 129 2.52 -28.15 9.67
CA LEU A 129 3.33 -27.71 8.53
C LEU A 129 4.12 -28.86 7.92
N SER A 130 4.52 -29.81 8.76
CA SER A 130 5.32 -30.95 8.31
C SER A 130 5.17 -32.12 9.27
N GLU A 131 6.10 -33.06 9.20
CA GLU A 131 6.06 -34.24 10.06
C GLU A 131 6.51 -33.91 11.48
N THR A 132 7.15 -32.75 11.65
CA THR A 132 7.66 -32.36 12.96
C THR A 132 7.08 -31.03 13.44
N ASP A 133 6.68 -30.17 12.51
CA ASP A 133 6.27 -28.81 12.84
C ASP A 133 4.75 -28.60 12.88
N VAL A 134 4.28 -28.06 14.00
CA VAL A 134 2.88 -27.70 14.16
C VAL A 134 2.76 -26.30 14.75
N VAL A 135 1.95 -25.45 14.11
CA VAL A 135 1.71 -24.11 14.62
C VAL A 135 0.39 -24.03 15.38
N LEU A 136 0.46 -23.57 16.62
CA LEU A 136 -0.74 -23.28 17.40
C LEU A 136 -0.96 -21.78 17.37
N GLY A 137 -2.01 -21.35 16.67
CA GLY A 137 -2.26 -19.92 16.54
C GLY A 137 -3.56 -19.49 17.18
N VAL A 138 -3.62 -18.22 17.56
CA VAL A 138 -4.84 -17.65 18.12
C VAL A 138 -5.25 -16.40 17.34
N VAL A 139 -6.53 -16.34 17.00
CA VAL A 139 -7.10 -15.16 16.35
C VAL A 139 -8.20 -14.61 17.23
N ALA A 140 -7.97 -13.46 17.86
CA ALA A 140 -8.86 -13.00 18.91
C ALA A 140 -9.28 -11.54 18.82
N HIS A 141 -10.51 -11.29 19.26
CA HIS A 141 -11.04 -9.94 19.39
C HIS A 141 -10.30 -9.24 20.53
N GLN A 142 -9.91 -7.99 20.32
CA GLN A 142 -9.09 -7.27 21.29
C GLN A 142 -9.82 -6.92 22.57
N LEU A 144 -11.37 -9.09 24.24
CA LEU A 144 -11.28 -10.31 25.03
C LEU A 144 -9.85 -10.58 25.45
N LEU A 145 -8.93 -10.47 24.49
CA LEU A 145 -7.52 -10.72 24.74
C LEU A 145 -6.64 -9.57 24.26
N ASP A 146 -5.81 -9.04 25.16
CA ASP A 146 -4.82 -8.05 24.77
C ASP A 146 -3.53 -8.75 24.32
N ALA A 147 -2.48 -7.99 24.09
CA ALA A 147 -1.22 -8.53 23.58
C ALA A 147 -0.66 -9.66 24.43
N ARG A 148 -0.64 -9.46 25.74
CA ARG A 148 -0.10 -10.45 26.66
C ARG A 148 -0.98 -11.68 26.79
N SER A 149 -2.30 -11.46 26.81
CA SER A 149 -3.25 -12.56 27.02
C SER A 149 -3.24 -13.58 25.90
N ARG A 150 -2.89 -13.14 24.68
CA ARG A 150 -2.83 -14.05 23.54
C ARG A 150 -1.79 -15.14 23.75
N TYR A 151 -0.63 -14.76 24.26
CA TYR A 151 0.43 -15.73 24.53
C TYR A 151 0.18 -16.51 25.82
N VAL A 153 -2.83 -17.54 26.68
CA VAL A 153 -3.75 -18.58 26.21
C VAL A 153 -3.00 -19.64 25.42
N LEU A 154 -2.13 -19.21 24.51
CA LEU A 154 -1.34 -20.14 23.71
C LEU A 154 -0.42 -21.00 24.59
N GLY A 155 0.14 -20.38 25.61
CA GLY A 155 1.00 -21.08 26.55
C GLY A 155 0.20 -22.08 27.37
N ALA A 156 -1.02 -21.70 27.73
CA ALA A 156 -1.89 -22.56 28.53
C ALA A 156 -2.28 -23.84 27.79
N VAL A 157 -2.41 -23.75 26.47
CA VAL A 157 -2.74 -24.91 25.65
C VAL A 157 -1.61 -25.93 25.66
N TRP A 158 -0.38 -25.44 25.52
CA TRP A 158 0.78 -26.32 25.58
C TRP A 158 0.99 -26.89 26.98
N GLN A 159 0.59 -26.13 28.00
CA GLN A 159 0.64 -26.62 29.37
C GLN A 159 -0.32 -27.79 29.55
N ALA A 160 -1.50 -27.68 28.97
CA ALA A 160 -2.51 -28.73 29.05
C ALA A 160 -2.05 -29.98 28.32
N TYR A 161 -1.27 -29.78 27.25
CA TYR A 161 -0.76 -30.87 26.43
C TYR A 161 0.14 -31.80 27.25
N TYR A 162 0.85 -31.23 28.22
CA TYR A 162 1.76 -32.00 29.06
C TYR A 162 1.14 -32.31 30.42
N GLY A 163 -0.08 -31.82 30.64
CA GLY A 163 -0.75 -32.01 31.90
C GLY A 163 -0.25 -31.07 32.98
N ARG A 164 0.21 -29.89 32.56
CA ARG A 164 0.77 -28.92 33.49
C ARG A 164 -0.15 -27.71 33.67
N PHE A 165 -1.31 -27.76 33.02
CA PHE A 165 -2.27 -26.67 33.10
C PHE A 165 -3.10 -26.73 34.37
N ARG A 166 -2.91 -25.74 35.25
CA ARG A 166 -3.72 -25.59 36.44
C ARG A 166 -4.47 -24.27 36.39
N PRO A 167 -5.81 -24.33 36.31
CA PRO A 167 -6.67 -23.15 36.15
C PRO A 167 -6.57 -22.20 37.35
N ALA A 168 -6.29 -22.75 38.52
CA ALA A 168 -6.19 -21.95 39.74
C ALA A 168 -4.95 -21.05 39.72
N GLN A 169 -3.99 -21.40 38.88
CA GLN A 169 -2.77 -20.61 38.73
C GLN A 169 -3.10 -19.25 38.11
N TYR A 170 -4.17 -19.20 37.34
CA TYR A 170 -4.61 -17.98 36.68
C TYR A 170 -5.74 -17.32 37.46
N ARG A 171 -5.89 -16.01 37.28
CA ARG A 171 -6.95 -15.26 37.93
C ARG A 171 -8.02 -14.91 36.91
N ASP A 172 -9.27 -15.30 37.22
CA ASP A 172 -10.38 -15.07 36.31
C ASP A 172 -10.64 -13.57 36.12
N PHE A 173 -10.95 -13.17 34.90
CA PHE A 173 -11.19 -11.77 34.56
C PHE A 173 -12.43 -11.24 35.27
N ALA A 174 -13.33 -12.14 35.65
CA ALA A 174 -14.55 -11.76 36.34
C ALA A 174 -14.27 -10.99 37.63
N GLU A 175 -13.15 -11.28 38.26
CA GLU A 175 -12.78 -10.65 39.52
C GLU A 175 -12.38 -9.18 39.33
N VAL A 176 -11.96 -8.83 38.12
CA VAL A 176 -11.49 -7.48 37.84
C VAL A 176 -12.27 -6.79 36.72
N ALA A 177 -13.41 -7.37 36.35
CA ALA A 177 -14.26 -6.78 35.32
C ALA A 177 -14.85 -5.46 35.79
N ASP A 178 -15.11 -5.36 37.09
CA ASP A 178 -15.68 -4.15 37.67
C ASP A 178 -14.59 -3.18 38.09
N PHE A 179 -13.33 -3.61 37.97
CA PHE A 179 -12.20 -2.80 38.42
C PHE A 179 -11.99 -1.56 37.56
N HIS A 180 -11.66 -0.45 38.23
CA HIS A 180 -11.38 0.81 37.56
C HIS A 180 -10.34 1.57 38.36
N PRO A 181 -9.23 1.94 37.71
CA PRO A 181 -8.12 2.66 38.37
C PRO A 181 -8.58 3.98 38.97
N LEU A 182 -9.70 4.51 38.49
CA LEU A 182 -10.25 5.76 39.00
C LEU A 182 -11.59 5.52 39.69
N ASP A 183 -11.61 4.55 40.60
CA ASP A 183 -12.83 4.19 41.30
C ASP A 183 -13.29 5.32 42.23
N ARG A 184 -12.33 5.99 42.87
CA ARG A 184 -12.65 7.14 43.71
C ARG A 184 -12.97 8.35 42.85
N GLU A 185 -14.07 9.01 43.17
CA GLU A 185 -14.52 10.18 42.40
C GLU A 185 -13.54 11.35 42.52
N THR A 186 -13.02 11.57 43.72
CA THR A 186 -12.07 12.65 43.96
C THR A 186 -10.81 12.48 43.10
N VAL A 187 -10.46 11.23 42.82
CA VAL A 187 -9.34 10.93 41.93
C VAL A 187 -9.75 11.18 40.49
N ARG A 188 -10.93 10.71 40.12
CA ARG A 188 -11.42 10.86 38.75
C ARG A 188 -11.52 12.32 38.33
N VAL A 189 -12.07 13.13 39.23
CA VAL A 189 -12.22 14.57 38.98
C VAL A 189 -10.86 15.23 38.77
N ALA A 190 -9.88 14.82 39.58
CA ALA A 190 -8.54 15.38 39.51
C ALA A 190 -7.85 15.03 38.19
N ARG A 191 -7.99 13.79 37.74
CA ARG A 191 -7.41 13.36 36.48
C ARG A 191 -8.11 14.07 35.32
N HIS A 192 -9.43 14.23 35.43
CA HIS A 192 -10.21 14.89 34.41
C HIS A 192 -9.80 16.35 34.30
N ARG A 193 -9.51 16.96 35.45
CA ARG A 193 -9.04 18.33 35.48
C ARG A 193 -7.68 18.47 34.82
N TRP A 194 -6.75 17.59 35.22
CA TRP A 194 -5.37 17.62 34.74
C TRP A 194 -5.30 17.59 33.21
N TRP A 195 -6.15 16.77 32.61
CA TRP A 195 -6.18 16.64 31.15
C TRP A 195 -6.96 17.77 30.48
N SER A 196 -7.96 18.30 31.18
CA SER A 196 -8.75 19.41 30.65
C SER A 196 -7.89 20.65 30.46
N ARG A 197 -6.91 20.81 31.34
CA ARG A 197 -6.03 21.98 31.31
C ARG A 197 -4.95 21.86 30.22
N ARG A 198 -4.60 20.63 29.86
CA ARG A 198 -3.48 20.40 28.96
C ARG A 198 -3.86 20.11 27.51
N LEU A 199 -5.01 19.47 27.30
CA LEU A 199 -5.49 19.15 25.95
C LEU A 199 -5.56 20.34 24.96
N PRO A 200 -6.06 21.50 25.41
CA PRO A 200 -6.11 22.61 24.45
C PRO A 200 -4.72 23.12 24.05
N ALA A 201 -3.71 22.88 24.88
CA ALA A 201 -2.38 23.42 24.63
C ALA A 201 -1.55 22.51 23.72
N LEU A 202 -2.08 21.34 23.39
CA LEU A 202 -1.40 20.41 22.50
C LEU A 202 -1.16 21.03 21.13
N PRO A 203 0.10 21.02 20.67
CA PRO A 203 0.49 21.59 19.38
C PRO A 203 -0.21 20.93 18.20
N VAL A 204 -0.37 21.66 17.10
CA VAL A 204 -1.09 21.19 15.93
C VAL A 204 -0.20 20.39 14.99
N ARG A 205 -0.67 19.22 14.59
CA ARG A 205 0.03 18.38 13.63
C ARG A 205 -0.93 17.67 12.68
N GLY A 213 -1.29 10.76 2.32
CA GLY A 213 -0.86 9.64 1.50
C GLY A 213 -1.29 8.29 2.05
N PRO A 214 -1.18 7.23 1.22
CA PRO A 214 -1.54 5.87 1.61
C PRO A 214 -0.49 5.24 2.52
N PRO A 215 -0.91 4.32 3.40
CA PRO A 215 0.02 3.69 4.35
C PRO A 215 1.00 2.74 3.67
N GLU A 216 2.28 2.92 3.94
CA GLU A 216 3.32 2.07 3.38
C GLU A 216 4.20 1.48 4.48
N THR A 217 4.62 0.23 4.30
CA THR A 217 5.34 -0.50 5.34
C THR A 217 6.84 -0.67 5.06
N SER A 218 7.65 -0.39 6.06
CA SER A 218 9.09 -0.59 5.98
C SER A 218 9.55 -1.40 7.19
N ARG A 219 10.59 -2.21 7.01
CA ARG A 219 11.07 -3.06 8.10
C ARG A 219 12.57 -2.94 8.31
N LEU A 220 12.97 -2.96 9.58
CA LEU A 220 14.37 -2.97 9.97
C LEU A 220 14.64 -4.12 10.92
N ARG A 221 15.43 -5.09 10.47
CA ARG A 221 15.76 -6.24 11.31
C ARG A 221 16.92 -5.91 12.23
N VAL A 222 16.68 -6.00 13.53
CA VAL A 222 17.71 -5.70 14.52
C VAL A 222 18.17 -6.99 15.18
N PRO A 223 19.49 -7.21 15.23
CA PRO A 223 20.04 -8.37 15.94
C PRO A 223 19.58 -8.38 17.39
N GLY A 224 19.17 -9.53 17.89
CA GLY A 224 18.64 -9.66 19.24
C GLY A 224 19.53 -9.07 20.31
N SER A 225 20.84 -9.21 20.13
CA SER A 225 21.81 -8.68 21.07
C SER A 225 21.74 -7.16 21.14
N ARG A 226 21.55 -6.52 19.99
CA ARG A 226 21.44 -5.07 19.91
C ARG A 226 20.20 -4.59 20.64
N TRP A 227 19.10 -5.30 20.47
CA TRP A 227 17.84 -4.94 21.12
C TRP A 227 17.91 -5.08 22.63
N GLN A 228 18.58 -6.11 23.12
CA GLN A 228 18.69 -6.35 24.55
C GLN A 228 19.51 -5.27 25.25
N ALA A 229 20.66 -4.92 24.66
CA ALA A 229 21.53 -3.91 25.25
C ALA A 229 20.85 -2.55 25.28
N LEU A 230 19.93 -2.34 24.36
CA LEU A 230 19.17 -1.10 24.29
C LEU A 230 17.99 -1.14 25.27
N THR A 231 17.26 -2.25 25.25
CA THR A 231 16.09 -2.41 26.09
C THR A 231 16.45 -2.53 27.57
N GLU A 232 17.22 -3.57 27.91
CA GLU A 232 17.61 -3.81 29.28
C GLU A 232 18.54 -2.71 29.79
N PRO A 233 18.08 -1.95 30.80
CA PRO A 233 18.87 -0.88 31.41
C PRO A 233 18.58 -0.77 32.90
N ASN A 240 9.87 -0.12 29.20
CA ASN A 240 11.12 0.58 28.94
C ASN A 240 11.70 0.17 27.59
N GLY A 241 11.25 -0.96 27.08
CA GLY A 241 11.69 -1.45 25.78
C GLY A 241 11.13 -0.59 24.65
N SER A 242 9.90 -0.16 24.82
CA SER A 242 9.25 0.70 23.84
C SER A 242 9.61 2.16 24.10
N LEU A 243 10.24 2.41 25.25
CA LEU A 243 10.62 3.77 25.63
C LEU A 243 11.90 4.21 24.94
N ALA A 244 12.77 3.26 24.64
CA ALA A 244 13.94 3.55 23.83
C ALA A 244 13.50 3.88 22.41
N ALA A 246 10.43 5.13 21.60
CA ALA A 246 9.75 6.41 21.68
C ALA A 246 10.73 7.58 21.71
N ALA A 247 11.85 7.39 22.40
CA ALA A 247 12.87 8.43 22.50
C ALA A 247 13.55 8.66 21.16
N LEU A 248 13.91 7.56 20.49
CA LEU A 248 14.63 7.64 19.23
C LEU A 248 13.74 8.05 18.07
N THR A 249 12.47 7.64 18.10
CA THR A 249 11.51 8.04 17.08
C THR A 249 11.24 9.54 17.20
N ALA A 250 11.06 10.01 18.42
CA ALA A 250 10.86 11.43 18.68
C ALA A 250 12.09 12.22 18.26
N TRP A 251 13.26 11.64 18.47
CA TRP A 251 14.52 12.28 18.09
C TRP A 251 14.61 12.50 16.59
N TRP A 252 14.34 11.46 15.81
CA TRP A 252 14.48 11.54 14.37
C TRP A 252 13.47 12.51 13.75
N LEU A 253 12.22 12.44 14.23
CA LEU A 253 11.20 13.36 13.76
C LEU A 253 11.53 14.80 14.15
N TRP A 254 12.36 14.95 15.18
CA TRP A 254 12.83 16.27 15.57
C TRP A 254 13.89 16.78 14.60
N THR A 255 14.76 15.88 14.14
CA THR A 255 15.77 16.22 13.14
C THR A 255 15.17 16.26 11.75
N GLN A 256 14.33 15.25 11.45
CA GLN A 256 13.75 15.01 10.12
C GLN A 256 14.84 14.68 9.09
N ASP A 273 9.80 22.78 19.96
CA ASP A 273 9.00 22.79 21.18
C ASP A 273 8.85 21.38 21.77
N SER A 274 7.72 20.74 21.49
CA SER A 274 7.47 19.39 22.00
C SER A 274 6.71 18.52 20.99
N LEU A 275 6.75 17.21 21.22
CA LEU A 275 6.12 16.23 20.34
C LEU A 275 5.34 15.20 21.16
N TYR A 276 4.10 14.92 20.75
CA TYR A 276 3.25 14.01 21.52
C TYR A 276 3.07 12.65 20.86
N LEU A 277 3.30 11.60 21.65
CA LEU A 277 3.26 10.23 21.17
C LEU A 277 2.18 9.42 21.87
N SER A 278 1.99 8.19 21.42
CA SER A 278 1.06 7.27 22.08
C SER A 278 1.70 5.89 22.22
N THR A 279 1.57 5.30 23.40
CA THR A 279 2.06 3.95 23.62
C THR A 279 1.14 3.18 24.55
N GLU A 280 1.24 1.86 24.56
CA GLU A 280 0.39 1.04 25.41
C GLU A 280 1.01 0.81 26.79
N VAL A 281 0.16 0.49 27.76
CA VAL A 281 0.60 0.17 29.11
C VAL A 281 -0.20 -1.02 29.63
N ASP A 282 0.51 -2.03 30.14
CA ASP A 282 -0.14 -3.20 30.72
C ASP A 282 -0.46 -2.90 32.18
N LEU A 283 -1.74 -2.89 32.51
CA LEU A 283 -2.18 -2.54 33.86
C LEU A 283 -1.89 -3.63 34.88
N ARG A 284 -1.51 -4.82 34.40
CA ARG A 284 -1.13 -5.92 35.28
C ARG A 284 0.13 -5.59 36.06
N ASP A 285 1.13 -5.09 35.34
CA ASP A 285 2.41 -4.76 35.95
C ASP A 285 2.33 -3.46 36.74
N HIS A 286 1.64 -2.48 36.18
CA HIS A 286 1.56 -1.14 36.75
C HIS A 286 0.68 -1.07 38.00
N LEU A 287 -0.41 -1.83 38.01
CA LEU A 287 -1.37 -1.79 39.12
C LEU A 287 -1.38 -3.07 39.95
N GLN A 288 -0.43 -3.96 39.67
CA GLN A 288 -0.30 -5.22 40.39
C GLN A 288 -1.56 -6.07 40.37
N LEU A 289 -2.28 -6.06 39.25
CA LEU A 289 -3.35 -7.02 39.03
C LEU A 289 -2.70 -8.36 38.72
N GLY A 290 -3.36 -9.45 39.05
CA GLY A 290 -2.74 -10.76 38.93
C GLY A 290 -2.47 -11.21 37.51
N SER A 291 -2.12 -12.49 37.37
CA SER A 291 -1.97 -13.08 36.05
C SER A 291 -3.35 -13.29 35.41
N VAL A 292 -3.96 -12.20 35.00
CA VAL A 292 -5.32 -12.23 34.48
C VAL A 292 -5.36 -12.32 32.96
N VAL A 293 -6.11 -13.29 32.43
CA VAL A 293 -6.35 -13.36 31.01
C VAL A 293 -7.53 -12.45 30.67
N GLY A 294 -7.28 -11.41 29.88
CA GLY A 294 -8.31 -10.47 29.50
C GLY A 294 -7.78 -9.12 29.07
N PRO A 295 -8.70 -8.20 28.74
CA PRO A 295 -8.33 -6.84 28.31
C PRO A 295 -7.90 -5.96 29.49
N LEU A 296 -6.59 -5.81 29.67
CA LEU A 296 -6.05 -4.97 30.74
C LEU A 296 -4.93 -4.08 30.22
N THR A 297 -4.92 -3.83 28.91
CA THR A 297 -3.92 -2.97 28.30
C THR A 297 -4.60 -1.71 27.78
N ASP A 298 -4.01 -0.56 28.10
CA ASP A 298 -4.56 0.72 27.68
C ASP A 298 -3.49 1.61 27.09
N ARG A 299 -3.90 2.63 26.33
CA ARG A 299 -2.96 3.55 25.71
C ARG A 299 -2.83 4.85 26.52
N VAL A 300 -1.60 5.34 26.66
CA VAL A 300 -1.36 6.63 27.30
C VAL A 300 -0.75 7.62 26.31
N VAL A 301 -1.14 8.88 26.43
CA VAL A 301 -0.60 9.93 25.58
C VAL A 301 0.37 10.80 26.37
N PHE A 302 1.61 10.91 25.89
CA PHE A 302 2.63 11.68 26.58
C PHE A 302 3.43 12.54 25.61
N GLY A 303 4.04 13.60 26.12
CA GLY A 303 4.80 14.50 25.29
C GLY A 303 6.29 14.55 25.63
N VAL A 304 7.12 14.52 24.60
CA VAL A 304 8.56 14.68 24.76
C VAL A 304 8.94 16.13 24.49
N ASP A 305 9.51 16.79 25.49
CA ASP A 305 9.91 18.19 25.35
C ASP A 305 11.28 18.29 24.67
N LEU A 306 11.28 18.79 23.43
CA LEU A 306 12.50 18.83 22.62
C LEU A 306 13.10 20.23 22.55
N THR A 307 12.69 21.10 23.47
CA THR A 307 12.95 22.54 23.36
C THR A 307 14.41 22.97 23.18
N GLY A 308 15.27 22.64 24.14
CA GLY A 308 16.61 23.17 24.12
C GLY A 308 17.69 22.28 23.54
N LEU A 309 17.27 21.26 22.79
CA LEU A 309 18.20 20.25 22.28
C LEU A 309 19.22 20.78 21.28
N ARG A 310 20.50 20.53 21.57
CA ARG A 310 21.59 20.83 20.64
C ARG A 310 22.64 19.73 20.76
N GLU A 311 22.81 18.97 19.68
CA GLU A 311 23.66 17.78 19.69
C GLU A 311 23.29 16.85 20.85
N PRO A 312 22.01 16.42 20.90
CA PRO A 312 21.60 15.64 22.07
C PRO A 312 22.16 14.22 22.04
N SER A 313 22.29 13.62 23.23
CA SER A 313 22.70 12.23 23.33
C SER A 313 21.47 11.37 23.60
N PHE A 314 21.66 10.05 23.61
CA PHE A 314 20.56 9.15 23.93
C PHE A 314 20.05 9.42 25.34
N ARG A 315 20.96 9.72 26.25
CA ARG A 315 20.59 10.04 27.63
C ARG A 315 19.73 11.28 27.69
N ASP A 316 20.06 12.27 26.87
CA ASP A 316 19.30 13.52 26.82
C ASP A 316 17.84 13.27 26.45
N LEU A 317 17.63 12.49 25.38
CA LEU A 317 16.29 12.21 24.89
C LEU A 317 15.57 11.20 25.77
N SER A 319 15.93 11.00 28.99
CA SER A 319 15.52 11.78 30.16
C SER A 319 14.21 12.51 29.92
N ARG A 320 14.08 13.12 28.74
CA ARG A 320 12.92 13.91 28.41
C ARG A 320 11.72 13.04 28.03
N THR A 321 11.99 11.88 27.47
CA THR A 321 10.93 10.92 27.13
C THR A 321 10.33 10.31 28.39
N GLN A 322 11.20 9.94 29.31
CA GLN A 322 10.78 9.32 30.57
C GLN A 322 10.01 10.30 31.44
N ALA A 323 10.38 11.58 31.39
CA ALA A 323 9.73 12.62 32.17
C ALA A 323 8.31 12.86 31.68
N GLY A 324 8.11 12.78 30.37
CA GLY A 324 6.79 12.97 29.79
C GLY A 324 5.90 11.76 30.02
N PHE A 325 6.49 10.57 29.90
CA PHE A 325 5.73 9.33 30.05
C PHE A 325 5.25 9.13 31.48
N LEU A 326 6.16 9.23 32.44
CA LEU A 326 5.81 9.06 33.84
C LEU A 326 4.82 10.11 34.31
N ASP A 327 4.91 11.32 33.75
CA ASP A 327 3.98 12.38 34.07
C ASP A 327 2.56 12.00 33.65
N ALA A 328 2.45 11.38 32.48
CA ALA A 328 1.17 10.92 31.95
C ALA A 328 0.66 9.71 32.74
N VAL A 329 1.58 8.86 33.15
CA VAL A 329 1.22 7.67 33.92
C VAL A 329 0.72 8.04 35.33
N VAL A 330 1.43 8.96 35.97
CA VAL A 330 1.04 9.45 37.30
C VAL A 330 -0.37 10.04 37.26
N HIS A 331 -0.67 10.79 36.20
CA HIS A 331 -1.99 11.39 36.03
C HIS A 331 -2.83 10.60 35.03
N TYR A 332 -2.84 9.29 35.18
CA TYR A 332 -3.51 8.40 34.24
C TYR A 332 -5.00 8.68 34.09
N LEU A 333 -5.45 8.69 32.84
CA LEU A 333 -6.85 8.77 32.50
C LEU A 333 -7.04 7.89 31.26
N PRO A 334 -8.00 6.96 31.32
CA PRO A 334 -8.25 6.00 30.23
C PRO A 334 -8.30 6.67 28.85
N TYR A 335 -7.65 6.04 27.87
CA TYR A 335 -7.50 6.63 26.54
C TYR A 335 -8.83 7.03 25.92
N HIS A 336 -9.86 6.22 26.14
CA HIS A 336 -11.18 6.54 25.63
C HIS A 336 -11.78 7.76 26.32
N ASP A 337 -11.46 7.91 27.60
CA ASP A 337 -11.92 9.06 28.37
C ASP A 337 -11.18 10.33 27.94
N VAL A 338 -9.92 10.15 27.54
CA VAL A 338 -9.13 11.26 27.01
C VAL A 338 -9.68 11.70 25.65
N VAL A 339 -9.97 10.72 24.80
CA VAL A 339 -10.51 10.98 23.47
C VAL A 339 -11.84 11.71 23.54
N ASP A 340 -12.74 11.22 24.38
CA ASP A 340 -14.04 11.86 24.60
C ASP A 340 -13.84 13.31 25.06
N LEU A 341 -12.89 13.51 25.96
CA LEU A 341 -12.62 14.84 26.50
C LEU A 341 -12.08 15.79 25.44
N ALA A 342 -11.15 15.29 24.64
CA ALA A 342 -10.56 16.11 23.58
C ALA A 342 -11.59 16.49 22.53
N VAL A 343 -12.62 15.67 22.39
CA VAL A 343 -13.69 15.96 21.44
C VAL A 343 -14.59 17.08 21.95
N ASP A 344 -14.96 17.01 23.22
CA ASP A 344 -15.82 18.01 23.83
C ASP A 344 -15.16 19.39 23.86
N LEU A 345 -13.85 19.40 24.09
CA LEU A 345 -13.09 20.65 24.13
C LEU A 345 -12.77 21.15 22.73
N GLY A 346 -13.23 20.42 21.72
CA GLY A 346 -13.06 20.82 20.33
C GLY A 346 -11.63 20.74 19.84
N VAL A 347 -10.82 19.95 20.51
CA VAL A 347 -9.41 19.78 20.14
C VAL A 347 -9.29 18.89 18.91
N VAL A 348 -10.08 17.81 18.87
CA VAL A 348 -10.08 16.90 17.73
C VAL A 348 -11.49 16.60 17.26
N THR A 349 -11.61 16.19 16.00
CA THR A 349 -12.89 15.83 15.42
C THR A 349 -12.85 14.38 14.92
N PRO A 350 -13.86 13.57 15.32
CA PRO A 350 -13.93 12.18 14.88
C PRO A 350 -13.99 12.07 13.36
N PRO A 351 -13.36 11.03 12.79
CA PRO A 351 -12.63 10.00 13.52
C PRO A 351 -11.13 10.32 13.71
N ARG A 352 -10.72 11.54 13.37
CA ARG A 352 -9.33 11.95 13.53
C ARG A 352 -9.01 12.31 14.99
N VAL A 353 -9.18 11.36 15.89
CA VAL A 353 -9.04 11.61 17.33
C VAL A 353 -7.57 11.63 17.80
N ALA A 354 -6.68 11.12 16.95
CA ALA A 354 -5.27 11.03 17.32
C ALA A 354 -4.39 12.02 16.56
N ALA A 355 -5.03 13.01 15.94
CA ALA A 355 -4.33 13.99 15.12
C ALA A 355 -3.28 14.78 15.90
N ARG A 356 -3.53 14.95 17.20
CA ARG A 356 -2.64 15.74 18.04
C ARG A 356 -1.60 14.87 18.76
N TRP A 357 -1.70 13.57 18.58
CA TRP A 357 -0.68 12.63 19.03
C TRP A 357 -0.50 11.52 18.00
N ASP A 358 -0.15 11.92 16.77
CA ASP A 358 -0.17 11.03 15.62
C ASP A 358 1.06 10.14 15.45
N VAL A 359 1.77 9.90 16.55
CA VAL A 359 2.87 8.95 16.55
C VAL A 359 2.60 7.83 17.55
N ALA A 360 2.49 6.61 17.05
CA ALA A 360 2.19 5.48 17.93
C ALA A 360 3.36 4.51 18.01
N VAL A 361 3.77 4.20 19.23
CA VAL A 361 4.81 3.21 19.48
C VAL A 361 4.23 2.08 20.31
N HIS A 362 4.37 0.85 19.83
CA HIS A 362 3.74 -0.29 20.48
C HIS A 362 4.69 -1.11 21.34
N LEU A 363 4.15 -2.18 21.92
CA LEU A 363 4.87 -3.00 22.91
C LEU A 363 5.29 -2.15 24.10
N VAL A 384 9.63 -31.38 23.22
CA VAL A 384 9.16 -30.61 22.06
C VAL A 384 9.60 -29.15 22.14
N SER A 385 10.25 -28.67 21.10
CA SER A 385 10.69 -27.28 21.04
C SER A 385 9.51 -26.34 20.80
N ILE A 386 9.47 -25.24 21.53
CA ILE A 386 8.41 -24.24 21.37
C ILE A 386 8.98 -22.84 21.25
N GLU A 387 8.67 -22.16 20.14
CA GLU A 387 9.14 -20.81 19.90
C GLU A 387 8.02 -19.96 19.31
N LEU A 388 8.21 -18.65 19.33
CA LEU A 388 7.25 -17.74 18.73
C LEU A 388 7.24 -17.95 17.22
N PHE A 389 6.07 -17.81 16.60
CA PHE A 389 5.93 -18.07 15.18
C PHE A 389 5.71 -16.80 14.37
N ARG A 390 6.75 -16.38 13.65
CA ARG A 390 6.68 -15.26 12.71
C ARG A 390 5.95 -14.05 13.28
N GLU A 391 6.25 -13.70 14.53
CA GLU A 391 5.59 -12.59 15.20
C GLU A 391 5.69 -11.29 14.40
N ALA A 392 6.84 -11.08 13.76
CA ALA A 392 7.07 -9.89 12.95
C ALA A 392 6.12 -9.78 11.77
N ASP A 393 5.71 -10.92 11.23
CA ASP A 393 4.84 -10.95 10.06
C ASP A 393 3.36 -10.98 10.44
N LEU A 394 3.07 -11.42 11.67
CA LEU A 394 1.69 -11.48 12.13
C LEU A 394 1.23 -10.15 12.71
N ILE A 395 2.18 -9.32 13.11
CA ILE A 395 1.87 -7.97 13.56
C ILE A 395 1.43 -7.09 12.40
N GLY A 396 0.15 -6.71 12.40
CA GLY A 396 -0.40 -5.89 11.33
C GLY A 396 -0.24 -4.41 11.61
N ASP A 404 -9.37 0.70 0.31
CA ASP A 404 -9.60 -0.72 0.14
C ASP A 404 -10.81 -0.96 -0.77
N THR A 405 -11.87 -0.21 -0.53
CA THR A 405 -13.10 -0.31 -1.33
C THR A 405 -13.52 1.04 -1.88
N TRP A 406 -14.58 1.06 -2.68
CA TRP A 406 -15.14 2.32 -3.17
C TRP A 406 -16.15 2.88 -2.17
N ASP A 407 -16.04 4.17 -1.88
CA ASP A 407 -16.90 4.84 -0.92
C ASP A 407 -16.89 4.13 0.44
N GLY A 408 -15.72 3.61 0.80
CA GLY A 408 -15.57 2.92 2.07
C GLY A 408 -15.63 3.89 3.23
N THR A 409 -16.05 3.39 4.39
CA THR A 409 -16.15 4.23 5.58
C THR A 409 -14.78 4.52 6.17
N ASP A 410 -14.42 5.80 6.20
CA ASP A 410 -13.13 6.23 6.72
C ASP A 410 -13.13 6.25 8.24
N THR A 411 -12.32 5.38 8.85
CA THR A 411 -12.23 5.30 10.30
C THR A 411 -10.79 5.46 10.78
N TRP A 412 -9.95 6.07 9.95
CA TRP A 412 -8.54 6.30 10.29
C TRP A 412 -8.43 7.35 11.40
N ASP A 413 -7.69 7.04 12.45
CA ASP A 413 -7.63 7.92 13.63
C ASP A 413 -6.70 9.12 13.47
N GLY A 414 -5.89 9.12 12.42
CA GLY A 414 -5.01 10.24 12.15
C GLY A 414 -3.54 9.96 12.42
N THR A 415 -3.25 8.76 12.92
CA THR A 415 -1.87 8.38 13.19
C THR A 415 -1.09 8.28 11.88
N THR A 416 0.02 9.02 11.79
CA THR A 416 0.81 9.06 10.57
C THR A 416 2.07 8.22 10.66
N THR A 417 2.58 8.03 11.88
CA THR A 417 3.75 7.18 12.09
C THR A 417 3.42 6.09 13.11
N ASP A 418 3.35 4.85 12.62
CA ASP A 418 3.05 3.71 13.49
C ASP A 418 4.25 2.79 13.57
N LEU A 419 4.72 2.52 14.78
CA LEU A 419 5.93 1.74 14.96
C LEU A 419 5.72 0.56 15.90
N SER A 420 5.97 -0.65 15.41
CA SER A 420 5.77 -1.86 16.20
C SER A 420 6.99 -2.76 16.12
N VAL A 421 7.20 -3.59 17.15
CA VAL A 421 8.37 -4.48 17.18
C VAL A 421 7.95 -5.93 17.43
N GLY A 422 8.46 -6.84 16.60
CA GLY A 422 8.12 -8.25 16.70
C GLY A 422 9.31 -9.15 16.52
N GLU A 423 9.28 -10.31 17.18
CA GLU A 423 10.35 -11.28 17.09
C GLU A 423 10.43 -11.93 15.71
N LEU A 424 11.64 -12.37 15.36
CA LEU A 424 11.85 -13.16 14.15
C LEU A 424 13.17 -13.91 14.29
N GLY A 425 13.08 -15.18 14.67
CA GLY A 425 14.26 -15.93 15.04
C GLY A 425 14.82 -15.37 16.33
N GLU A 426 16.14 -15.20 16.40
CA GLU A 426 16.76 -14.59 17.56
C GLU A 426 16.95 -13.09 17.30
N ASP A 427 16.13 -12.53 16.42
CA ASP A 427 16.22 -11.11 16.09
C ASP A 427 14.90 -10.40 16.38
N VAL A 429 12.33 -7.40 14.79
CA VAL A 429 12.04 -6.67 13.57
C VAL A 429 11.14 -5.48 13.85
N ILE A 430 11.62 -4.29 13.50
CA ILE A 430 10.84 -3.07 13.65
C ILE A 430 9.97 -2.83 12.42
N VAL A 431 8.65 -2.91 12.60
CA VAL A 431 7.73 -2.70 11.50
C VAL A 431 7.16 -1.28 11.51
N LEU A 432 7.42 -0.53 10.46
CA LEU A 432 7.03 0.88 10.39
C LEU A 432 5.90 1.11 9.40
N ASP A 433 4.84 1.77 9.85
CA ASP A 433 3.73 2.12 8.99
C ASP A 433 3.61 3.65 8.90
N GLN A 434 3.88 4.21 7.73
CA GLN A 434 3.90 5.66 7.57
C GLN A 434 2.88 6.18 6.58
N ARG A 435 2.55 7.46 6.73
CA ARG A 435 1.74 8.19 5.76
C ARG A 435 2.39 9.55 5.55
N ARG A 436 3.13 9.70 4.46
CA ARG A 436 3.92 10.89 4.21
C ARG A 436 3.05 12.14 4.06
N SER A 444 11.51 4.85 5.74
CA SER A 444 12.73 4.31 5.16
C SER A 444 13.95 5.07 5.67
N ALA A 445 13.95 6.38 5.43
CA ALA A 445 15.00 7.26 5.94
C ALA A 445 14.92 7.32 7.47
N LEU A 446 13.74 7.00 7.99
CA LEU A 446 13.52 6.93 9.43
C LEU A 446 14.23 5.70 9.98
N LEU A 447 14.11 4.58 9.28
CA LEU A 447 14.69 3.33 9.75
C LEU A 447 16.23 3.31 9.67
N ASP A 448 16.79 4.03 8.71
CA ASP A 448 18.24 4.17 8.63
C ASP A 448 18.72 5.08 9.76
N GLY A 449 17.84 6.01 10.18
CA GLY A 449 18.14 6.90 11.28
C GLY A 449 18.12 6.19 12.62
N LEU A 450 17.08 5.39 12.85
CA LEU A 450 16.97 4.60 14.06
C LEU A 450 18.12 3.61 14.18
N ASP A 451 18.48 2.99 13.07
CA ASP A 451 19.54 1.98 13.04
C ASP A 451 20.87 2.54 13.53
N ALA A 452 21.23 3.71 13.02
CA ALA A 452 22.47 4.37 13.42
C ALA A 452 22.38 4.83 14.86
N ALA A 453 21.23 5.38 15.23
CA ALA A 453 21.04 5.93 16.56
C ALA A 453 21.10 4.83 17.62
N ALA A 455 22.76 1.91 17.42
CA ALA A 455 24.16 1.51 17.53
C ALA A 455 24.91 2.48 18.43
N GLN A 456 24.67 3.78 18.24
CA GLN A 456 25.29 4.81 19.04
C GLN A 456 24.84 4.72 20.50
N ALA A 457 23.56 4.47 20.72
CA ALA A 457 23.01 4.42 22.07
C ALA A 457 23.61 3.31 22.91
N VAL A 458 24.00 2.21 22.27
CA VAL A 458 24.62 1.10 22.97
C VAL A 458 26.13 1.34 23.13
N ALA A 459 26.74 1.92 22.10
CA ALA A 459 28.17 2.20 22.12
C ALA A 459 28.52 3.23 23.19
N ASP A 460 27.85 4.39 23.13
CA ASP A 460 28.08 5.47 24.08
C ASP A 460 26.83 6.34 24.20
N PRO A 461 26.01 6.08 25.24
CA PRO A 461 24.77 6.84 25.44
C PRO A 461 25.01 8.30 25.83
N SER A 462 26.25 8.67 26.08
CA SER A 462 26.58 10.05 26.42
C SER A 462 27.03 10.85 25.20
N ALA A 463 27.40 10.14 24.15
CA ALA A 463 27.85 10.78 22.91
C ALA A 463 26.69 11.33 22.09
N PRO A 464 26.91 12.45 21.40
CA PRO A 464 25.87 13.07 20.57
C PRO A 464 25.38 12.15 19.46
N LEU A 465 24.06 12.07 19.30
CA LEU A 465 23.47 11.30 18.21
C LEU A 465 23.76 12.02 16.89
N PRO A 466 23.76 11.27 15.76
CA PRO A 466 24.06 11.79 14.43
C PRO A 466 23.51 13.19 14.12
N HIS A 467 24.40 14.09 13.73
CA HIS A 467 24.02 15.47 13.41
C HIS A 467 23.23 15.54 12.11
N GLY B 12 -10.92 46.37 -24.18
CA GLY B 12 -11.79 45.30 -23.76
C GLY B 12 -11.20 44.51 -22.60
N LEU B 13 -10.91 45.22 -21.51
CA LEU B 13 -10.33 44.59 -20.33
C LEU B 13 -10.96 45.18 -19.07
N ARG B 14 -12.00 44.52 -18.57
CA ARG B 14 -12.79 45.02 -17.45
C ARG B 14 -12.54 44.20 -16.19
N ARG B 15 -12.61 44.86 -15.03
CA ARG B 15 -12.56 44.17 -13.75
C ARG B 15 -13.81 43.31 -13.59
N ALA B 16 -13.62 42.10 -13.09
CA ALA B 16 -14.73 41.15 -12.92
C ALA B 16 -15.77 41.64 -11.91
N SER B 17 -17.01 41.20 -12.07
CA SER B 17 -18.11 41.62 -11.20
C SER B 17 -17.97 41.01 -9.80
N PHE B 18 -18.83 41.44 -8.88
CA PHE B 18 -18.73 41.01 -7.50
C PHE B 18 -19.13 39.54 -7.32
N LEU B 19 -20.05 39.07 -8.16
CA LEU B 19 -20.44 37.67 -8.12
C LEU B 19 -19.38 36.78 -8.77
N GLN B 20 -18.74 37.30 -9.82
CA GLN B 20 -17.67 36.57 -10.47
C GLN B 20 -16.45 36.47 -9.55
N ARG B 21 -16.02 37.60 -9.01
CA ARG B 21 -14.87 37.65 -8.10
C ARG B 21 -15.06 36.77 -6.88
N GLY B 22 -16.32 36.58 -6.48
CA GLY B 22 -16.65 35.77 -5.33
C GLY B 22 -16.69 34.30 -5.64
N ALA B 23 -17.18 33.96 -6.83
CA ALA B 23 -17.25 32.56 -7.26
C ALA B 23 -15.87 32.03 -7.64
N TRP B 24 -15.00 32.93 -8.10
CA TRP B 24 -13.66 32.56 -8.52
C TRP B 24 -12.83 32.09 -7.33
N ARG B 25 -13.28 32.47 -6.13
CA ARG B 25 -12.59 32.13 -4.90
C ARG B 25 -12.53 30.61 -4.66
N TRP B 26 -13.50 29.89 -5.20
CA TRP B 26 -13.55 28.44 -5.04
C TRP B 26 -13.49 27.71 -6.37
N LEU B 27 -13.76 28.43 -7.46
CA LEU B 27 -13.81 27.83 -8.79
C LEU B 27 -12.45 27.81 -9.50
N ARG B 28 -11.51 28.63 -9.02
CA ARG B 28 -10.20 28.76 -9.65
C ARG B 28 -9.45 27.42 -9.72
N GLU B 29 -9.42 26.71 -8.61
CA GLU B 29 -8.74 25.42 -8.53
C GLU B 29 -9.74 24.26 -8.56
N ALA B 30 -10.70 24.34 -9.47
CA ALA B 30 -11.77 23.33 -9.53
C ALA B 30 -11.93 22.76 -10.94
N PRO B 31 -12.37 21.49 -11.02
CA PRO B 31 -12.60 20.83 -12.31
C PRO B 31 -13.71 21.51 -13.12
N PRO B 32 -13.67 21.38 -14.46
CA PRO B 32 -14.69 21.96 -15.34
C PRO B 32 -16.06 21.37 -15.09
N ALA B 33 -16.11 20.14 -14.60
CA ALA B 33 -17.36 19.45 -14.30
C ALA B 33 -18.18 20.20 -13.25
N ALA B 34 -17.48 20.95 -12.41
CA ALA B 34 -18.13 21.74 -11.36
C ALA B 34 -18.33 23.20 -11.78
N ALA B 35 -17.57 23.62 -12.79
CA ALA B 35 -17.62 25.00 -13.25
C ALA B 35 -18.60 25.20 -14.41
N PHE B 36 -18.87 24.13 -15.15
CA PHE B 36 -19.69 24.23 -16.36
C PHE B 36 -21.06 23.59 -16.20
N ALA B 37 -22.00 24.01 -17.04
CA ALA B 37 -23.34 23.43 -17.07
C ALA B 37 -23.82 23.30 -18.51
N ALA B 38 -24.75 22.39 -18.75
CA ALA B 38 -25.28 22.18 -20.10
C ALA B 38 -26.80 22.17 -20.12
N ARG B 39 -27.37 22.94 -21.06
CA ARG B 39 -28.81 22.94 -21.31
C ARG B 39 -29.03 22.88 -22.81
N GLY B 40 -30.29 22.69 -23.23
CA GLY B 40 -30.58 22.62 -24.64
C GLY B 40 -32.06 22.73 -25.00
N LEU B 41 -32.32 23.06 -26.26
CA LEU B 41 -33.68 23.11 -26.79
C LEU B 41 -33.81 22.18 -27.99
N LEU B 42 -34.85 21.35 -27.98
CA LEU B 42 -35.09 20.43 -29.09
C LEU B 42 -36.05 21.05 -30.11
N GLY B 43 -35.54 21.27 -31.32
CA GLY B 43 -36.35 21.78 -32.41
C GLY B 43 -36.82 20.66 -33.31
N SER B 44 -38.10 20.70 -33.67
CA SER B 44 -38.68 19.66 -34.51
C SER B 44 -39.44 20.26 -35.69
N GLY B 45 -39.11 19.80 -36.90
CA GLY B 45 -39.78 20.25 -38.11
C GLY B 45 -38.81 20.61 -39.22
N ARG B 46 -39.24 21.50 -40.10
CA ARG B 46 -38.39 21.96 -41.19
C ARG B 46 -37.38 22.98 -40.68
N ILE B 47 -36.13 22.54 -40.53
CA ILE B 47 -35.09 23.40 -39.96
C ILE B 47 -33.86 23.49 -40.85
N ASP B 48 -33.59 24.69 -41.36
CA ASP B 48 -32.39 24.94 -42.16
C ASP B 48 -31.18 24.99 -41.23
N ASP B 49 -30.29 24.02 -41.36
CA ASP B 49 -29.11 23.92 -40.51
C ASP B 49 -28.19 25.13 -40.66
N ASP B 50 -28.00 25.57 -41.91
CA ASP B 50 -27.13 26.70 -42.17
C ASP B 50 -27.71 28.00 -41.64
N ARG B 51 -29.04 28.10 -41.63
CA ARG B 51 -29.72 29.29 -41.14
C ARG B 51 -29.70 29.34 -39.62
N LEU B 52 -29.67 28.15 -39.01
CA LEU B 52 -29.61 28.05 -37.55
C LEU B 52 -28.20 28.36 -37.06
N ALA B 53 -27.20 27.85 -37.78
CA ALA B 53 -25.80 28.13 -37.47
C ALA B 53 -25.47 29.59 -37.71
N ALA B 54 -26.17 30.20 -38.64
CA ALA B 54 -26.01 31.62 -38.93
C ALA B 54 -26.57 32.44 -37.78
N ALA B 55 -27.66 31.94 -37.19
CA ALA B 55 -28.31 32.61 -36.06
C ALA B 55 -27.44 32.52 -34.81
N ALA B 56 -26.73 31.39 -34.67
CA ALA B 56 -25.87 31.16 -33.52
C ALA B 56 -24.70 32.13 -33.52
N ASP B 57 -24.11 32.32 -34.70
CA ASP B 57 -22.98 33.24 -34.84
C ASP B 57 -23.42 34.69 -34.63
N GLU B 58 -24.64 35.01 -35.03
CA GLU B 58 -25.19 36.35 -34.86
C GLU B 58 -25.34 36.68 -33.38
N VAL B 59 -25.74 35.69 -32.59
CA VAL B 59 -25.92 35.86 -31.16
C VAL B 59 -24.58 35.93 -30.43
N LEU B 60 -23.63 35.10 -30.87
CA LEU B 60 -22.29 35.10 -30.28
C LEU B 60 -21.60 36.45 -30.45
N ASP B 61 -21.90 37.11 -31.57
CA ASP B 61 -21.33 38.43 -31.85
C ASP B 61 -22.03 39.52 -31.07
N ALA B 62 -23.35 39.41 -30.94
CA ALA B 62 -24.16 40.44 -30.28
C ALA B 62 -23.95 40.45 -28.76
N PHE B 63 -23.49 39.33 -28.22
CA PHE B 63 -23.21 39.23 -26.79
C PHE B 63 -21.73 38.99 -26.53
N PRO B 64 -20.97 40.08 -26.36
CA PRO B 64 -19.51 40.03 -26.13
C PRO B 64 -19.16 39.24 -24.88
N LEU B 65 -20.11 39.13 -23.96
CA LEU B 65 -19.93 38.40 -22.72
C LEU B 65 -19.61 36.93 -22.98
N LEU B 66 -20.23 36.38 -24.02
CA LEU B 66 -20.04 34.97 -24.37
C LEU B 66 -18.63 34.70 -24.88
N ARG B 67 -17.92 35.77 -25.27
CA ARG B 67 -16.58 35.65 -25.81
C ARG B 67 -15.55 36.15 -24.80
N VAL B 68 -15.79 35.83 -23.52
CA VAL B 68 -14.96 36.36 -22.44
C VAL B 68 -14.11 35.29 -21.73
N ASN B 69 -12.86 35.63 -21.48
CA ASN B 69 -11.96 34.78 -20.72
C ASN B 69 -11.54 35.43 -19.40
N PHE B 70 -11.12 34.62 -18.45
CA PHE B 70 -10.73 35.15 -17.14
C PHE B 70 -9.23 35.06 -16.90
N VAL B 71 -8.64 36.20 -16.52
CA VAL B 71 -7.22 36.26 -16.26
C VAL B 71 -6.99 36.75 -14.83
N ASP B 72 -5.91 36.29 -14.20
CA ASP B 72 -5.62 36.65 -12.83
C ASP B 72 -4.34 37.49 -12.74
N ASP B 73 -4.47 38.69 -12.20
CA ASP B 73 -3.34 39.59 -12.01
C ASP B 73 -3.68 40.61 -10.95
N ASP B 74 -3.39 40.27 -9.69
CA ASP B 74 -3.82 41.05 -8.54
C ASP B 74 -5.32 41.32 -8.60
N GLY B 75 -6.08 40.25 -8.82
CA GLY B 75 -7.52 40.37 -9.00
C GLY B 75 -7.97 39.72 -10.30
N LEU B 76 -9.26 39.46 -10.41
CA LEU B 76 -9.81 38.80 -11.58
C LEU B 76 -10.21 39.78 -12.67
N TRP B 77 -9.76 39.53 -13.90
CA TRP B 77 -10.08 40.40 -15.03
C TRP B 77 -10.87 39.66 -16.10
N ARG B 79 -11.55 39.38 -20.06
CA ARG B 79 -10.91 39.68 -21.33
C ARG B 79 -11.78 39.18 -22.48
N THR B 80 -11.95 39.99 -23.51
CA THR B 80 -12.84 39.65 -24.61
C THR B 80 -12.10 39.19 -25.87
N ARG B 81 -12.48 38.03 -26.38
CA ARG B 81 -11.91 37.52 -27.63
C ARG B 81 -12.53 38.22 -28.83
N GLU B 82 -11.73 38.42 -29.88
CA GLU B 82 -12.21 39.05 -31.09
C GLU B 82 -12.92 38.01 -31.96
N ASN B 83 -12.54 36.75 -31.81
CA ASN B 83 -13.16 35.65 -32.54
C ASN B 83 -13.75 34.60 -31.61
N ALA B 84 -15.04 34.32 -31.78
CA ALA B 84 -15.76 33.40 -30.91
C ALA B 84 -15.20 31.97 -30.98
N ASP B 85 -15.29 31.37 -32.16
CA ASP B 85 -14.87 29.98 -32.35
C ASP B 85 -15.58 29.07 -31.35
N ALA B 86 -16.87 29.31 -31.16
CA ALA B 86 -17.63 28.63 -30.11
C ALA B 86 -18.69 27.68 -30.64
N LEU B 87 -18.97 27.75 -31.94
CA LEU B 87 -20.00 26.90 -32.52
C LEU B 87 -19.46 25.52 -32.89
N VAL B 88 -20.06 24.49 -32.32
CA VAL B 88 -19.68 23.11 -32.60
C VAL B 88 -20.84 22.35 -33.23
N ARG B 89 -20.61 21.84 -34.44
CA ARG B 89 -21.65 21.16 -35.20
C ARG B 89 -21.46 19.66 -35.19
N SER B 90 -22.55 18.92 -34.93
CA SER B 90 -22.50 17.47 -34.87
C SER B 90 -23.69 16.83 -35.60
N ASP B 91 -23.54 15.55 -35.95
CA ASP B 91 -24.58 14.81 -36.64
C ASP B 91 -24.67 13.39 -36.07
N LEU B 92 -25.80 13.09 -35.43
CA LEU B 92 -25.99 11.81 -34.77
C LEU B 92 -27.11 10.99 -35.42
N ARG B 93 -27.22 11.08 -36.74
CA ARG B 93 -28.32 10.43 -37.46
C ARG B 93 -28.17 8.91 -37.61
N GLY B 94 -26.95 8.40 -37.49
CA GLY B 94 -26.72 6.97 -37.59
C GLY B 94 -27.05 6.22 -36.31
N HIS B 95 -26.86 6.89 -35.18
CA HIS B 95 -27.01 6.28 -33.86
C HIS B 95 -28.41 5.74 -33.60
N PRO B 96 -28.51 4.60 -32.90
CA PRO B 96 -29.78 3.97 -32.52
C PRO B 96 -30.63 4.89 -31.64
N ASP B 97 -30.02 5.50 -30.62
CA ASP B 97 -30.70 6.46 -29.77
C ASP B 97 -30.00 7.82 -29.81
N PRO B 98 -30.34 8.64 -30.82
CA PRO B 98 -29.70 9.94 -31.02
C PRO B 98 -29.93 10.89 -29.85
N GLN B 99 -31.05 10.71 -29.15
CA GLN B 99 -31.37 11.54 -27.99
C GLN B 99 -30.39 11.27 -26.84
N ALA B 100 -30.19 9.99 -26.54
CA ALA B 100 -29.29 9.60 -25.45
C ALA B 100 -27.85 9.97 -25.77
N ARG B 101 -27.48 9.85 -27.04
CA ARG B 101 -26.12 10.17 -27.48
C ARG B 101 -25.85 11.66 -27.42
N CYS B 102 -26.89 12.45 -27.65
CA CYS B 102 -26.78 13.91 -27.59
C CYS B 102 -26.59 14.37 -26.15
N VAL B 103 -27.30 13.72 -25.24
CA VAL B 103 -27.16 13.99 -23.80
C VAL B 103 -25.72 13.69 -23.37
N GLU B 104 -25.19 12.58 -23.84
CA GLU B 104 -23.81 12.21 -23.53
C GLU B 104 -22.83 13.20 -24.15
N LEU B 105 -23.16 13.67 -25.35
CA LEU B 105 -22.33 14.65 -26.04
C LEU B 105 -22.23 15.94 -25.23
N LEU B 106 -23.37 16.42 -24.75
CA LEU B 106 -23.43 17.66 -23.97
C LEU B 106 -22.75 17.52 -22.61
N ARG B 107 -22.98 16.39 -21.94
CA ARG B 107 -22.33 16.12 -20.66
C ARG B 107 -20.82 16.09 -20.82
N ALA B 108 -20.36 15.39 -21.84
CA ALA B 108 -18.93 15.20 -22.08
C ALA B 108 -18.22 16.52 -22.41
N ASP B 109 -18.84 17.32 -23.27
CA ASP B 109 -18.26 18.62 -23.63
C ASP B 109 -18.29 19.57 -22.44
N ARG B 110 -19.18 19.29 -21.49
CA ARG B 110 -19.27 20.07 -20.26
C ARG B 110 -18.16 19.69 -19.29
N ASP B 111 -17.72 18.43 -19.36
CA ASP B 111 -16.74 17.91 -18.41
C ASP B 111 -15.30 17.94 -18.93
N ARG B 112 -15.13 18.04 -20.25
CA ARG B 112 -13.80 18.03 -20.86
C ARG B 112 -13.01 19.28 -20.45
N PRO B 113 -11.67 19.18 -20.43
CA PRO B 113 -10.80 20.27 -19.97
C PRO B 113 -10.97 21.56 -20.75
N THR B 114 -10.86 22.69 -20.05
CA THR B 114 -11.00 24.00 -20.66
C THR B 114 -10.10 25.02 -19.96
N ASP B 115 -9.21 25.64 -20.71
CA ASP B 115 -8.37 26.71 -20.17
C ASP B 115 -9.16 28.02 -20.14
N PRO B 116 -9.41 28.54 -18.93
CA PRO B 116 -10.24 29.74 -18.73
C PRO B 116 -9.65 30.97 -19.42
N GLU B 117 -8.34 30.98 -19.64
CA GLU B 117 -7.66 32.14 -20.22
C GLU B 117 -7.75 32.22 -21.74
N ARG B 118 -7.81 31.07 -22.39
CA ARG B 118 -7.69 31.03 -23.85
C ARG B 118 -8.89 30.41 -24.56
N ASP B 119 -9.45 29.36 -23.97
CA ASP B 119 -10.50 28.57 -24.63
C ASP B 119 -11.89 29.20 -24.52
N PRO B 120 -12.77 28.89 -25.49
CA PRO B 120 -14.18 29.32 -25.44
C PRO B 120 -14.88 28.82 -24.19
N LEU B 121 -15.43 29.73 -23.40
CA LEU B 121 -16.10 29.37 -22.15
C LEU B 121 -17.60 29.15 -22.34
N VAL B 122 -18.13 29.62 -23.47
CA VAL B 122 -19.52 29.38 -23.83
C VAL B 122 -19.58 28.76 -25.23
N ARG B 123 -19.90 27.48 -25.29
CA ARG B 123 -19.97 26.78 -26.57
C ARG B 123 -21.41 26.49 -26.95
N LEU B 124 -21.79 26.87 -28.17
CA LEU B 124 -23.11 26.54 -28.70
C LEU B 124 -23.02 25.26 -29.52
N HIS B 125 -23.93 24.33 -29.26
CA HIS B 125 -23.95 23.07 -29.99
C HIS B 125 -25.15 22.98 -30.92
N LEU B 126 -24.90 22.55 -32.15
CA LEU B 126 -25.95 22.33 -33.13
C LEU B 126 -25.93 20.86 -33.53
N VAL B 127 -26.82 20.07 -32.93
CA VAL B 127 -26.79 18.62 -33.11
C VAL B 127 -28.06 18.12 -33.79
N ARG B 128 -27.92 17.65 -35.03
CA ARG B 128 -29.05 17.06 -35.74
C ARG B 128 -29.22 15.61 -35.35
N LEU B 129 -30.42 15.26 -34.90
CA LEU B 129 -30.71 13.91 -34.43
C LEU B 129 -31.33 13.05 -35.52
N SER B 130 -32.39 13.57 -36.14
CA SER B 130 -33.09 12.88 -37.21
C SER B 130 -33.28 13.80 -38.40
N GLU B 131 -34.18 13.42 -39.30
CA GLU B 131 -34.47 14.23 -40.48
C GLU B 131 -35.32 15.44 -40.13
N THR B 132 -35.92 15.41 -38.94
CA THR B 132 -36.81 16.49 -38.52
C THR B 132 -36.34 17.18 -37.24
N ASP B 133 -35.70 16.43 -36.35
CA ASP B 133 -35.32 16.96 -35.04
C ASP B 133 -33.89 17.48 -34.97
N VAL B 134 -33.72 18.63 -34.34
CA VAL B 134 -32.42 19.26 -34.18
C VAL B 134 -32.26 19.85 -32.77
N VAL B 135 -31.15 19.53 -32.11
CA VAL B 135 -30.89 20.05 -30.78
C VAL B 135 -29.93 21.25 -30.80
N LEU B 136 -30.37 22.35 -30.20
CA LEU B 136 -29.49 23.49 -29.96
C LEU B 136 -29.14 23.53 -28.49
N GLY B 137 -27.91 23.17 -28.16
CA GLY B 137 -27.48 23.12 -26.78
C GLY B 137 -26.40 24.12 -26.45
N VAL B 138 -26.35 24.53 -25.18
CA VAL B 138 -25.31 25.44 -24.72
C VAL B 138 -24.52 24.83 -23.57
N VAL B 139 -23.20 25.01 -23.61
CA VAL B 139 -22.32 24.58 -22.54
C VAL B 139 -21.52 25.79 -22.09
N ALA B 140 -21.78 26.27 -20.89
CA ALA B 140 -21.23 27.55 -20.45
C ALA B 140 -20.66 27.55 -19.04
N HIS B 141 -19.62 28.35 -18.84
CA HIS B 141 -19.03 28.56 -17.52
C HIS B 141 -20.03 29.37 -16.71
N GLN B 142 -20.24 28.99 -15.45
CA GLN B 142 -21.29 29.60 -14.63
C GLN B 142 -20.99 31.05 -14.23
N LEU B 144 -20.14 33.16 -16.41
CA LEU B 144 -20.58 33.91 -17.58
C LEU B 144 -22.11 33.87 -17.70
N LEU B 145 -22.68 32.67 -17.58
CA LEU B 145 -24.12 32.49 -17.67
C LEU B 145 -24.66 31.75 -16.46
N ASP B 146 -25.63 32.35 -15.78
CA ASP B 146 -26.35 31.64 -14.73
C ASP B 146 -27.44 30.78 -15.34
N ALA B 147 -28.34 30.26 -14.52
CA ALA B 147 -29.40 29.37 -15.00
C ALA B 147 -30.32 30.06 -16.00
N ARG B 148 -30.77 31.26 -15.65
CA ARG B 148 -31.65 32.02 -16.52
C ARG B 148 -30.97 32.42 -17.82
N SER B 149 -29.70 32.81 -17.73
CA SER B 149 -28.95 33.30 -18.88
C SER B 149 -28.74 32.24 -19.96
N ARG B 150 -28.63 30.98 -19.56
CA ARG B 150 -28.44 29.90 -20.53
C ARG B 150 -29.62 29.78 -21.49
N TYR B 151 -30.83 29.93 -20.98
CA TYR B 151 -32.03 29.85 -21.80
C TYR B 151 -32.30 31.15 -22.55
N VAL B 153 -29.92 32.85 -23.92
CA VAL B 153 -29.04 32.71 -25.07
C VAL B 153 -29.64 31.76 -26.10
N LEU B 154 -30.13 30.61 -25.64
CA LEU B 154 -30.73 29.63 -26.53
C LEU B 154 -31.97 30.20 -27.21
N GLY B 155 -32.78 30.93 -26.46
CA GLY B 155 -33.97 31.55 -27.01
C GLY B 155 -33.63 32.64 -28.00
N ALA B 156 -32.55 33.36 -27.74
CA ALA B 156 -32.11 34.44 -28.61
C ALA B 156 -31.67 33.93 -29.97
N VAL B 157 -31.15 32.71 -30.00
CA VAL B 157 -30.71 32.09 -31.25
C VAL B 157 -31.91 31.78 -32.13
N TRP B 158 -32.98 31.27 -31.53
CA TRP B 158 -34.19 30.96 -32.28
C TRP B 158 -34.91 32.23 -32.73
N GLN B 159 -34.78 33.29 -31.94
CA GLN B 159 -35.33 34.58 -32.33
C GLN B 159 -34.56 35.12 -33.53
N ALA B 160 -33.28 34.76 -33.62
CA ALA B 160 -32.43 35.17 -34.73
C ALA B 160 -32.69 34.32 -35.97
N TYR B 161 -33.10 33.07 -35.75
CA TYR B 161 -33.40 32.17 -36.85
C TYR B 161 -34.59 32.68 -37.66
N TYR B 162 -35.54 33.31 -36.97
CA TYR B 162 -36.71 33.88 -37.63
C TYR B 162 -36.48 35.33 -38.07
N GLY B 163 -35.52 35.98 -37.42
CA GLY B 163 -35.23 37.38 -37.70
C GLY B 163 -35.87 38.31 -36.69
N ARG B 164 -36.42 37.73 -35.63
CA ARG B 164 -37.10 38.49 -34.59
C ARG B 164 -36.16 38.79 -33.44
N PHE B 165 -34.85 38.79 -33.72
CA PHE B 165 -33.85 39.08 -32.70
C PHE B 165 -33.52 40.56 -32.66
N ARG B 166 -33.90 41.21 -31.57
CA ARG B 166 -33.65 42.63 -31.37
C ARG B 166 -32.61 42.84 -30.28
N PRO B 167 -31.37 43.17 -30.67
CA PRO B 167 -30.25 43.37 -29.73
C PRO B 167 -30.52 44.47 -28.72
N ALA B 168 -31.42 45.39 -29.05
CA ALA B 168 -31.71 46.52 -28.17
C ALA B 168 -32.54 46.13 -26.95
N GLN B 169 -33.28 45.03 -27.06
CA GLN B 169 -34.14 44.60 -25.96
C GLN B 169 -33.36 43.80 -24.90
N TYR B 170 -32.04 43.76 -25.06
CA TYR B 170 -31.17 43.13 -24.08
C TYR B 170 -30.19 44.15 -23.50
N ARG B 171 -30.13 44.23 -22.18
CA ARG B 171 -29.19 45.11 -21.51
C ARG B 171 -27.84 44.41 -21.34
N ASP B 172 -26.80 45.00 -21.94
CA ASP B 172 -25.46 44.41 -21.91
C ASP B 172 -24.94 44.34 -20.47
N PHE B 173 -24.20 43.28 -20.17
CA PHE B 173 -23.71 43.04 -18.81
C PHE B 173 -22.67 44.07 -18.36
N ALA B 174 -22.07 44.75 -19.33
CA ALA B 174 -21.05 45.76 -19.05
C ALA B 174 -21.60 46.91 -18.22
N GLU B 175 -22.87 47.23 -18.43
CA GLU B 175 -23.51 48.33 -17.72
C GLU B 175 -23.73 48.03 -16.24
N VAL B 176 -23.67 46.74 -15.88
CA VAL B 176 -23.91 46.33 -14.51
C VAL B 176 -22.75 45.50 -13.96
N ALA B 177 -21.63 45.50 -14.68
CA ALA B 177 -20.45 44.74 -14.26
C ALA B 177 -19.86 45.30 -12.98
N ASP B 178 -20.01 46.61 -12.78
CA ASP B 178 -19.47 47.26 -11.59
C ASP B 178 -20.58 47.51 -10.57
N PHE B 179 -21.75 46.93 -10.83
CA PHE B 179 -22.88 47.10 -9.92
C PHE B 179 -22.77 46.22 -8.69
N HIS B 180 -22.87 46.84 -7.52
CA HIS B 180 -22.95 46.11 -6.27
C HIS B 180 -24.24 46.53 -5.57
N PRO B 181 -25.01 45.55 -5.08
CA PRO B 181 -26.26 45.84 -4.37
C PRO B 181 -26.01 46.60 -3.08
N LEU B 182 -24.76 46.63 -2.62
CA LEU B 182 -24.39 47.38 -1.43
C LEU B 182 -23.39 48.47 -1.79
N ASP B 183 -23.71 49.26 -2.81
CA ASP B 183 -22.85 50.35 -3.24
C ASP B 183 -22.79 51.45 -2.18
N ARG B 184 -23.81 51.48 -1.32
CA ARG B 184 -23.82 52.37 -0.18
C ARG B 184 -23.03 51.73 0.97
N GLU B 185 -21.93 52.36 1.34
CA GLU B 185 -21.04 51.83 2.36
C GLU B 185 -21.74 51.69 3.71
N THR B 186 -22.75 52.52 3.94
CA THR B 186 -23.50 52.47 5.19
C THR B 186 -24.33 51.20 5.27
N VAL B 187 -24.99 50.85 4.17
CA VAL B 187 -25.81 49.65 4.10
C VAL B 187 -24.93 48.41 4.28
N ARG B 188 -23.74 48.45 3.68
CA ARG B 188 -22.80 47.34 3.74
C ARG B 188 -22.46 46.98 5.19
N VAL B 189 -22.19 48.00 6.00
CA VAL B 189 -21.86 47.81 7.40
C VAL B 189 -23.04 47.24 8.19
N ALA B 190 -24.24 47.74 7.89
CA ALA B 190 -25.46 47.29 8.57
C ALA B 190 -25.75 45.82 8.31
N ARG B 191 -25.61 45.40 7.06
CA ARG B 191 -25.79 43.99 6.70
C ARG B 191 -24.68 43.17 7.34
N HIS B 192 -23.46 43.70 7.30
CA HIS B 192 -22.28 43.02 7.83
C HIS B 192 -22.46 42.75 9.33
N ARG B 193 -22.90 43.77 10.06
CA ARG B 193 -23.13 43.65 11.49
C ARG B 193 -24.29 42.70 11.79
N TRP B 194 -25.28 42.69 10.91
CA TRP B 194 -26.46 41.85 11.08
C TRP B 194 -26.09 40.37 11.02
N TRP B 195 -25.19 40.02 10.10
CA TRP B 195 -24.74 38.65 9.95
C TRP B 195 -23.71 38.25 11.02
N SER B 196 -22.98 39.23 11.55
CA SER B 196 -22.00 38.98 12.59
C SER B 196 -22.68 38.59 13.90
N ARG B 197 -23.94 38.97 14.04
CA ARG B 197 -24.71 38.65 15.23
C ARG B 197 -25.44 37.32 15.07
N ARG B 198 -25.75 36.95 13.83
CA ARG B 198 -26.51 35.75 13.54
C ARG B 198 -25.64 34.50 13.38
N LEU B 199 -24.52 34.66 12.68
CA LEU B 199 -23.64 33.52 12.37
C LEU B 199 -23.14 32.68 13.55
N PRO B 200 -22.77 33.31 14.69
CA PRO B 200 -22.37 32.47 15.82
C PRO B 200 -23.52 31.62 16.35
N ALA B 201 -24.75 32.08 16.18
CA ALA B 201 -25.92 31.39 16.74
C ALA B 201 -26.37 30.19 15.92
N LEU B 202 -25.73 29.98 14.78
CA LEU B 202 -26.09 28.87 13.89
C LEU B 202 -25.81 27.52 14.54
N PRO B 203 -26.82 26.64 14.53
CA PRO B 203 -26.74 25.30 15.14
C PRO B 203 -25.60 24.46 14.57
N VAL B 204 -25.03 23.59 15.40
CA VAL B 204 -23.89 22.77 15.01
C VAL B 204 -24.33 21.52 14.26
N ARG B 205 -23.68 21.26 13.12
CA ARG B 205 -23.92 20.05 12.33
C ARG B 205 -22.62 19.54 11.71
N GLY B 213 -16.97 11.34 1.48
CA GLY B 213 -17.71 10.42 0.64
C GLY B 213 -18.19 11.05 -0.66
N PRO B 214 -18.39 10.22 -1.70
CA PRO B 214 -18.87 10.67 -3.01
C PRO B 214 -20.39 10.85 -3.04
N PRO B 215 -20.88 11.71 -3.95
CA PRO B 215 -22.33 11.99 -4.04
C PRO B 215 -23.11 10.81 -4.60
N GLU B 216 -24.27 10.54 -4.00
CA GLU B 216 -25.16 9.49 -4.46
C GLU B 216 -26.49 10.09 -4.92
N THR B 217 -26.70 10.08 -6.24
CA THR B 217 -27.85 10.77 -6.83
C THR B 217 -29.12 9.93 -6.89
N SER B 218 -30.21 10.47 -6.35
CA SER B 218 -31.52 9.82 -6.41
C SER B 218 -32.48 10.72 -7.19
N ARG B 219 -33.39 10.11 -7.94
CA ARG B 219 -34.29 10.88 -8.81
C ARG B 219 -35.75 10.52 -8.59
N LEU B 220 -36.61 11.52 -8.65
CA LEU B 220 -38.04 11.35 -8.46
C LEU B 220 -38.79 12.04 -9.60
N ARG B 221 -39.66 11.32 -10.28
CA ARG B 221 -40.48 11.91 -11.34
C ARG B 221 -41.81 12.41 -10.78
N VAL B 222 -41.94 13.71 -10.64
CA VAL B 222 -43.17 14.33 -10.14
C VAL B 222 -44.10 14.66 -11.30
N PRO B 223 -45.36 14.18 -11.22
CA PRO B 223 -46.37 14.46 -12.25
C PRO B 223 -46.51 15.95 -12.48
N GLY B 224 -46.50 16.36 -13.76
CA GLY B 224 -46.51 17.75 -14.13
C GLY B 224 -47.61 18.58 -13.49
N SER B 225 -48.82 18.03 -13.47
CA SER B 225 -49.96 18.73 -12.89
C SER B 225 -49.76 18.99 -11.40
N ARG B 226 -49.06 18.07 -10.72
CA ARG B 226 -48.80 18.21 -9.31
C ARG B 226 -47.81 19.34 -9.05
N TRP B 227 -46.81 19.44 -9.92
CA TRP B 227 -45.78 20.48 -9.80
C TRP B 227 -46.32 21.85 -10.17
N GLN B 228 -47.16 21.90 -11.21
CA GLN B 228 -47.73 23.15 -11.67
C GLN B 228 -48.64 23.74 -10.60
N ALA B 229 -49.40 22.87 -9.94
CA ALA B 229 -50.27 23.29 -8.86
C ALA B 229 -49.45 23.84 -7.70
N LEU B 230 -48.30 23.22 -7.46
CA LEU B 230 -47.43 23.62 -6.37
C LEU B 230 -46.76 24.97 -6.62
N THR B 231 -46.47 25.24 -7.89
CA THR B 231 -45.78 26.49 -8.25
C THR B 231 -46.72 27.52 -8.86
N GLU B 232 -48.01 27.28 -8.75
CA GLU B 232 -49.04 28.20 -9.25
C GLU B 232 -48.84 29.59 -8.66
N PRO B 233 -48.59 30.59 -9.52
CA PRO B 233 -48.28 31.97 -9.15
C PRO B 233 -49.28 32.60 -8.17
N GLY B 234 -50.57 32.38 -8.41
CA GLY B 234 -51.61 32.92 -7.55
C GLY B 234 -52.24 31.87 -6.67
N GLY B 235 -51.62 30.69 -6.64
CA GLY B 235 -52.14 29.55 -5.91
C GLY B 235 -52.23 29.76 -4.41
N PRO B 236 -52.88 28.83 -3.71
CA PRO B 236 -53.09 28.92 -2.25
C PRO B 236 -51.88 28.41 -1.47
N LEU B 237 -50.84 28.01 -2.19
CA LEU B 237 -49.64 27.48 -1.56
C LEU B 237 -48.35 27.89 -2.27
N GLY B 238 -48.48 28.34 -3.51
CA GLY B 238 -47.34 28.51 -4.38
C GLY B 238 -46.75 29.90 -4.49
N GLY B 239 -46.26 30.22 -5.68
CA GLY B 239 -45.55 31.46 -5.93
C GLY B 239 -44.06 31.20 -6.05
N ASN B 240 -43.55 30.29 -5.23
CA ASN B 240 -42.13 29.99 -5.21
C ASN B 240 -41.85 28.50 -5.09
N GLY B 241 -41.30 27.91 -6.15
CA GLY B 241 -40.96 26.50 -6.16
C GLY B 241 -39.76 26.18 -5.29
N SER B 242 -38.84 27.14 -5.19
CA SER B 242 -37.63 26.96 -4.40
C SER B 242 -37.95 26.90 -2.91
N LEU B 243 -38.93 27.70 -2.49
CA LEU B 243 -39.33 27.74 -1.09
C LEU B 243 -40.21 26.54 -0.73
N ALA B 244 -40.92 26.02 -1.73
CA ALA B 244 -41.73 24.82 -1.54
C ALA B 244 -40.83 23.63 -1.24
N ALA B 246 -37.69 23.92 -0.15
CA ALA B 246 -37.02 24.25 1.10
C ALA B 246 -37.86 23.88 2.30
N ALA B 247 -39.15 24.18 2.24
CA ALA B 247 -40.08 23.92 3.33
C ALA B 247 -40.21 22.41 3.62
N LEU B 248 -40.47 21.64 2.58
CA LEU B 248 -40.69 20.21 2.72
C LEU B 248 -39.41 19.47 3.09
N THR B 249 -38.28 19.93 2.56
CA THR B 249 -37.00 19.32 2.87
C THR B 249 -36.60 19.62 4.32
N ALA B 250 -36.78 20.87 4.73
CA ALA B 250 -36.47 21.26 6.10
C ALA B 250 -37.36 20.52 7.09
N TRP B 251 -38.61 20.28 6.69
CA TRP B 251 -39.56 19.58 7.53
C TRP B 251 -39.19 18.13 7.73
N TRP B 252 -38.87 17.45 6.63
CA TRP B 252 -38.56 16.02 6.67
C TRP B 252 -37.25 15.75 7.41
N LEU B 253 -36.28 16.65 7.24
CA LEU B 253 -34.98 16.49 7.89
C LEU B 253 -35.07 16.74 9.39
N TRP B 254 -35.87 17.72 9.78
CA TRP B 254 -36.01 18.08 11.20
C TRP B 254 -36.70 16.98 12.00
N THR B 255 -37.64 16.28 11.38
CA THR B 255 -38.36 15.20 12.04
C THR B 255 -37.61 13.87 11.93
N GLN B 256 -36.53 13.87 11.16
CA GLN B 256 -35.64 12.72 11.03
C GLN B 256 -36.38 11.48 10.51
N ASP B 273 -34.84 24.86 18.07
CA ASP B 273 -33.81 24.96 17.03
C ASP B 273 -34.44 24.99 15.64
N SER B 274 -33.70 25.53 14.67
CA SER B 274 -34.16 25.59 13.29
C SER B 274 -33.29 24.73 12.40
N LEU B 275 -33.58 24.74 11.11
CA LEU B 275 -32.71 24.11 10.12
C LEU B 275 -32.29 25.13 9.06
N TYR B 276 -30.99 25.34 8.92
CA TYR B 276 -30.48 26.34 7.98
C TYR B 276 -30.08 25.72 6.64
N LEU B 277 -30.40 26.43 5.56
CA LEU B 277 -30.12 25.98 4.21
C LEU B 277 -29.89 27.15 3.27
N SER B 278 -29.71 26.85 1.98
CA SER B 278 -29.45 27.88 0.99
C SER B 278 -30.39 27.78 -0.21
N THR B 279 -30.91 28.91 -0.64
CA THR B 279 -31.77 29.00 -1.82
C THR B 279 -31.21 30.07 -2.74
N GLU B 280 -31.22 29.81 -4.05
CA GLU B 280 -30.72 30.78 -5.01
C GLU B 280 -31.77 31.86 -5.28
N VAL B 281 -31.30 33.06 -5.62
CA VAL B 281 -32.19 34.18 -5.91
C VAL B 281 -31.71 34.98 -7.13
N ASP B 282 -32.65 35.35 -7.99
CA ASP B 282 -32.32 36.13 -9.18
C ASP B 282 -32.35 37.60 -8.81
N LEU B 283 -31.24 38.29 -9.01
CA LEU B 283 -31.12 39.69 -8.62
C LEU B 283 -31.82 40.62 -9.60
N ARG B 284 -32.12 40.12 -10.79
CA ARG B 284 -32.76 40.91 -11.84
C ARG B 284 -34.10 41.48 -11.40
N ASP B 285 -34.98 40.62 -10.91
CA ASP B 285 -36.31 41.06 -10.48
C ASP B 285 -36.26 41.77 -9.13
N HIS B 286 -35.40 41.30 -8.25
CA HIS B 286 -35.27 41.88 -6.91
C HIS B 286 -34.71 43.30 -6.94
N LEU B 287 -33.70 43.53 -7.75
CA LEU B 287 -33.02 44.82 -7.79
C LEU B 287 -33.32 45.61 -9.07
N GLN B 288 -34.36 45.19 -9.77
CA GLN B 288 -34.85 45.91 -10.96
C GLN B 288 -33.80 46.12 -12.07
N LEU B 289 -32.81 45.24 -12.16
CA LEU B 289 -31.97 45.20 -13.33
C LEU B 289 -32.82 44.60 -14.45
N GLY B 290 -32.63 45.07 -15.69
CA GLY B 290 -33.43 44.61 -16.80
C GLY B 290 -33.14 43.18 -17.20
N SER B 291 -33.52 42.83 -18.43
CA SER B 291 -33.25 41.51 -18.98
C SER B 291 -31.78 41.41 -19.37
N VAL B 292 -30.93 41.09 -18.39
CA VAL B 292 -29.49 41.07 -18.63
C VAL B 292 -28.96 39.65 -18.74
N VAL B 293 -28.25 39.37 -19.82
CA VAL B 293 -27.55 38.11 -19.97
C VAL B 293 -26.24 38.16 -19.20
N GLY B 294 -26.10 37.30 -18.20
CA GLY B 294 -24.91 37.29 -17.37
C GLY B 294 -25.10 36.68 -16.00
N PRO B 295 -24.03 36.68 -15.18
CA PRO B 295 -24.04 36.10 -13.83
C PRO B 295 -24.65 37.04 -12.80
N LEU B 296 -25.96 36.96 -12.62
CA LEU B 296 -26.67 37.81 -11.68
C LEU B 296 -27.52 37.00 -10.71
N THR B 297 -27.11 35.76 -10.46
CA THR B 297 -27.81 34.88 -9.52
C THR B 297 -26.91 34.52 -8.35
N ASP B 298 -27.44 34.61 -7.14
CA ASP B 298 -26.65 34.37 -5.94
C ASP B 298 -27.38 33.49 -4.93
N ARG B 299 -26.65 32.99 -3.94
CA ARG B 299 -27.22 32.16 -2.89
C ARG B 299 -27.54 32.99 -1.64
N VAL B 300 -28.70 32.73 -1.04
CA VAL B 300 -29.02 33.32 0.25
C VAL B 300 -29.15 32.23 1.31
N VAL B 301 -28.68 32.51 2.52
CA VAL B 301 -28.75 31.54 3.60
C VAL B 301 -29.78 31.93 4.65
N PHE B 302 -30.76 31.06 4.88
CA PHE B 302 -31.80 31.33 5.86
C PHE B 302 -32.20 30.06 6.60
N GLY B 303 -32.82 30.24 7.76
CA GLY B 303 -33.25 29.11 8.57
C GLY B 303 -34.76 28.95 8.61
N VAL B 304 -35.21 27.70 8.63
CA VAL B 304 -36.63 27.41 8.79
C VAL B 304 -36.90 27.01 10.23
N ASP B 305 -37.68 27.82 10.93
CA ASP B 305 -37.98 27.57 12.33
C ASP B 305 -39.27 26.75 12.47
N LEU B 306 -39.20 25.66 13.22
CA LEU B 306 -40.35 24.78 13.40
C LEU B 306 -40.59 24.48 14.87
N THR B 307 -40.10 25.35 15.75
CA THR B 307 -40.16 25.11 17.19
C THR B 307 -41.57 25.01 17.75
N GLY B 308 -42.47 25.86 17.26
CA GLY B 308 -43.82 25.91 17.79
C GLY B 308 -44.82 24.97 17.14
N LEU B 309 -44.38 24.28 16.09
CA LEU B 309 -45.29 23.46 15.29
C LEU B 309 -45.31 21.99 15.70
N ARG B 310 -46.47 21.38 15.57
CA ARG B 310 -46.62 19.93 15.72
C ARG B 310 -47.83 19.47 14.91
N GLU B 311 -47.65 18.41 14.14
CA GLU B 311 -48.59 18.01 13.08
C GLU B 311 -48.85 19.18 12.13
N PRO B 312 -47.80 19.65 11.44
CA PRO B 312 -47.93 20.86 10.62
C PRO B 312 -48.46 20.56 9.23
N SER B 313 -49.10 21.55 8.62
CA SER B 313 -49.57 21.44 7.24
C SER B 313 -48.53 22.06 6.31
N PHE B 314 -48.82 22.08 5.02
CA PHE B 314 -47.91 22.71 4.06
C PHE B 314 -47.83 24.21 4.29
N ARG B 315 -49.00 24.84 4.45
CA ARG B 315 -49.08 26.28 4.66
C ARG B 315 -48.35 26.71 5.94
N ASP B 316 -48.39 25.86 6.95
CA ASP B 316 -47.66 26.09 8.19
C ASP B 316 -46.16 26.17 7.91
N LEU B 317 -45.68 25.25 7.07
CA LEU B 317 -44.27 25.19 6.75
C LEU B 317 -43.84 26.34 5.83
N SER B 319 -45.11 29.32 5.56
CA SER B 319 -45.08 30.58 6.29
C SER B 319 -43.78 30.76 7.07
N ARG B 320 -43.32 29.68 7.68
CA ARG B 320 -42.06 29.71 8.42
C ARG B 320 -40.87 29.83 7.47
N THR B 321 -41.01 29.26 6.28
CA THR B 321 -39.94 29.30 5.29
C THR B 321 -39.81 30.69 4.68
N GLN B 322 -40.94 31.31 4.37
CA GLN B 322 -40.95 32.66 3.83
C GLN B 322 -40.42 33.67 4.86
N ALA B 323 -40.65 33.38 6.13
CA ALA B 323 -40.15 34.22 7.20
C ALA B 323 -38.61 34.25 7.20
N GLY B 324 -38.01 33.08 7.04
CA GLY B 324 -36.57 32.98 6.97
C GLY B 324 -36.02 33.60 5.70
N PHE B 325 -36.63 33.27 4.57
CA PHE B 325 -36.17 33.76 3.28
C PHE B 325 -36.25 35.27 3.18
N LEU B 326 -37.41 35.83 3.51
CA LEU B 326 -37.61 37.28 3.41
C LEU B 326 -36.72 38.06 4.36
N ASP B 327 -36.41 37.45 5.51
CA ASP B 327 -35.53 38.09 6.48
C ASP B 327 -34.11 38.17 5.92
N ALA B 328 -33.72 37.13 5.19
CA ALA B 328 -32.38 37.06 4.60
C ALA B 328 -32.25 37.99 3.40
N VAL B 329 -33.33 38.12 2.63
CA VAL B 329 -33.33 38.99 1.46
C VAL B 329 -33.33 40.46 1.87
N VAL B 330 -34.08 40.79 2.91
CA VAL B 330 -34.11 42.13 3.46
C VAL B 330 -32.72 42.53 3.96
N HIS B 331 -32.06 41.62 4.66
CA HIS B 331 -30.70 41.84 5.12
C HIS B 331 -29.69 41.15 4.21
N TYR B 332 -29.83 41.37 2.91
CA TYR B 332 -29.02 40.66 1.93
C TYR B 332 -27.53 40.96 2.02
N LEU B 333 -26.74 39.90 1.98
CA LEU B 333 -25.29 39.97 1.93
C LEU B 333 -24.85 38.88 0.97
N PRO B 334 -24.00 39.24 -0.01
CA PRO B 334 -23.51 38.28 -1.02
C PRO B 334 -22.96 37.02 -0.37
N TYR B 335 -23.29 35.86 -0.93
CA TYR B 335 -22.98 34.57 -0.30
C TYR B 335 -21.50 34.38 0.02
N HIS B 336 -20.63 34.89 -0.85
CA HIS B 336 -19.20 34.79 -0.61
C HIS B 336 -18.76 35.68 0.55
N ASP B 337 -19.50 36.77 0.77
CA ASP B 337 -19.23 37.66 1.90
C ASP B 337 -19.70 37.04 3.20
N VAL B 338 -20.79 36.29 3.13
CA VAL B 338 -21.28 35.54 4.28
C VAL B 338 -20.28 34.43 4.64
N VAL B 339 -19.69 33.83 3.61
CA VAL B 339 -18.67 32.80 3.80
C VAL B 339 -17.43 33.37 4.48
N ASP B 340 -16.97 34.52 3.99
CA ASP B 340 -15.80 35.19 4.56
C ASP B 340 -16.03 35.55 6.02
N LEU B 341 -17.25 35.96 6.34
CA LEU B 341 -17.60 36.38 7.70
C LEU B 341 -17.64 35.19 8.65
N ALA B 342 -18.16 34.07 8.15
CA ALA B 342 -18.23 32.84 8.95
C ALA B 342 -16.83 32.30 9.26
N VAL B 343 -15.92 32.45 8.30
CA VAL B 343 -14.54 32.01 8.48
C VAL B 343 -13.81 32.82 9.55
N ASP B 344 -13.91 34.15 9.44
CA ASP B 344 -13.24 35.06 10.36
C ASP B 344 -13.78 34.96 11.78
N LEU B 345 -15.07 34.65 11.90
CA LEU B 345 -15.68 34.46 13.21
C LEU B 345 -15.37 33.09 13.79
N GLY B 346 -14.89 32.18 12.94
CA GLY B 346 -14.48 30.86 13.38
C GLY B 346 -15.62 29.86 13.41
N VAL B 347 -16.78 30.27 12.93
CA VAL B 347 -17.96 29.41 12.92
C VAL B 347 -17.70 28.19 12.04
N VAL B 348 -17.02 28.41 10.93
CA VAL B 348 -16.59 27.32 10.04
C VAL B 348 -15.14 27.50 9.65
N THR B 349 -14.50 26.40 9.24
CA THR B 349 -13.14 26.46 8.73
C THR B 349 -13.08 25.80 7.36
N PRO B 350 -12.30 26.40 6.42
CA PRO B 350 -12.16 25.87 5.06
C PRO B 350 -11.67 24.44 5.02
N PRO B 351 -12.10 23.66 4.02
CA PRO B 351 -13.02 24.13 2.98
C PRO B 351 -14.48 23.77 3.29
N ARG B 352 -14.77 23.41 4.54
CA ARG B 352 -16.12 23.06 4.96
C ARG B 352 -16.90 24.31 5.32
N VAL B 353 -16.95 25.27 4.39
CA VAL B 353 -17.56 26.57 4.66
C VAL B 353 -19.08 26.50 4.80
N ALA B 354 -19.69 25.49 4.17
CA ALA B 354 -21.14 25.37 4.19
C ALA B 354 -21.62 24.28 5.15
N ALA B 355 -20.89 24.09 6.24
CA ALA B 355 -21.21 23.06 7.23
C ALA B 355 -22.39 23.45 8.11
N ARG B 356 -22.52 24.74 8.40
CA ARG B 356 -23.57 25.24 9.28
C ARG B 356 -24.88 25.43 8.53
N TRP B 357 -24.85 25.26 7.21
CA TRP B 357 -26.06 25.27 6.39
C TRP B 357 -25.96 24.24 5.27
N ASP B 358 -25.77 22.97 5.66
CA ASP B 358 -25.38 21.91 4.75
C ASP B 358 -26.46 21.40 3.80
N VAL B 359 -27.52 22.17 3.59
CA VAL B 359 -28.56 21.82 2.62
C VAL B 359 -28.67 22.91 1.55
N ALA B 360 -28.58 22.52 0.29
CA ALA B 360 -28.61 23.48 -0.80
C ALA B 360 -29.74 23.21 -1.79
N VAL B 361 -30.51 24.26 -2.10
CA VAL B 361 -31.56 24.20 -3.10
C VAL B 361 -31.21 25.08 -4.29
N HIS B 362 -30.99 24.44 -5.44
CA HIS B 362 -30.54 25.16 -6.63
C HIS B 362 -31.69 25.65 -7.50
N LEU B 363 -32.61 26.39 -6.91
CA LEU B 363 -33.76 26.93 -7.61
C LEU B 363 -33.96 28.41 -7.32
N CYS B 364 -34.68 29.09 -8.21
CA CYS B 364 -35.13 30.45 -7.95
C CYS B 364 -36.64 30.47 -7.78
N ARG B 365 -37.25 31.65 -7.82
CA ARG B 365 -38.69 31.78 -7.70
C ARG B 365 -39.39 31.05 -8.85
N ASN B 366 -38.96 31.36 -10.07
CA ASN B 366 -39.49 30.68 -11.25
C ASN B 366 -38.39 30.01 -12.08
N ALA B 367 -38.79 29.10 -12.97
CA ALA B 367 -37.86 28.31 -13.77
C ALA B 367 -36.94 29.19 -14.62
N PRO B 368 -35.73 28.69 -14.94
CA PRO B 368 -34.79 29.42 -15.79
C PRO B 368 -35.33 29.59 -17.21
N SER B 369 -36.23 28.71 -17.62
CA SER B 369 -36.82 28.78 -18.95
C SER B 369 -38.12 29.59 -18.97
N SER B 370 -38.33 30.40 -17.94
CA SER B 370 -39.54 31.19 -17.82
C SER B 370 -39.53 32.38 -18.77
N SER B 371 -38.35 32.74 -19.26
CA SER B 371 -38.21 33.83 -20.23
C SER B 371 -38.78 33.40 -21.57
N LEU B 372 -39.00 32.08 -21.72
CA LEU B 372 -39.44 31.49 -22.97
C LEU B 372 -40.86 30.94 -22.84
N THR B 373 -41.48 31.18 -21.69
CA THR B 373 -42.83 30.69 -21.44
C THR B 373 -43.88 31.68 -21.94
N SER B 385 -41.58 23.47 -33.97
CA SER B 385 -41.87 23.35 -32.55
C SER B 385 -40.59 23.30 -31.72
N ILE B 386 -40.57 24.06 -30.62
CA ILE B 386 -39.39 24.12 -29.76
C ILE B 386 -39.75 23.66 -28.35
N GLU B 387 -38.96 22.74 -27.80
CA GLU B 387 -39.21 22.19 -26.48
C GLU B 387 -37.91 22.10 -25.71
N LEU B 388 -38.00 22.03 -24.38
CA LEU B 388 -36.82 21.81 -23.55
C LEU B 388 -36.26 20.42 -23.80
N PHE B 389 -34.95 20.33 -24.04
CA PHE B 389 -34.34 19.05 -24.38
C PHE B 389 -33.77 18.32 -23.16
N ARG B 390 -34.55 17.37 -22.65
CA ARG B 390 -34.12 16.47 -21.57
C ARG B 390 -33.37 17.17 -20.44
N GLU B 391 -33.95 18.26 -19.94
CA GLU B 391 -33.33 19.10 -18.94
C GLU B 391 -32.88 18.32 -17.70
N ALA B 392 -33.71 17.36 -17.28
CA ALA B 392 -33.42 16.57 -16.09
C ALA B 392 -32.21 15.66 -16.25
N ASP B 393 -31.90 15.31 -17.49
CA ASP B 393 -30.78 14.41 -17.76
C ASP B 393 -29.47 15.15 -17.97
N LEU B 394 -29.51 16.47 -17.85
CA LEU B 394 -28.31 17.29 -17.97
C LEU B 394 -27.90 17.86 -16.62
N ILE B 395 -28.60 17.42 -15.57
CA ILE B 395 -28.29 17.86 -14.21
C ILE B 395 -28.09 16.65 -13.29
N GLY B 396 -27.36 16.86 -12.20
CA GLY B 396 -27.16 15.81 -11.21
C GLY B 396 -25.74 15.30 -11.13
N GLY B 397 -25.36 14.79 -9.97
CA GLY B 397 -24.01 14.29 -9.75
C GLY B 397 -23.73 12.98 -10.46
N ASP B 398 -24.79 12.29 -10.89
CA ASP B 398 -24.63 11.01 -11.58
C ASP B 398 -24.46 11.20 -13.08
N THR B 399 -24.31 12.45 -13.51
CA THR B 399 -24.00 12.74 -14.90
C THR B 399 -22.52 13.08 -15.00
N ARG B 400 -21.84 13.05 -13.86
CA ARG B 400 -20.42 13.40 -13.79
C ARG B 400 -19.58 12.24 -13.28
N SER B 401 -18.27 12.33 -13.51
CA SER B 401 -17.34 11.36 -12.94
C SER B 401 -17.10 11.70 -11.48
N ALA B 402 -16.73 10.68 -10.71
CA ALA B 402 -16.35 10.88 -9.32
C ALA B 402 -15.06 10.12 -9.07
N THR B 403 -14.18 10.70 -8.27
CA THR B 403 -12.88 10.09 -8.02
C THR B 403 -12.67 9.76 -6.55
N ASP B 404 -11.85 8.74 -6.30
CA ASP B 404 -11.51 8.32 -4.94
C ASP B 404 -10.00 8.15 -4.85
N THR B 405 -9.30 9.25 -4.64
CA THR B 405 -7.85 9.24 -4.67
C THR B 405 -7.23 9.75 -3.37
N TRP B 406 -5.91 9.63 -3.29
CA TRP B 406 -5.14 10.14 -2.15
C TRP B 406 -4.65 11.55 -2.45
N ASP B 407 -4.14 11.74 -3.67
CA ASP B 407 -3.58 13.02 -4.08
C ASP B 407 -4.64 14.10 -4.28
N GLY B 408 -5.88 13.66 -4.53
CA GLY B 408 -6.98 14.58 -4.79
C GLY B 408 -7.18 15.59 -3.68
N THR B 409 -7.07 16.87 -4.03
CA THR B 409 -7.17 17.95 -3.06
C THR B 409 -8.56 18.05 -2.44
N ASP B 410 -8.59 18.22 -1.12
CA ASP B 410 -9.85 18.33 -0.37
C ASP B 410 -10.53 19.64 -0.74
N THR B 411 -11.65 19.54 -1.46
CA THR B 411 -12.29 20.70 -2.06
C THR B 411 -13.76 20.89 -1.70
N TRP B 412 -14.39 19.82 -1.20
CA TRP B 412 -15.82 19.82 -0.88
C TRP B 412 -16.22 20.88 0.14
N ASP B 413 -17.35 21.54 -0.09
CA ASP B 413 -17.76 22.67 0.73
C ASP B 413 -18.53 22.30 2.00
N GLY B 414 -19.00 21.06 2.08
CA GLY B 414 -19.68 20.59 3.28
C GLY B 414 -21.15 20.27 3.09
N THR B 415 -21.72 20.73 1.97
CA THR B 415 -23.13 20.48 1.67
C THR B 415 -23.41 18.98 1.55
N THR B 416 -24.26 18.48 2.44
CA THR B 416 -24.57 17.05 2.47
C THR B 416 -25.75 16.69 1.58
N THR B 417 -26.58 17.67 1.24
CA THR B 417 -27.74 17.45 0.38
C THR B 417 -27.97 18.57 -0.63
N ASP B 418 -27.95 18.23 -1.91
CA ASP B 418 -28.29 19.19 -2.96
C ASP B 418 -29.64 18.82 -3.58
N LEU B 419 -30.44 19.81 -3.91
CA LEU B 419 -31.74 19.57 -4.53
C LEU B 419 -31.91 20.40 -5.79
N SER B 420 -32.15 19.72 -6.91
CA SER B 420 -32.36 20.39 -8.19
C SER B 420 -33.61 19.83 -8.86
N VAL B 421 -34.22 20.62 -9.74
CA VAL B 421 -35.35 20.12 -10.52
C VAL B 421 -35.13 20.32 -12.01
N GLY B 422 -35.59 19.36 -12.78
CA GLY B 422 -35.46 19.40 -14.23
C GLY B 422 -36.68 18.87 -14.93
N GLU B 423 -37.03 19.51 -16.04
CA GLU B 423 -38.17 19.08 -16.84
C GLU B 423 -37.81 17.81 -17.62
N LEU B 424 -38.78 16.93 -17.77
CA LEU B 424 -38.59 15.71 -18.55
C LEU B 424 -39.92 15.23 -19.11
N GLY B 425 -40.22 15.65 -20.34
CA GLY B 425 -41.50 15.37 -20.96
C GLY B 425 -42.58 16.27 -20.40
N GLU B 426 -43.67 15.66 -19.95
CA GLU B 426 -44.78 16.41 -19.38
C GLU B 426 -44.61 16.61 -17.88
N ASP B 427 -43.55 16.02 -17.33
CA ASP B 427 -43.37 15.97 -15.89
C ASP B 427 -42.14 16.74 -15.43
N VAL B 429 -38.79 16.60 -12.67
CA VAL B 429 -37.97 15.60 -11.99
C VAL B 429 -37.11 16.22 -10.89
N ILE B 430 -37.25 15.70 -9.68
CA ILE B 430 -36.42 16.15 -8.56
C ILE B 430 -35.12 15.37 -8.52
N VAL B 431 -34.00 16.07 -8.69
CA VAL B 431 -32.69 15.43 -8.67
C VAL B 431 -31.95 15.76 -7.37
N LEU B 432 -31.64 14.73 -6.59
CA LEU B 432 -31.06 14.91 -5.26
C LEU B 432 -29.89 13.97 -5.02
N ASP B 433 -28.75 14.54 -4.61
CA ASP B 433 -27.58 13.74 -4.25
C ASP B 433 -27.07 14.05 -2.84
N GLN B 434 -26.70 13.00 -2.12
CA GLN B 434 -26.33 13.14 -0.71
C GLN B 434 -24.96 12.57 -0.37
N ARG B 435 -24.65 12.56 0.92
CA ARG B 435 -23.38 12.04 1.42
C ARG B 435 -23.63 10.99 2.51
N ARG B 436 -22.73 10.01 2.58
CA ARG B 436 -22.85 8.92 3.56
C ARG B 436 -22.71 9.43 4.99
N SER B 444 -33.62 6.28 -1.54
CA SER B 444 -33.58 7.52 -0.78
C SER B 444 -34.79 7.65 0.14
N ALA B 445 -34.53 7.84 1.43
CA ALA B 445 -35.61 8.01 2.40
C ALA B 445 -36.25 9.39 2.26
N LEU B 446 -35.44 10.38 1.87
CA LEU B 446 -35.91 11.75 1.72
C LEU B 446 -36.93 11.87 0.59
N LEU B 447 -36.58 11.33 -0.58
CA LEU B 447 -37.45 11.42 -1.75
C LEU B 447 -38.79 10.71 -1.56
N ASP B 448 -38.79 9.65 -0.75
CA ASP B 448 -40.05 9.00 -0.39
C ASP B 448 -40.94 9.96 0.38
N GLY B 449 -40.33 10.78 1.22
CA GLY B 449 -41.05 11.74 2.03
C GLY B 449 -41.60 12.90 1.23
N LEU B 450 -40.81 13.39 0.27
CA LEU B 450 -41.23 14.53 -0.55
C LEU B 450 -42.36 14.18 -1.48
N ASP B 451 -42.41 12.92 -1.92
CA ASP B 451 -43.41 12.47 -2.88
C ASP B 451 -44.81 12.50 -2.29
N ALA B 452 -44.98 11.86 -1.12
CA ALA B 452 -46.26 11.82 -0.44
C ALA B 452 -46.67 13.19 0.10
N ALA B 453 -45.68 13.98 0.49
CA ALA B 453 -45.94 15.31 1.04
C ALA B 453 -46.47 16.28 -0.01
N ALA B 455 -48.05 15.42 -2.67
CA ALA B 455 -49.39 14.94 -3.00
C ALA B 455 -50.43 15.48 -2.04
N GLN B 456 -50.13 15.40 -0.74
CA GLN B 456 -51.03 15.87 0.29
C GLN B 456 -51.19 17.38 0.26
N ALA B 457 -50.08 18.07 -0.01
CA ALA B 457 -50.08 19.53 -0.10
C ALA B 457 -51.01 20.05 -1.18
N VAL B 458 -51.00 19.36 -2.33
CA VAL B 458 -51.88 19.72 -3.45
C VAL B 458 -53.34 19.39 -3.13
N ALA B 459 -53.55 18.23 -2.51
CA ALA B 459 -54.89 17.80 -2.13
C ALA B 459 -55.50 18.75 -1.10
N ASP B 460 -54.73 19.07 -0.06
CA ASP B 460 -55.17 20.01 0.96
C ASP B 460 -53.96 20.66 1.63
N PRO B 461 -53.71 21.93 1.31
CA PRO B 461 -52.58 22.69 1.85
C PRO B 461 -52.69 22.91 3.35
N SER B 462 -53.91 22.92 3.88
CA SER B 462 -54.13 23.19 5.30
C SER B 462 -54.26 21.91 6.13
N ALA B 463 -54.13 20.77 5.48
CA ALA B 463 -54.18 19.48 6.18
C ALA B 463 -52.78 19.06 6.61
N PRO B 464 -52.66 18.48 7.81
CA PRO B 464 -51.36 18.03 8.33
C PRO B 464 -50.74 16.96 7.44
N LEU B 465 -49.42 16.99 7.32
CA LEU B 465 -48.69 16.06 6.47
C LEU B 465 -48.38 14.76 7.23
N PRO B 466 -48.23 13.65 6.48
CA PRO B 466 -47.94 12.33 7.06
C PRO B 466 -46.75 12.35 8.02
N GLY C 12 -8.67 -42.76 -13.68
CA GLY C 12 -9.38 -41.50 -13.73
C GLY C 12 -8.47 -40.31 -13.46
N LEU C 13 -7.82 -39.82 -14.51
CA LEU C 13 -6.85 -38.75 -14.37
C LEU C 13 -6.57 -38.10 -15.73
N ARG C 14 -7.45 -37.22 -16.17
CA ARG C 14 -7.30 -36.56 -17.47
C ARG C 14 -6.15 -35.56 -17.46
N ARG C 15 -5.47 -35.43 -18.61
CA ARG C 15 -4.37 -34.48 -18.76
C ARG C 15 -4.88 -33.05 -18.83
N ALA C 16 -4.13 -32.12 -18.24
CA ALA C 16 -4.52 -30.71 -18.18
C ALA C 16 -4.37 -30.01 -19.52
N SER C 17 -5.18 -28.97 -19.75
CA SER C 17 -5.15 -28.23 -21.01
C SER C 17 -3.92 -27.33 -21.10
N PHE C 18 -3.72 -26.72 -22.27
CA PHE C 18 -2.53 -25.92 -22.51
C PHE C 18 -2.49 -24.62 -21.71
N LEU C 19 -3.66 -24.14 -21.30
CA LEU C 19 -3.75 -22.93 -20.49
C LEU C 19 -3.61 -23.23 -19.00
N GLN C 20 -3.99 -24.44 -18.61
CA GLN C 20 -3.80 -24.90 -17.26
C GLN C 20 -2.32 -25.19 -17.01
N ARG C 21 -1.71 -25.88 -17.97
CA ARG C 21 -0.28 -26.18 -17.90
C ARG C 21 0.54 -24.89 -17.89
N GLY C 22 0.15 -23.95 -18.74
CA GLY C 22 0.86 -22.69 -18.86
C GLY C 22 0.80 -21.85 -17.59
N ALA C 23 -0.37 -21.79 -16.98
CA ALA C 23 -0.56 -21.03 -15.75
C ALA C 23 0.20 -21.65 -14.59
N TRP C 24 0.33 -22.97 -14.62
CA TRP C 24 0.97 -23.71 -13.54
C TRP C 24 2.46 -23.42 -13.45
N ARG C 25 3.03 -22.88 -14.51
CA ARG C 25 4.45 -22.55 -14.53
C ARG C 25 4.78 -21.45 -13.53
N TRP C 26 3.84 -20.53 -13.32
CA TRP C 26 4.09 -19.40 -12.43
C TRP C 26 3.22 -19.45 -11.17
N LEU C 27 2.16 -20.26 -11.21
CA LEU C 27 1.25 -20.37 -10.08
C LEU C 27 1.79 -21.23 -8.93
N ARG C 28 2.55 -22.26 -9.28
CA ARG C 28 3.13 -23.17 -8.29
C ARG C 28 4.10 -22.44 -7.37
N GLU C 29 4.85 -21.49 -7.94
CA GLU C 29 5.81 -20.71 -7.18
C GLU C 29 5.10 -19.64 -6.35
N ALA C 30 4.14 -18.99 -6.97
CA ALA C 30 3.38 -17.90 -6.36
C ALA C 30 2.52 -18.41 -5.21
N PRO C 31 2.16 -17.51 -4.28
CA PRO C 31 1.23 -17.89 -3.22
C PRO C 31 -0.11 -18.32 -3.80
N PRO C 32 -0.74 -19.34 -3.18
CA PRO C 32 -2.00 -19.94 -3.65
C PRO C 32 -3.12 -18.92 -3.86
N ALA C 33 -3.17 -17.90 -3.01
CA ALA C 33 -4.22 -16.90 -3.09
C ALA C 33 -4.18 -16.13 -4.42
N ALA C 34 -3.01 -16.10 -5.05
CA ALA C 34 -2.83 -15.35 -6.29
C ALA C 34 -3.60 -15.96 -7.45
N ALA C 35 -4.03 -17.20 -7.28
CA ALA C 35 -4.76 -17.90 -8.34
C ALA C 35 -6.27 -17.77 -8.17
N PHE C 36 -6.69 -17.16 -7.07
CA PHE C 36 -8.13 -17.08 -6.76
C PHE C 36 -8.75 -15.73 -7.07
N ALA C 37 -10.03 -15.75 -7.45
CA ALA C 37 -10.77 -14.53 -7.72
C ALA C 37 -12.18 -14.66 -7.13
N ALA C 38 -12.79 -13.53 -6.80
CA ALA C 38 -14.11 -13.57 -6.20
C ALA C 38 -15.10 -12.69 -6.95
N ARG C 39 -16.26 -13.23 -7.27
CA ARG C 39 -17.35 -12.48 -7.87
C ARG C 39 -18.65 -12.91 -7.20
N GLY C 40 -19.71 -12.15 -7.41
CA GLY C 40 -20.98 -12.48 -6.79
C GLY C 40 -22.19 -11.84 -7.45
N LEU C 41 -23.37 -12.43 -7.19
CA LEU C 41 -24.63 -11.85 -7.62
C LEU C 41 -25.50 -11.54 -6.40
N LEU C 42 -26.03 -10.33 -6.33
CA LEU C 42 -26.90 -9.95 -5.22
C LEU C 42 -28.36 -10.24 -5.55
N GLY C 43 -28.98 -11.09 -4.73
CA GLY C 43 -30.38 -11.42 -4.90
C GLY C 43 -31.25 -10.74 -3.86
N SER C 44 -32.17 -9.91 -4.31
CA SER C 44 -33.03 -9.16 -3.40
C SER C 44 -34.50 -9.53 -3.55
N GLY C 45 -35.11 -9.96 -2.46
CA GLY C 45 -36.52 -10.32 -2.46
C GLY C 45 -36.83 -11.50 -1.56
N ARG C 46 -37.78 -12.33 -2.00
CA ARG C 46 -38.15 -13.51 -1.23
C ARG C 46 -37.30 -14.70 -1.65
N ILE C 47 -36.25 -14.98 -0.89
CA ILE C 47 -35.32 -16.05 -1.23
C ILE C 47 -35.32 -17.17 -0.18
N ASP C 48 -35.47 -18.40 -0.64
CA ASP C 48 -35.32 -19.56 0.23
C ASP C 48 -33.87 -20.00 0.19
N ASP C 49 -33.21 -19.99 1.34
CA ASP C 49 -31.79 -20.33 1.40
C ASP C 49 -31.52 -21.82 1.21
N ASP C 50 -32.32 -22.66 1.85
CA ASP C 50 -32.17 -24.11 1.71
C ASP C 50 -32.40 -24.54 0.27
N ARG C 51 -33.30 -23.84 -0.41
CA ARG C 51 -33.63 -24.13 -1.79
C ARG C 51 -32.50 -23.66 -2.70
N LEU C 52 -31.94 -22.50 -2.39
CA LEU C 52 -30.80 -21.96 -3.13
C LEU C 52 -29.55 -22.79 -2.87
N ALA C 53 -29.48 -23.38 -1.68
CA ALA C 53 -28.35 -24.23 -1.30
C ALA C 53 -28.35 -25.50 -2.12
N ALA C 54 -29.53 -26.08 -2.31
CA ALA C 54 -29.68 -27.30 -3.11
C ALA C 54 -29.38 -26.99 -4.58
N ALA C 55 -29.73 -25.78 -5.01
CA ALA C 55 -29.45 -25.33 -6.36
C ALA C 55 -27.95 -25.25 -6.59
N ALA C 56 -27.23 -24.80 -5.57
CA ALA C 56 -25.78 -24.71 -5.64
C ALA C 56 -25.15 -26.09 -5.68
N ASP C 57 -25.71 -27.00 -4.88
CA ASP C 57 -25.23 -28.38 -4.84
C ASP C 57 -25.49 -29.11 -6.16
N GLU C 58 -26.54 -28.72 -6.86
CA GLU C 58 -26.89 -29.34 -8.13
C GLU C 58 -25.90 -28.95 -9.21
N VAL C 59 -25.56 -27.66 -9.26
CA VAL C 59 -24.61 -27.14 -10.25
C VAL C 59 -23.22 -27.72 -10.01
N LEU C 60 -22.85 -27.85 -8.74
CA LEU C 60 -21.56 -28.41 -8.37
C LEU C 60 -21.42 -29.86 -8.83
N ASP C 61 -22.55 -30.58 -8.86
CA ASP C 61 -22.56 -31.96 -9.34
C ASP C 61 -22.63 -32.00 -10.86
N ALA C 62 -23.35 -31.04 -11.43
CA ALA C 62 -23.56 -31.01 -12.87
C ALA C 62 -22.28 -30.73 -13.65
N PHE C 63 -21.47 -29.81 -13.15
CA PHE C 63 -20.18 -29.52 -13.76
C PHE C 63 -19.05 -30.17 -12.96
N PRO C 64 -18.58 -31.33 -13.42
CA PRO C 64 -17.53 -32.07 -12.70
C PRO C 64 -16.21 -31.30 -12.63
N LEU C 65 -16.04 -30.33 -13.53
CA LEU C 65 -14.84 -29.49 -13.54
C LEU C 65 -14.68 -28.70 -12.24
N LEU C 66 -15.82 -28.33 -11.65
CA LEU C 66 -15.81 -27.58 -10.40
C LEU C 66 -15.25 -28.41 -9.25
N ARG C 67 -15.32 -29.73 -9.39
CA ARG C 67 -14.84 -30.64 -8.37
C ARG C 67 -13.48 -31.23 -8.75
N VAL C 68 -12.66 -30.43 -9.43
CA VAL C 68 -11.37 -30.88 -9.93
C VAL C 68 -10.18 -30.43 -9.06
N ASN C 69 -9.31 -31.38 -8.75
CA ASN C 69 -8.01 -31.07 -8.13
C ASN C 69 -6.90 -31.36 -9.13
N PHE C 70 -5.68 -30.95 -8.82
CA PHE C 70 -4.58 -31.11 -9.75
C PHE C 70 -3.45 -31.97 -9.20
N VAL C 71 -3.02 -32.95 -10.00
CA VAL C 71 -1.90 -33.80 -9.62
C VAL C 71 -0.68 -33.47 -10.49
N ASP C 72 0.42 -33.10 -9.84
CA ASP C 72 1.64 -32.78 -10.57
C ASP C 72 2.65 -33.91 -10.41
N ASP C 73 2.55 -34.90 -11.29
CA ASP C 73 3.45 -36.03 -11.27
C ASP C 73 3.76 -36.46 -12.70
N ASP C 74 4.98 -36.15 -13.14
CA ASP C 74 5.38 -36.33 -14.53
C ASP C 74 4.40 -35.62 -15.46
N GLY C 75 4.21 -34.33 -15.22
CA GLY C 75 3.25 -33.55 -15.95
C GLY C 75 2.07 -33.16 -15.06
N LEU C 76 1.16 -32.38 -15.60
CA LEU C 76 0.01 -31.91 -14.82
C LEU C 76 -1.24 -32.64 -15.25
N TRP C 77 -2.00 -33.13 -14.26
CA TRP C 77 -3.20 -33.90 -14.54
C TRP C 77 -4.41 -33.37 -13.77
N ARG C 79 -7.98 -34.28 -11.69
CA ARG C 79 -8.56 -35.33 -10.86
C ARG C 79 -9.94 -34.89 -10.39
N THR C 80 -10.92 -35.78 -10.46
CA THR C 80 -12.29 -35.42 -10.11
C THR C 80 -12.77 -36.13 -8.85
N ARG C 81 -12.78 -35.42 -7.73
CA ARG C 81 -13.32 -35.94 -6.48
C ARG C 81 -14.85 -35.92 -6.55
N GLU C 82 -15.50 -36.84 -5.85
CA GLU C 82 -16.96 -36.93 -5.91
C GLU C 82 -17.65 -36.23 -4.74
N ASN C 83 -16.94 -36.09 -3.63
CA ASN C 83 -17.46 -35.33 -2.49
C ASN C 83 -17.08 -33.86 -2.62
N ALA C 84 -18.02 -33.04 -3.11
CA ALA C 84 -17.77 -31.63 -3.35
C ALA C 84 -17.40 -30.89 -2.07
N ASP C 85 -18.37 -30.72 -1.17
CA ASP C 85 -18.19 -29.96 0.06
C ASP C 85 -17.62 -28.58 -0.24
N ALA C 86 -18.27 -27.87 -1.15
CA ALA C 86 -17.76 -26.58 -1.61
C ALA C 86 -18.76 -25.45 -1.39
N LEU C 87 -19.78 -25.71 -0.58
CA LEU C 87 -20.79 -24.70 -0.28
C LEU C 87 -20.64 -24.16 1.14
N VAL C 88 -20.47 -22.85 1.25
CA VAL C 88 -20.33 -22.20 2.55
C VAL C 88 -21.50 -21.26 2.79
N ARG C 89 -22.14 -21.39 3.95
CA ARG C 89 -23.29 -20.57 4.28
C ARG C 89 -23.01 -19.62 5.45
N SER C 90 -23.24 -18.33 5.21
CA SER C 90 -22.96 -17.30 6.21
C SER C 90 -24.15 -16.38 6.42
N ASP C 91 -24.22 -15.77 7.60
CA ASP C 91 -25.28 -14.83 7.93
C ASP C 91 -24.66 -13.55 8.50
N LEU C 92 -24.94 -12.42 7.84
CA LEU C 92 -24.34 -11.15 8.24
C LEU C 92 -25.39 -10.15 8.69
N ARG C 93 -26.56 -10.64 9.10
CA ARG C 93 -27.65 -9.77 9.53
C ARG C 93 -27.35 -9.10 10.87
N GLY C 94 -26.33 -9.59 11.57
CA GLY C 94 -25.94 -8.99 12.82
C GLY C 94 -25.11 -7.73 12.62
N HIS C 95 -24.75 -7.46 11.38
CA HIS C 95 -23.93 -6.30 11.04
C HIS C 95 -24.77 -5.16 10.47
N PRO C 96 -24.47 -3.92 10.90
CA PRO C 96 -25.15 -2.72 10.42
C PRO C 96 -24.95 -2.48 8.93
N ASP C 97 -23.81 -2.89 8.40
CA ASP C 97 -23.52 -2.71 6.97
C ASP C 97 -23.16 -4.05 6.34
N PRO C 98 -24.19 -4.90 6.12
CA PRO C 98 -24.00 -6.29 5.66
C PRO C 98 -23.23 -6.41 4.34
N GLN C 99 -23.49 -5.52 3.38
CA GLN C 99 -22.82 -5.59 2.09
C GLN C 99 -21.32 -5.35 2.20
N ALA C 100 -20.94 -4.39 3.03
CA ALA C 100 -19.52 -4.08 3.24
C ALA C 100 -18.80 -5.28 3.82
N ARG C 101 -19.45 -5.96 4.75
CA ARG C 101 -18.87 -7.12 5.41
C ARG C 101 -18.82 -8.31 4.47
N CYS C 102 -19.78 -8.37 3.55
CA CYS C 102 -19.85 -9.46 2.58
C CYS C 102 -18.68 -9.39 1.60
N VAL C 103 -18.29 -8.18 1.22
CA VAL C 103 -17.12 -7.98 0.39
C VAL C 103 -15.88 -8.43 1.15
N GLU C 104 -15.81 -8.07 2.43
CA GLU C 104 -14.71 -8.48 3.28
C GLU C 104 -14.68 -10.00 3.43
N LEU C 105 -15.86 -10.61 3.46
CA LEU C 105 -15.97 -12.07 3.60
C LEU C 105 -15.38 -12.77 2.39
N LEU C 106 -15.83 -12.37 1.20
CA LEU C 106 -15.39 -12.98 -0.04
C LEU C 106 -13.89 -12.81 -0.27
N ARG C 107 -13.38 -11.62 0.02
CA ARG C 107 -11.94 -11.36 -0.09
C ARG C 107 -11.14 -12.26 0.84
N ALA C 108 -11.62 -12.41 2.08
CA ALA C 108 -10.93 -13.19 3.09
C ALA C 108 -10.84 -14.67 2.71
N ASP C 109 -11.93 -15.20 2.16
CA ASP C 109 -11.94 -16.59 1.73
C ASP C 109 -11.13 -16.77 0.45
N ARG C 110 -10.97 -15.69 -0.30
CA ARG C 110 -10.15 -15.70 -1.50
C ARG C 110 -8.68 -15.76 -1.14
N ASP C 111 -8.31 -15.09 -0.06
CA ASP C 111 -6.90 -14.99 0.34
C ASP C 111 -6.47 -16.15 1.23
N ARG C 112 -7.41 -17.04 1.53
CA ARG C 112 -7.13 -18.21 2.36
C ARG C 112 -6.42 -19.29 1.54
N PRO C 113 -5.21 -19.67 1.95
CA PRO C 113 -4.38 -20.65 1.25
C PRO C 113 -5.04 -22.02 1.20
N THR C 114 -5.22 -22.56 0.00
CA THR C 114 -5.85 -23.86 -0.18
C THR C 114 -5.04 -24.77 -1.12
N ASP C 115 -4.86 -26.01 -0.69
CA ASP C 115 -4.10 -27.01 -1.44
C ASP C 115 -4.84 -27.40 -2.72
N PRO C 116 -4.21 -27.13 -3.88
CA PRO C 116 -4.82 -27.44 -5.18
C PRO C 116 -4.86 -28.93 -5.51
N GLU C 117 -4.37 -29.78 -4.62
CA GLU C 117 -4.45 -31.22 -4.86
C GLU C 117 -5.26 -31.95 -3.79
N ARG C 118 -5.92 -31.18 -2.93
CA ARG C 118 -6.75 -31.73 -1.87
C ARG C 118 -8.03 -30.93 -1.67
N ASP C 119 -7.88 -29.62 -1.48
CA ASP C 119 -9.00 -28.77 -1.12
C ASP C 119 -9.85 -28.34 -2.31
N PRO C 120 -11.14 -28.05 -2.06
CA PRO C 120 -12.05 -27.53 -3.09
C PRO C 120 -11.53 -26.22 -3.71
N LEU C 121 -11.43 -26.19 -5.03
CA LEU C 121 -10.87 -25.04 -5.73
C LEU C 121 -11.94 -24.09 -6.26
N VAL C 122 -13.20 -24.47 -6.11
CA VAL C 122 -14.32 -23.60 -6.45
C VAL C 122 -15.30 -23.58 -5.27
N ARG C 123 -15.38 -22.45 -4.58
CA ARG C 123 -16.23 -22.34 -3.41
C ARG C 123 -17.43 -21.42 -3.66
N LEU C 124 -18.63 -21.92 -3.36
CA LEU C 124 -19.85 -21.13 -3.50
C LEU C 124 -20.31 -20.59 -2.15
N HIS C 125 -20.56 -19.30 -2.08
CA HIS C 125 -20.99 -18.68 -0.85
C HIS C 125 -22.46 -18.26 -0.91
N LEU C 126 -23.23 -18.68 0.09
CA LEU C 126 -24.61 -18.23 0.25
C LEU C 126 -24.68 -17.31 1.45
N VAL C 127 -24.57 -16.01 1.20
CA VAL C 127 -24.50 -15.04 2.28
C VAL C 127 -25.78 -14.22 2.37
N ARG C 128 -26.56 -14.43 3.43
CA ARG C 128 -27.77 -13.64 3.65
C ARG C 128 -27.42 -12.33 4.37
N LEU C 129 -27.75 -11.22 3.73
CA LEU C 129 -27.39 -9.90 4.25
C LEU C 129 -28.49 -9.30 5.12
N SER C 130 -29.74 -9.42 4.66
CA SER C 130 -30.88 -8.88 5.38
C SER C 130 -32.07 -9.79 5.22
N GLU C 131 -33.26 -9.29 5.54
CA GLU C 131 -34.47 -10.09 5.44
C GLU C 131 -34.92 -10.28 4.00
N THR C 132 -34.30 -9.53 3.08
CA THR C 132 -34.69 -9.60 1.67
C THR C 132 -33.50 -9.82 0.74
N ASP C 133 -32.28 -9.58 1.23
CA ASP C 133 -31.09 -9.63 0.38
C ASP C 133 -30.19 -10.83 0.67
N VAL C 134 -29.78 -11.51 -0.40
CA VAL C 134 -28.83 -12.61 -0.31
C VAL C 134 -27.76 -12.46 -1.39
N VAL C 135 -26.50 -12.65 -1.01
CA VAL C 135 -25.41 -12.66 -1.98
C VAL C 135 -24.96 -14.08 -2.28
N LEU C 136 -24.99 -14.45 -3.55
CA LEU C 136 -24.43 -15.72 -3.99
C LEU C 136 -23.07 -15.45 -4.62
N GLY C 137 -22.01 -15.88 -3.95
CA GLY C 137 -20.67 -15.59 -4.43
C GLY C 137 -19.86 -16.82 -4.78
N VAL C 138 -18.92 -16.66 -5.71
CA VAL C 138 -18.01 -17.73 -6.08
C VAL C 138 -16.56 -17.30 -5.86
N VAL C 139 -15.80 -18.16 -5.21
CA VAL C 139 -14.36 -17.97 -5.05
C VAL C 139 -13.64 -19.14 -5.69
N ALA C 140 -13.00 -18.89 -6.83
CA ALA C 140 -12.51 -19.99 -7.65
C ALA C 140 -11.08 -19.83 -8.17
N HIS C 141 -10.41 -20.96 -8.35
CA HIS C 141 -9.07 -21.02 -8.92
C HIS C 141 -9.15 -20.67 -10.40
N GLN C 142 -8.20 -19.87 -10.88
CA GLN C 142 -8.24 -19.39 -12.27
C GLN C 142 -7.89 -20.50 -13.26
N LEU C 144 -9.45 -23.23 -13.17
CA LEU C 144 -10.74 -23.89 -13.34
C LEU C 144 -11.78 -22.97 -13.99
N LEU C 145 -11.84 -21.73 -13.49
CA LEU C 145 -12.78 -20.76 -14.04
C LEU C 145 -12.08 -19.47 -14.46
N ASP C 146 -12.42 -18.97 -15.64
CA ASP C 146 -11.95 -17.66 -16.07
C ASP C 146 -13.00 -16.61 -15.75
N ALA C 147 -12.78 -15.38 -16.19
CA ALA C 147 -13.68 -14.27 -15.90
C ALA C 147 -15.13 -14.58 -16.29
N ARG C 148 -15.29 -15.16 -17.47
CA ARG C 148 -16.62 -15.45 -18.00
C ARG C 148 -17.26 -16.64 -17.30
N SER C 149 -16.44 -17.65 -16.97
CA SER C 149 -16.95 -18.87 -16.33
C SER C 149 -17.53 -18.61 -14.95
N ARG C 150 -16.96 -17.63 -14.23
CA ARG C 150 -17.42 -17.31 -12.88
C ARG C 150 -18.89 -16.92 -12.86
N TYR C 151 -19.30 -16.12 -13.83
CA TYR C 151 -20.68 -15.67 -13.92
C TYR C 151 -21.61 -16.72 -14.52
N VAL C 153 -21.29 -19.94 -13.93
CA VAL C 153 -21.57 -20.80 -12.78
C VAL C 153 -22.57 -20.17 -11.83
N LEU C 154 -22.39 -18.89 -11.55
CA LEU C 154 -23.31 -18.15 -10.68
C LEU C 154 -24.70 -18.06 -11.29
N GLY C 155 -24.77 -17.78 -12.57
CA GLY C 155 -26.04 -17.69 -13.28
C GLY C 155 -26.74 -19.04 -13.32
N ALA C 156 -25.96 -20.11 -13.44
CA ALA C 156 -26.50 -21.46 -13.52
C ALA C 156 -27.20 -21.86 -12.22
N VAL C 157 -26.68 -21.37 -11.10
CA VAL C 157 -27.26 -21.68 -9.80
C VAL C 157 -28.65 -21.07 -9.68
N TRP C 158 -28.80 -19.84 -10.14
CA TRP C 158 -30.10 -19.16 -10.12
C TRP C 158 -31.08 -19.82 -11.07
N GLN C 159 -30.56 -20.35 -12.18
CA GLN C 159 -31.40 -21.10 -13.10
C GLN C 159 -31.91 -22.38 -12.45
N ALA C 160 -31.05 -22.98 -11.62
CA ALA C 160 -31.41 -24.18 -10.88
C ALA C 160 -32.43 -23.87 -9.79
N TYR C 161 -32.37 -22.64 -9.27
CA TYR C 161 -33.28 -22.21 -8.22
C TYR C 161 -34.71 -22.16 -8.77
N TYR C 162 -34.83 -21.93 -10.07
CA TYR C 162 -36.14 -21.86 -10.71
C TYR C 162 -36.42 -23.11 -11.55
N GLY C 163 -35.50 -24.07 -11.52
CA GLY C 163 -35.66 -25.31 -12.26
C GLY C 163 -35.49 -25.15 -13.75
N ARG C 164 -34.84 -24.05 -14.15
CA ARG C 164 -34.61 -23.76 -15.56
C ARG C 164 -33.24 -24.24 -16.01
N PHE C 165 -32.49 -24.84 -15.09
CA PHE C 165 -31.13 -25.28 -15.39
C PHE C 165 -31.10 -26.63 -16.09
N ARG C 166 -30.48 -26.65 -17.27
CA ARG C 166 -30.33 -27.87 -18.05
C ARG C 166 -28.86 -28.11 -18.37
N PRO C 167 -28.32 -29.26 -17.92
CA PRO C 167 -26.92 -29.61 -18.15
C PRO C 167 -26.55 -29.69 -19.63
N ALA C 168 -27.54 -29.89 -20.49
CA ALA C 168 -27.30 -30.09 -21.92
C ALA C 168 -26.98 -28.79 -22.66
N GLN C 169 -27.41 -27.66 -22.13
CA GLN C 169 -27.14 -26.38 -22.77
C GLN C 169 -25.75 -25.84 -22.39
N TYR C 170 -24.92 -26.73 -21.85
CA TYR C 170 -23.54 -26.38 -21.53
C TYR C 170 -22.60 -27.43 -22.11
N ARG C 171 -21.56 -26.98 -22.80
CA ARG C 171 -20.57 -27.88 -23.39
C ARG C 171 -19.48 -28.17 -22.36
N ASP C 172 -19.32 -29.43 -22.01
CA ASP C 172 -18.37 -29.85 -20.97
C ASP C 172 -16.93 -29.55 -21.39
N PHE C 173 -16.13 -29.07 -20.44
CA PHE C 173 -14.76 -28.66 -20.71
C PHE C 173 -13.86 -29.83 -21.11
N ALA C 174 -14.15 -31.02 -20.59
CA ALA C 174 -13.37 -32.21 -20.90
C ALA C 174 -13.47 -32.58 -22.38
N GLU C 175 -14.45 -31.98 -23.05
CA GLU C 175 -14.67 -32.19 -24.48
C GLU C 175 -13.76 -31.24 -25.28
N VAL C 176 -13.13 -30.31 -24.59
CA VAL C 176 -12.29 -29.31 -25.24
C VAL C 176 -10.93 -29.17 -24.55
N ALA C 177 -10.70 -30.01 -23.55
CA ALA C 177 -9.46 -29.97 -22.78
C ALA C 177 -8.22 -30.29 -23.60
N ASP C 178 -8.40 -31.04 -24.68
CA ASP C 178 -7.29 -31.43 -25.53
C ASP C 178 -7.06 -30.44 -26.68
N PHE C 179 -7.92 -29.43 -26.76
CA PHE C 179 -7.85 -28.46 -27.84
C PHE C 179 -6.67 -27.50 -27.70
N HIS C 180 -6.01 -27.23 -28.81
CA HIS C 180 -4.94 -26.24 -28.86
C HIS C 180 -5.03 -25.47 -30.18
N PRO C 181 -5.01 -24.13 -30.11
CA PRO C 181 -5.16 -23.25 -31.26
C PRO C 181 -4.11 -23.49 -32.33
N LEU C 182 -2.93 -23.93 -31.91
CA LEU C 182 -1.82 -24.17 -32.82
C LEU C 182 -1.48 -25.65 -32.87
N ASP C 183 -2.46 -26.48 -33.23
CA ASP C 183 -2.26 -27.92 -33.26
C ASP C 183 -1.41 -28.35 -34.45
N ARG C 184 -1.67 -27.76 -35.60
CA ARG C 184 -0.86 -28.04 -36.79
C ARG C 184 0.50 -27.34 -36.68
N GLU C 185 1.56 -28.12 -36.84
CA GLU C 185 2.92 -27.64 -36.63
C GLU C 185 3.29 -26.50 -37.57
N THR C 186 2.76 -26.55 -38.79
CA THR C 186 3.00 -25.50 -39.78
C THR C 186 2.62 -24.13 -39.23
N VAL C 187 1.53 -24.10 -38.48
CA VAL C 187 1.04 -22.85 -37.89
C VAL C 187 1.92 -22.41 -36.73
N ARG C 188 2.19 -23.34 -35.81
CA ARG C 188 2.90 -22.97 -34.58
C ARG C 188 4.36 -22.59 -34.81
N VAL C 189 4.97 -23.10 -35.87
CA VAL C 189 6.33 -22.70 -36.20
C VAL C 189 6.33 -21.33 -36.88
N ALA C 190 5.21 -20.99 -37.52
CA ALA C 190 5.05 -19.69 -38.14
C ALA C 190 4.81 -18.62 -37.09
N ARG C 191 4.04 -18.98 -36.06
CA ARG C 191 3.79 -18.10 -34.94
C ARG C 191 5.07 -17.90 -34.14
N HIS C 192 5.83 -18.99 -33.99
CA HIS C 192 7.09 -18.97 -33.26
C HIS C 192 8.12 -18.12 -34.00
N ARG C 193 8.04 -18.14 -35.32
CA ARG C 193 8.96 -17.35 -36.14
C ARG C 193 8.58 -15.88 -36.07
N TRP C 194 7.28 -15.60 -36.05
CA TRP C 194 6.77 -14.24 -36.02
C TRP C 194 7.18 -13.52 -34.74
N TRP C 195 7.13 -14.24 -33.63
CA TRP C 195 7.47 -13.66 -32.33
C TRP C 195 8.97 -13.60 -32.08
N SER C 196 9.70 -14.58 -32.61
CA SER C 196 11.15 -14.56 -32.51
C SER C 196 11.72 -13.37 -33.27
N ARG C 197 10.97 -12.93 -34.29
CA ARG C 197 11.42 -11.85 -35.15
C ARG C 197 11.15 -10.49 -34.52
N ARG C 198 10.19 -10.44 -33.62
CA ARG C 198 9.70 -9.17 -33.08
C ARG C 198 10.00 -8.94 -31.60
N LEU C 199 10.16 -10.03 -30.85
CA LEU C 199 10.49 -9.92 -29.42
C LEU C 199 11.77 -9.14 -29.10
N PRO C 200 12.88 -9.38 -29.84
CA PRO C 200 14.08 -8.60 -29.57
C PRO C 200 13.91 -7.11 -29.89
N ALA C 201 12.97 -6.79 -30.78
CA ALA C 201 12.74 -5.42 -31.20
C ALA C 201 11.84 -4.64 -30.23
N LEU C 202 11.55 -5.25 -29.08
CA LEU C 202 10.75 -4.59 -28.06
C LEU C 202 11.57 -3.54 -27.32
N PRO C 203 11.01 -2.32 -27.19
CA PRO C 203 11.72 -1.18 -26.59
C PRO C 203 11.91 -1.33 -25.07
N VAL C 204 12.80 -0.52 -24.52
CA VAL C 204 13.06 -0.53 -23.08
C VAL C 204 12.79 0.83 -22.46
N PRO C 211 13.79 0.34 -9.45
CA PRO C 211 13.38 0.42 -8.04
C PRO C 211 12.00 1.06 -7.88
N VAL C 212 10.95 0.26 -7.97
CA VAL C 212 9.59 0.77 -7.87
C VAL C 212 9.07 0.69 -6.44
N GLY C 213 8.06 1.49 -6.14
CA GLY C 213 7.44 1.47 -4.83
C GLY C 213 6.31 0.45 -4.76
N PRO C 214 5.67 0.33 -3.60
CA PRO C 214 4.54 -0.59 -3.41
C PRO C 214 3.32 -0.17 -4.24
N PRO C 215 2.37 -1.09 -4.49
CA PRO C 215 1.21 -0.75 -5.32
C PRO C 215 0.27 0.26 -4.66
N GLU C 216 -0.27 1.17 -5.47
CA GLU C 216 -1.26 2.13 -5.00
C GLU C 216 -2.53 1.94 -5.79
N THR C 217 -3.67 1.97 -5.11
CA THR C 217 -4.95 1.76 -5.79
C THR C 217 -5.82 3.02 -5.79
N SER C 218 -6.27 3.41 -6.98
CA SER C 218 -7.16 4.56 -7.13
C SER C 218 -8.33 4.17 -8.03
N ARG C 219 -9.48 4.81 -7.81
CA ARG C 219 -10.69 4.45 -8.54
C ARG C 219 -11.35 5.66 -9.21
N LEU C 220 -12.03 5.41 -10.32
CA LEU C 220 -12.72 6.45 -11.07
C LEU C 220 -14.11 6.00 -11.51
N ARG C 221 -15.14 6.53 -10.87
CA ARG C 221 -16.51 6.19 -11.21
C ARG C 221 -16.95 6.94 -12.45
N VAL C 222 -17.25 6.19 -13.51
CA VAL C 222 -17.71 6.78 -14.76
C VAL C 222 -19.18 6.42 -14.97
N PRO C 223 -20.01 7.43 -15.27
CA PRO C 223 -21.43 7.20 -15.58
C PRO C 223 -21.58 6.17 -16.68
N GLY C 224 -22.39 5.14 -16.43
CA GLY C 224 -22.56 4.02 -17.35
C GLY C 224 -22.91 4.45 -18.76
N SER C 225 -23.65 5.54 -18.88
CA SER C 225 -24.04 6.05 -20.17
C SER C 225 -22.85 6.60 -20.96
N ARG C 226 -21.91 7.23 -20.26
CA ARG C 226 -20.70 7.73 -20.91
C ARG C 226 -19.82 6.57 -21.35
N TRP C 227 -19.76 5.54 -20.52
CA TRP C 227 -18.98 4.34 -20.84
C TRP C 227 -19.52 3.69 -22.12
N GLN C 228 -20.84 3.65 -22.24
CA GLN C 228 -21.49 3.08 -23.42
C GLN C 228 -21.16 3.88 -24.68
N ALA C 229 -21.18 5.21 -24.55
CA ALA C 229 -20.92 6.10 -25.67
C ALA C 229 -19.48 5.94 -26.16
N LEU C 230 -18.57 5.69 -25.21
CA LEU C 230 -17.16 5.53 -25.52
C LEU C 230 -16.87 4.16 -26.13
N THR C 231 -17.72 3.20 -25.80
CA THR C 231 -17.46 1.79 -26.13
C THR C 231 -18.16 1.31 -27.40
N GLU C 232 -19.40 1.75 -27.60
CA GLU C 232 -20.22 1.36 -28.76
C GLU C 232 -19.47 1.61 -30.08
N PRO C 233 -19.78 0.80 -31.11
CA PRO C 233 -20.75 -0.29 -31.11
C PRO C 233 -20.09 -1.64 -30.86
N GLY C 241 -14.96 -3.23 -23.90
CA GLY C 241 -14.37 -1.91 -24.10
C GLY C 241 -13.00 -1.75 -23.45
N SER C 242 -12.23 -2.83 -23.46
CA SER C 242 -10.88 -2.81 -22.89
C SER C 242 -9.92 -2.09 -23.84
N LEU C 243 -10.23 -2.16 -25.13
CA LEU C 243 -9.37 -1.57 -26.15
C LEU C 243 -9.32 -0.04 -26.06
N ALA C 244 -10.46 0.56 -25.73
CA ALA C 244 -10.54 2.00 -25.55
C ALA C 244 -9.71 2.43 -24.33
N ALA C 246 -7.00 0.78 -23.35
CA ALA C 246 -5.63 0.61 -23.77
C ALA C 246 -5.13 1.79 -24.60
N ALA C 247 -5.99 2.30 -25.48
CA ALA C 247 -5.65 3.39 -26.37
C ALA C 247 -5.34 4.67 -25.58
N LEU C 248 -6.21 4.97 -24.63
CA LEU C 248 -6.07 6.18 -23.82
C LEU C 248 -4.93 6.07 -22.81
N THR C 249 -4.71 4.86 -22.30
CA THR C 249 -3.63 4.62 -21.35
C THR C 249 -2.27 4.71 -22.03
N ALA C 250 -2.18 4.10 -23.21
CA ALA C 250 -0.93 4.12 -23.98
C ALA C 250 -0.57 5.53 -24.38
N TRP C 251 -1.56 6.28 -24.82
CA TRP C 251 -1.35 7.67 -25.23
C TRP C 251 -0.88 8.55 -24.08
N TRP C 252 -1.53 8.42 -22.92
CA TRP C 252 -1.20 9.23 -21.76
C TRP C 252 0.20 8.94 -21.26
N LEU C 253 0.55 7.66 -21.17
CA LEU C 253 1.87 7.24 -20.72
C LEU C 253 2.95 7.71 -21.68
N TRP C 254 2.61 7.77 -22.97
CA TRP C 254 3.55 8.18 -23.99
C TRP C 254 3.90 9.66 -23.88
N THR C 255 2.91 10.48 -23.56
CA THR C 255 3.13 11.91 -23.40
C THR C 255 3.44 12.25 -21.94
N GLN C 256 3.51 11.22 -21.11
CA GLN C 256 3.72 11.38 -19.66
C GLN C 256 2.69 12.31 -19.03
N SER C 274 6.62 3.55 -29.96
CA SER C 274 5.84 2.34 -29.74
C SER C 274 5.74 1.99 -28.25
N LEU C 275 4.60 1.44 -27.85
CA LEU C 275 4.35 1.13 -26.45
C LEU C 275 3.51 -0.14 -26.33
N TYR C 276 4.01 -1.12 -25.56
CA TYR C 276 3.41 -2.44 -25.51
C TYR C 276 2.59 -2.73 -24.24
N LEU C 277 1.42 -3.34 -24.43
CA LEU C 277 0.51 -3.63 -23.33
C LEU C 277 0.19 -5.13 -23.28
N SER C 278 -0.59 -5.50 -22.27
CA SER C 278 -1.07 -6.87 -22.11
C SER C 278 -2.58 -6.90 -21.83
N THR C 279 -3.31 -7.70 -22.59
CA THR C 279 -4.76 -7.79 -22.43
C THR C 279 -5.20 -9.24 -22.46
N GLU C 280 -6.31 -9.55 -21.80
CA GLU C 280 -6.89 -10.89 -21.90
C GLU C 280 -7.68 -11.02 -23.19
N VAL C 281 -7.77 -12.24 -23.69
CA VAL C 281 -8.56 -12.55 -24.88
C VAL C 281 -9.39 -13.79 -24.61
N ASP C 282 -10.70 -13.68 -24.80
CA ASP C 282 -11.60 -14.82 -24.64
C ASP C 282 -11.58 -15.65 -25.92
N LEU C 283 -11.06 -16.86 -25.83
CA LEU C 283 -10.88 -17.72 -26.99
C LEU C 283 -12.19 -18.34 -27.49
N ARG C 284 -13.25 -18.17 -26.71
CA ARG C 284 -14.55 -18.75 -27.05
C ARG C 284 -15.13 -18.20 -28.34
N ASP C 285 -15.14 -16.88 -28.49
CA ASP C 285 -15.73 -16.25 -29.67
C ASP C 285 -14.73 -16.10 -30.81
N HIS C 286 -13.48 -15.83 -30.47
CA HIS C 286 -12.42 -15.66 -31.45
C HIS C 286 -12.14 -16.96 -32.20
N LEU C 287 -12.30 -18.09 -31.52
CA LEU C 287 -12.04 -19.40 -32.12
C LEU C 287 -13.30 -20.26 -32.20
N GLN C 288 -14.46 -19.60 -32.06
CA GLN C 288 -15.76 -20.24 -32.22
C GLN C 288 -15.98 -21.46 -31.33
N LEU C 289 -15.38 -21.45 -30.14
CA LEU C 289 -15.65 -22.48 -29.14
C LEU C 289 -17.03 -22.22 -28.55
N GLY C 290 -17.66 -23.26 -28.02
CA GLY C 290 -19.02 -23.13 -27.52
C GLY C 290 -19.13 -22.35 -26.23
N SER C 291 -20.28 -22.44 -25.58
CA SER C 291 -20.47 -21.85 -24.26
C SER C 291 -19.92 -22.83 -23.21
N VAL C 292 -18.60 -22.87 -23.12
CA VAL C 292 -17.92 -23.82 -22.24
C VAL C 292 -17.49 -23.19 -20.93
N VAL C 293 -17.81 -23.84 -19.82
CA VAL C 293 -17.33 -23.40 -18.52
C VAL C 293 -15.95 -23.98 -18.28
N GLY C 294 -14.95 -23.11 -18.20
CA GLY C 294 -13.58 -23.54 -17.99
C GLY C 294 -12.56 -22.47 -18.32
N PRO C 295 -11.27 -22.80 -18.21
CA PRO C 295 -10.17 -21.88 -18.52
C PRO C 295 -9.90 -21.76 -20.02
N LEU C 296 -10.56 -20.80 -20.66
CA LEU C 296 -10.38 -20.57 -22.09
C LEU C 296 -10.07 -19.10 -22.39
N THR C 297 -9.38 -18.46 -21.44
CA THR C 297 -8.97 -17.07 -21.59
C THR C 297 -7.45 -16.98 -21.43
N ASP C 298 -6.81 -16.25 -22.33
CA ASP C 298 -5.36 -16.08 -22.29
C ASP C 298 -4.97 -14.63 -22.49
N ARG C 299 -3.72 -14.31 -22.15
CA ARG C 299 -3.20 -12.96 -22.33
C ARG C 299 -2.50 -12.82 -23.68
N VAL C 300 -2.61 -11.65 -24.29
CA VAL C 300 -1.83 -11.33 -25.48
C VAL C 300 -1.04 -10.05 -25.28
N VAL C 301 0.17 -10.02 -25.85
CA VAL C 301 0.99 -8.82 -25.84
C VAL C 301 0.83 -8.11 -27.18
N PHE C 302 0.59 -6.80 -27.13
CA PHE C 302 0.46 -6.02 -28.35
C PHE C 302 0.98 -4.59 -28.16
N GLY C 303 1.43 -3.98 -29.24
CA GLY C 303 1.99 -2.64 -29.18
C GLY C 303 1.17 -1.61 -29.92
N VAL C 304 1.08 -0.43 -29.34
CA VAL C 304 0.40 0.69 -29.97
C VAL C 304 1.42 1.61 -30.63
N ASP C 305 1.41 1.65 -31.95
CA ASP C 305 2.35 2.49 -32.70
C ASP C 305 1.87 3.95 -32.65
N LEU C 306 2.73 4.82 -32.13
CA LEU C 306 2.41 6.23 -31.99
C LEU C 306 3.41 7.11 -32.73
N THR C 307 3.93 6.58 -33.84
CA THR C 307 5.01 7.24 -34.59
C THR C 307 4.67 8.65 -35.07
N GLY C 308 3.86 8.74 -36.12
CA GLY C 308 3.55 10.03 -36.72
C GLY C 308 2.25 10.65 -36.28
N LEU C 309 2.09 10.84 -34.97
CA LEU C 309 0.86 11.43 -34.44
C LEU C 309 1.10 12.77 -33.75
N ARG C 310 0.62 13.83 -34.39
CA ARG C 310 0.64 15.17 -33.80
C ARG C 310 -0.79 15.59 -33.47
N GLU C 311 -1.02 15.90 -32.20
CA GLU C 311 -2.37 16.19 -31.70
C GLU C 311 -3.40 15.15 -32.14
N PRO C 312 -3.22 13.89 -31.70
CA PRO C 312 -4.10 12.82 -32.19
C PRO C 312 -5.48 12.88 -31.55
N SER C 313 -6.48 12.41 -32.29
CA SER C 313 -7.83 12.28 -31.75
C SER C 313 -8.06 10.87 -31.24
N PHE C 314 -9.17 10.65 -30.54
CA PHE C 314 -9.50 9.32 -30.07
C PHE C 314 -9.71 8.37 -31.25
N ARG C 315 -10.17 8.93 -32.36
CA ARG C 315 -10.35 8.18 -33.59
C ARG C 315 -9.00 7.64 -34.08
N ASP C 316 -7.97 8.48 -33.97
CA ASP C 316 -6.63 8.11 -34.42
C ASP C 316 -6.02 7.02 -33.54
N LEU C 317 -6.06 7.23 -32.23
CA LEU C 317 -5.53 6.27 -31.26
C LEU C 317 -6.18 4.91 -31.42
N SER C 319 -7.39 3.60 -33.96
CA SER C 319 -6.92 2.97 -35.19
C SER C 319 -5.58 2.28 -34.97
N ARG C 320 -4.66 2.98 -34.30
CA ARG C 320 -3.33 2.45 -34.04
C ARG C 320 -3.39 1.31 -33.04
N THR C 321 -4.30 1.41 -32.09
CA THR C 321 -4.45 0.41 -31.04
C THR C 321 -5.10 -0.87 -31.57
N GLN C 322 -6.13 -0.70 -32.39
CA GLN C 322 -6.83 -1.83 -32.97
C GLN C 322 -5.91 -2.60 -33.92
N ALA C 323 -5.04 -1.85 -34.59
CA ALA C 323 -4.09 -2.44 -35.53
C ALA C 323 -3.12 -3.36 -34.80
N GLY C 324 -2.51 -2.86 -33.74
CA GLY C 324 -1.54 -3.63 -32.98
C GLY C 324 -2.16 -4.82 -32.28
N PHE C 325 -3.41 -4.67 -31.83
CA PHE C 325 -4.08 -5.75 -31.11
C PHE C 325 -4.43 -6.90 -32.02
N LEU C 326 -5.02 -6.58 -33.18
CA LEU C 326 -5.39 -7.61 -34.14
C LEU C 326 -4.14 -8.27 -34.74
N ASP C 327 -3.06 -7.49 -34.79
CA ASP C 327 -1.78 -8.01 -35.26
C ASP C 327 -1.32 -9.15 -34.37
N ALA C 328 -1.56 -8.99 -33.07
CA ALA C 328 -1.19 -10.00 -32.08
C ALA C 328 -2.15 -11.19 -32.10
N VAL C 329 -3.44 -10.90 -32.26
CA VAL C 329 -4.47 -11.93 -32.29
C VAL C 329 -4.35 -12.82 -33.52
N VAL C 330 -4.10 -12.19 -34.67
CA VAL C 330 -3.92 -12.93 -35.92
C VAL C 330 -2.72 -13.86 -35.84
N HIS C 331 -1.65 -13.37 -35.22
CA HIS C 331 -0.46 -14.18 -35.00
C HIS C 331 -0.40 -14.66 -33.55
N TYR C 332 -1.51 -15.21 -33.09
CA TYR C 332 -1.64 -15.62 -31.69
C TYR C 332 -0.63 -16.69 -31.30
N LEU C 333 0.00 -16.48 -30.16
CA LEU C 333 0.89 -17.45 -29.54
C LEU C 333 0.63 -17.39 -28.04
N PRO C 334 0.33 -18.55 -27.42
CA PRO C 334 -0.01 -18.63 -26.00
C PRO C 334 0.98 -17.88 -25.13
N TYR C 335 0.46 -17.14 -24.15
CA TYR C 335 1.27 -16.22 -23.35
C TYR C 335 2.47 -16.87 -22.69
N HIS C 336 2.31 -18.10 -22.22
CA HIS C 336 3.41 -18.81 -21.58
C HIS C 336 4.51 -19.15 -22.58
N ASP C 337 4.12 -19.46 -23.81
CA ASP C 337 5.09 -19.74 -24.86
C ASP C 337 5.81 -18.46 -25.27
N VAL C 338 5.11 -17.34 -25.18
CA VAL C 338 5.70 -16.04 -25.47
C VAL C 338 6.74 -15.70 -24.41
N VAL C 339 6.39 -15.97 -23.16
CA VAL C 339 7.29 -15.75 -22.04
C VAL C 339 8.54 -16.61 -22.14
N ASP C 340 8.34 -17.91 -22.36
CA ASP C 340 9.45 -18.85 -22.51
C ASP C 340 10.37 -18.43 -23.67
N LEU C 341 9.77 -17.93 -24.75
CA LEU C 341 10.54 -17.50 -25.90
C LEU C 341 11.30 -16.22 -25.58
N ALA C 342 10.67 -15.34 -24.82
CA ALA C 342 11.31 -14.08 -24.42
C ALA C 342 12.48 -14.34 -23.48
N VAL C 343 12.33 -15.32 -22.60
CA VAL C 343 13.38 -15.70 -21.66
C VAL C 343 14.56 -16.34 -22.38
N ASP C 344 14.27 -17.27 -23.28
CA ASP C 344 15.30 -17.96 -24.04
C ASP C 344 16.07 -17.04 -24.97
N LEU C 345 15.43 -15.93 -25.36
CA LEU C 345 16.08 -14.94 -26.20
C LEU C 345 16.78 -13.88 -25.37
N GLY C 346 16.70 -14.02 -24.04
CA GLY C 346 17.39 -13.11 -23.14
C GLY C 346 16.78 -11.73 -23.07
N VAL C 347 15.60 -11.55 -23.65
CA VAL C 347 14.91 -10.27 -23.64
C VAL C 347 14.51 -9.88 -22.23
N VAL C 348 14.03 -10.86 -21.46
CA VAL C 348 13.64 -10.64 -20.08
C VAL C 348 14.19 -11.71 -19.14
N THR C 349 14.21 -11.40 -17.85
CA THR C 349 14.68 -12.35 -16.85
C THR C 349 13.59 -12.59 -15.80
N PRO C 350 13.31 -13.86 -15.51
CA PRO C 350 12.34 -14.22 -14.47
C PRO C 350 12.73 -13.63 -13.12
N PRO C 351 11.75 -13.29 -12.28
CA PRO C 351 10.31 -13.44 -12.56
C PRO C 351 9.69 -12.22 -13.26
N ARG C 352 10.50 -11.21 -13.56
CA ARG C 352 10.01 -10.02 -14.26
C ARG C 352 9.85 -10.27 -15.75
N VAL C 353 8.99 -11.21 -16.11
CA VAL C 353 8.85 -11.61 -17.51
C VAL C 353 7.99 -10.62 -18.30
N ALA C 354 7.33 -9.71 -17.59
CA ALA C 354 6.46 -8.74 -18.24
C ALA C 354 7.06 -7.33 -18.22
N ALA C 355 8.38 -7.25 -18.12
CA ALA C 355 9.06 -5.96 -18.04
C ALA C 355 8.97 -5.18 -19.35
N ARG C 356 8.87 -5.90 -20.47
CA ARG C 356 8.81 -5.26 -21.78
C ARG C 356 7.39 -4.89 -22.19
N TRP C 357 6.41 -5.39 -21.43
CA TRP C 357 5.02 -5.00 -21.61
C TRP C 357 4.38 -4.74 -20.25
N ASP C 358 4.90 -3.74 -19.55
CA ASP C 358 4.57 -3.50 -18.15
C ASP C 358 3.22 -2.81 -17.91
N VAL C 359 2.35 -2.80 -18.91
CA VAL C 359 1.02 -2.23 -18.75
C VAL C 359 -0.05 -3.27 -19.04
N ALA C 360 -0.90 -3.54 -18.05
CA ALA C 360 -1.93 -4.55 -18.20
C ALA C 360 -3.32 -3.94 -18.18
N VAL C 361 -4.09 -4.19 -19.24
CA VAL C 361 -5.48 -3.77 -19.30
C VAL C 361 -6.36 -5.02 -19.38
N HIS C 362 -7.29 -5.16 -18.45
CA HIS C 362 -8.05 -6.39 -18.35
C HIS C 362 -9.38 -6.36 -19.11
N LEU C 363 -9.88 -7.55 -19.44
CA LEU C 363 -11.05 -7.70 -20.31
C LEU C 363 -12.35 -7.30 -19.62
N CYS C 364 -13.43 -7.20 -20.40
CA CYS C 364 -14.74 -6.82 -19.88
C CYS C 364 -15.81 -7.82 -20.34
N VAL C 384 -38.14 -10.32 -7.17
CA VAL C 384 -36.82 -10.88 -6.92
C VAL C 384 -35.80 -10.37 -7.94
N SER C 385 -35.03 -9.35 -7.55
CA SER C 385 -34.07 -8.75 -8.45
C SER C 385 -32.67 -9.31 -8.25
N ILE C 386 -31.99 -9.60 -9.34
CA ILE C 386 -30.62 -10.12 -9.29
C ILE C 386 -29.65 -9.21 -10.04
N GLU C 387 -28.72 -8.62 -9.31
CA GLU C 387 -27.73 -7.71 -9.89
C GLU C 387 -26.33 -8.25 -9.66
N LEU C 388 -25.35 -7.57 -10.24
CA LEU C 388 -23.95 -7.85 -9.95
C LEU C 388 -23.60 -7.27 -8.59
N PHE C 389 -22.87 -8.01 -7.77
CA PHE C 389 -22.57 -7.56 -6.42
C PHE C 389 -21.18 -6.93 -6.29
N ARG C 390 -21.17 -5.60 -6.25
CA ARG C 390 -19.96 -4.80 -6.03
C ARG C 390 -18.72 -5.30 -6.77
N GLU C 391 -18.81 -5.36 -8.09
CA GLU C 391 -17.72 -5.87 -8.91
C GLU C 391 -16.45 -5.05 -8.71
N ALA C 392 -16.61 -3.75 -8.55
CA ALA C 392 -15.48 -2.83 -8.38
C ALA C 392 -14.68 -3.11 -7.11
N ASP C 393 -15.35 -3.64 -6.09
CA ASP C 393 -14.70 -3.94 -4.83
C ASP C 393 -14.10 -5.35 -4.83
N LEU C 394 -14.60 -6.20 -5.71
CA LEU C 394 -14.17 -7.60 -5.74
C LEU C 394 -13.07 -7.87 -6.76
N ILE C 395 -12.77 -6.89 -7.61
CA ILE C 395 -11.69 -7.01 -8.59
C ILE C 395 -10.32 -7.05 -7.91
N GLY C 396 -9.57 -8.12 -8.18
CA GLY C 396 -8.28 -8.35 -7.55
C GLY C 396 -7.22 -7.33 -7.94
N GLY C 397 -6.73 -7.44 -9.16
CA GLY C 397 -5.77 -6.50 -9.70
C GLY C 397 -4.33 -6.80 -9.31
N ASP C 398 -4.11 -7.96 -8.71
CA ASP C 398 -2.77 -8.40 -8.32
C ASP C 398 -2.07 -7.40 -7.41
N THR C 399 -2.64 -7.14 -6.24
CA THR C 399 -2.10 -6.15 -5.31
C THR C 399 -1.34 -6.80 -4.16
N ARG C 400 -0.30 -7.55 -4.49
CA ARG C 400 0.53 -8.19 -3.47
C ARG C 400 2.01 -7.93 -3.75
N SER C 401 2.78 -7.75 -2.68
CA SER C 401 4.20 -7.46 -2.81
C SER C 401 5.03 -8.34 -1.91
N ALA C 402 6.34 -8.33 -2.14
CA ALA C 402 7.27 -9.08 -1.32
C ALA C 402 7.53 -8.36 0.00
N THR C 403 7.05 -7.12 0.08
CA THR C 403 7.16 -6.31 1.28
C THR C 403 5.90 -6.44 2.16
N ASP C 404 5.12 -7.49 1.90
CA ASP C 404 3.94 -7.77 2.69
C ASP C 404 4.35 -8.50 3.97
N THR C 405 5.48 -9.19 3.90
CA THR C 405 6.09 -9.84 5.05
C THR C 405 7.59 -9.57 5.01
N TRP C 406 8.33 -10.01 6.03
CA TRP C 406 9.78 -9.89 5.97
C TRP C 406 10.36 -10.95 5.06
N ASP C 407 11.16 -10.52 4.09
CA ASP C 407 11.83 -11.41 3.15
C ASP C 407 10.83 -12.33 2.46
N GLY C 408 9.77 -11.75 1.92
CA GLY C 408 8.79 -12.52 1.18
C GLY C 408 9.31 -12.89 -0.19
N THR C 409 8.83 -14.02 -0.70
CA THR C 409 9.24 -14.46 -2.04
C THR C 409 8.69 -13.53 -3.11
N ASP C 410 9.59 -12.85 -3.80
CA ASP C 410 9.21 -11.94 -4.88
C ASP C 410 8.88 -12.72 -6.14
N THR C 411 7.62 -12.60 -6.60
CA THR C 411 7.20 -13.24 -7.83
C THR C 411 6.51 -12.24 -8.75
N TRP C 412 6.79 -10.96 -8.53
CA TRP C 412 6.21 -9.88 -9.33
C TRP C 412 6.70 -9.95 -10.77
N ASP C 413 5.78 -9.84 -11.72
CA ASP C 413 6.13 -10.06 -13.12
C ASP C 413 6.63 -8.79 -13.83
N GLY C 414 6.56 -7.66 -13.13
CA GLY C 414 7.14 -6.43 -13.65
C GLY C 414 6.10 -5.39 -14.07
N THR C 415 4.83 -5.75 -14.01
CA THR C 415 3.76 -4.85 -14.39
C THR C 415 3.70 -3.64 -13.45
N THR C 416 3.81 -2.44 -14.04
CA THR C 416 3.80 -1.22 -13.24
C THR C 416 2.45 -0.50 -13.29
N THR C 417 1.72 -0.71 -14.38
CA THR C 417 0.39 -0.14 -14.52
C THR C 417 -0.63 -1.25 -14.80
N ASP C 418 -1.49 -1.51 -13.81
CA ASP C 418 -2.52 -2.54 -13.94
C ASP C 418 -3.91 -1.91 -13.92
N LEU C 419 -4.61 -1.99 -15.05
CA LEU C 419 -5.91 -1.34 -15.19
C LEU C 419 -7.04 -2.34 -15.43
N SER C 420 -8.11 -2.22 -14.66
CA SER C 420 -9.29 -3.07 -14.83
C SER C 420 -10.54 -2.28 -14.47
N VAL C 421 -11.69 -2.73 -14.98
CA VAL C 421 -12.94 -1.99 -14.80
C VAL C 421 -14.09 -2.93 -14.45
N GLY C 422 -14.97 -2.48 -13.56
CA GLY C 422 -16.10 -3.29 -13.13
C GLY C 422 -17.35 -2.47 -12.84
N GLU C 423 -18.49 -3.13 -12.83
CA GLU C 423 -19.77 -2.45 -12.59
C GLU C 423 -19.97 -2.07 -11.13
N LEU C 424 -20.62 -0.93 -10.92
CA LEU C 424 -21.09 -0.55 -9.60
C LEU C 424 -22.33 0.32 -9.75
N GLY C 425 -23.47 -0.24 -9.37
CA GLY C 425 -24.73 0.44 -9.59
C GLY C 425 -25.01 0.49 -11.08
N GLU C 426 -25.49 1.62 -11.56
CA GLU C 426 -25.72 1.80 -12.99
C GLU C 426 -24.49 2.41 -13.66
N ASP C 427 -23.38 2.43 -12.94
CA ASP C 427 -22.16 3.07 -13.41
C ASP C 427 -21.03 2.06 -13.64
N VAL C 429 -16.77 1.47 -12.91
CA VAL C 429 -15.67 1.93 -12.07
C VAL C 429 -14.32 1.40 -12.54
N ILE C 430 -13.42 2.31 -12.88
CA ILE C 430 -12.06 1.94 -13.26
C ILE C 430 -11.19 1.76 -12.00
N VAL C 431 -10.61 0.58 -11.85
CA VAL C 431 -9.69 0.32 -10.74
C VAL C 431 -8.25 0.29 -11.22
N LEU C 432 -7.44 1.22 -10.72
CA LEU C 432 -6.06 1.35 -11.20
C LEU C 432 -5.05 0.96 -10.13
N ASP C 433 -4.10 0.12 -10.51
CA ASP C 433 -3.01 -0.28 -9.62
C ASP C 433 -1.67 0.20 -10.20
N GLN C 434 -0.96 1.03 -9.46
CA GLN C 434 0.27 1.63 -9.96
C GLN C 434 1.47 1.39 -9.06
N ARG C 435 2.65 1.35 -9.68
CA ARG C 435 3.92 1.33 -8.94
C ARG C 435 4.86 2.37 -9.54
N ARG C 436 5.10 3.45 -8.79
CA ARG C 436 5.83 4.60 -9.30
C ARG C 436 7.31 4.62 -8.97
N THR C 437 8.00 5.60 -9.56
CA THR C 437 9.38 5.98 -9.22
C THR C 437 10.33 4.79 -9.06
N SER C 444 -4.01 10.75 -8.31
CA SER C 444 -3.40 10.03 -9.42
C SER C 444 -3.49 10.82 -10.73
N ALA C 445 -2.35 11.00 -11.38
CA ALA C 445 -2.29 11.78 -12.61
C ALA C 445 -2.88 11.04 -13.81
N LEU C 446 -2.70 9.72 -13.85
CA LEU C 446 -3.19 8.92 -14.95
C LEU C 446 -4.72 8.86 -14.97
N LEU C 447 -5.32 8.65 -13.81
CA LEU C 447 -6.77 8.57 -13.71
C LEU C 447 -7.42 9.87 -14.13
N ASP C 448 -6.86 10.99 -13.67
CA ASP C 448 -7.36 12.31 -14.04
C ASP C 448 -7.18 12.52 -15.54
N GLY C 449 -6.12 11.97 -16.10
CA GLY C 449 -5.86 12.07 -17.52
C GLY C 449 -6.86 11.26 -18.33
N LEU C 450 -7.22 10.09 -17.83
CA LEU C 450 -8.18 9.23 -18.49
C LEU C 450 -9.57 9.85 -18.49
N ASP C 451 -9.93 10.48 -17.37
CA ASP C 451 -11.24 11.10 -17.22
C ASP C 451 -11.44 12.22 -18.25
N ALA C 452 -10.41 13.05 -18.41
CA ALA C 452 -10.48 14.16 -19.36
C ALA C 452 -10.47 13.65 -20.80
N ALA C 453 -9.76 12.55 -21.03
CA ALA C 453 -9.65 11.97 -22.36
C ALA C 453 -10.97 11.33 -22.81
N ALA C 455 -13.91 12.13 -21.67
CA ALA C 455 -14.84 13.25 -21.86
C ALA C 455 -14.67 13.86 -23.23
N GLN C 456 -13.42 14.11 -23.62
CA GLN C 456 -13.13 14.67 -24.93
C GLN C 456 -13.50 13.71 -26.06
N ALA C 457 -13.33 12.41 -25.80
CA ALA C 457 -13.62 11.39 -26.79
C ALA C 457 -15.11 11.23 -27.07
N VAL C 458 -15.92 11.37 -26.03
CA VAL C 458 -17.38 11.26 -26.17
C VAL C 458 -17.97 12.53 -26.78
N ALA C 459 -17.42 13.68 -26.39
CA ALA C 459 -17.86 14.97 -26.91
C ALA C 459 -17.62 15.06 -28.41
N ASP C 460 -16.38 14.84 -28.81
CA ASP C 460 -16.03 14.79 -30.23
C ASP C 460 -14.83 13.87 -30.45
N PRO C 461 -15.09 12.66 -30.95
CA PRO C 461 -14.07 11.62 -31.16
C PRO C 461 -13.03 12.01 -32.21
N SER C 462 -13.32 13.06 -32.98
CA SER C 462 -12.43 13.47 -34.07
C SER C 462 -11.59 14.69 -33.70
N ALA C 463 -11.80 15.19 -32.49
CA ALA C 463 -11.05 16.35 -32.01
C ALA C 463 -9.80 15.92 -31.25
N PRO C 464 -8.74 16.76 -31.30
CA PRO C 464 -7.49 16.48 -30.59
C PRO C 464 -7.69 16.24 -29.10
N LEU C 465 -6.95 15.28 -28.56
CA LEU C 465 -7.04 14.93 -27.15
C LEU C 465 -6.15 15.85 -26.32
N PRO C 466 -6.51 16.07 -25.04
CA PRO C 466 -5.83 16.98 -24.09
C PRO C 466 -4.32 17.07 -24.26
N HIS C 467 -3.84 18.27 -24.60
CA HIS C 467 -2.42 18.52 -24.79
C HIS C 467 -1.94 19.68 -23.92
N LEU D 13 52.40 12.09 4.52
CA LEU D 13 51.12 11.90 3.82
C LEU D 13 51.29 11.02 2.59
N ARG D 14 51.44 9.72 2.82
CA ARG D 14 51.67 8.76 1.75
C ARG D 14 50.48 8.60 0.82
N ARG D 15 50.74 8.06 -0.37
CA ARG D 15 49.69 7.68 -1.29
C ARG D 15 49.20 6.28 -0.92
N ALA D 16 47.90 6.05 -1.07
CA ALA D 16 47.30 4.76 -0.73
C ALA D 16 47.82 3.64 -1.64
N SER D 17 47.85 2.42 -1.10
CA SER D 17 48.34 1.27 -1.85
C SER D 17 47.34 0.86 -2.92
N PHE D 18 47.64 -0.24 -3.61
CA PHE D 18 46.80 -0.68 -4.72
C PHE D 18 45.52 -1.35 -4.24
N LEU D 19 45.58 -2.01 -3.08
CA LEU D 19 44.41 -2.64 -2.50
C LEU D 19 43.49 -1.63 -1.84
N GLN D 20 44.07 -0.59 -1.26
CA GLN D 20 43.31 0.47 -0.63
C GLN D 20 42.54 1.28 -1.66
N ARG D 21 43.25 1.70 -2.71
CA ARG D 21 42.66 2.49 -3.79
C ARG D 21 41.55 1.74 -4.50
N GLY D 22 41.69 0.42 -4.59
CA GLY D 22 40.71 -0.42 -5.25
C GLY D 22 39.47 -0.63 -4.41
N ALA D 23 39.67 -0.76 -3.10
CA ALA D 23 38.56 -1.00 -2.18
C ALA D 23 37.79 0.29 -1.87
N TRP D 24 38.44 1.43 -2.04
CA TRP D 24 37.83 2.71 -1.74
C TRP D 24 36.74 3.05 -2.75
N ARG D 25 36.79 2.40 -3.91
CA ARG D 25 35.82 2.61 -4.98
C ARG D 25 34.43 2.12 -4.60
N TRP D 26 34.35 1.29 -3.56
CA TRP D 26 33.07 0.78 -3.08
C TRP D 26 32.86 1.05 -1.58
N LEU D 27 33.87 1.63 -0.93
CA LEU D 27 33.78 1.91 0.51
C LEU D 27 33.49 3.38 0.81
N ARG D 28 33.51 4.23 -0.21
CA ARG D 28 33.27 5.65 -0.01
C ARG D 28 31.79 5.96 0.14
N GLU D 29 30.96 5.39 -0.74
CA GLU D 29 29.54 5.68 -0.76
C GLU D 29 28.71 4.62 -0.02
N ALA D 30 29.32 3.47 0.23
CA ALA D 30 28.66 2.42 1.01
C ALA D 30 28.54 2.88 2.47
N PRO D 31 27.65 2.22 3.24
CA PRO D 31 27.56 2.55 4.67
C PRO D 31 28.91 2.43 5.37
N PRO D 32 29.42 3.57 5.89
CA PRO D 32 30.75 3.65 6.51
C PRO D 32 30.94 2.67 7.68
N ALA D 33 29.83 2.14 8.20
CA ALA D 33 29.89 1.20 9.31
C ALA D 33 30.13 -0.23 8.83
N ALA D 34 29.78 -0.50 7.58
CA ALA D 34 29.97 -1.83 7.00
C ALA D 34 31.41 -2.05 6.56
N ALA D 35 32.26 -1.04 6.76
CA ALA D 35 33.67 -1.14 6.42
C ALA D 35 34.50 -1.54 7.64
N PHE D 36 33.83 -1.75 8.77
CA PHE D 36 34.52 -2.09 10.01
C PHE D 36 34.27 -3.54 10.42
N ALA D 37 35.25 -4.13 11.09
CA ALA D 37 35.12 -5.48 11.62
C ALA D 37 35.64 -5.53 13.04
N ALA D 38 35.26 -6.57 13.79
CA ALA D 38 35.62 -6.65 15.20
C ALA D 38 36.05 -8.05 15.64
N ARG D 39 37.25 -8.16 16.21
CA ARG D 39 37.74 -9.41 16.78
C ARG D 39 38.26 -9.15 18.19
N GLY D 40 38.41 -10.21 18.97
CA GLY D 40 38.85 -10.06 20.34
C GLY D 40 39.57 -11.26 20.93
N LEU D 41 40.45 -11.00 21.88
CA LEU D 41 41.14 -12.06 22.62
C LEU D 41 40.72 -12.04 24.09
N LEU D 42 40.34 -13.20 24.61
CA LEU D 42 39.96 -13.31 26.02
C LEU D 42 41.14 -13.75 26.86
N GLY D 43 41.51 -12.92 27.84
CA GLY D 43 42.58 -13.24 28.76
C GLY D 43 42.05 -13.66 30.11
N SER D 44 42.54 -14.79 30.61
CA SER D 44 42.05 -15.33 31.88
C SER D 44 43.19 -15.59 32.87
N GLY D 45 43.11 -14.93 34.02
CA GLY D 45 44.13 -15.05 35.04
C GLY D 45 44.32 -13.75 35.79
N ARG D 46 45.54 -13.51 36.27
CA ARG D 46 45.87 -12.27 36.96
C ARG D 46 46.37 -11.24 35.97
N ILE D 47 45.55 -10.23 35.70
CA ILE D 47 45.87 -9.24 34.68
C ILE D 47 46.01 -7.84 35.27
N ASP D 48 47.11 -7.18 34.96
CA ASP D 48 47.30 -5.78 35.34
C ASP D 48 46.72 -4.89 34.23
N ASP D 49 45.56 -4.30 34.50
CA ASP D 49 44.86 -3.50 33.50
C ASP D 49 45.65 -2.30 33.02
N ASP D 50 46.20 -1.52 33.96
CA ASP D 50 46.99 -0.35 33.62
C ASP D 50 48.23 -0.71 32.82
N ARG D 51 48.77 -1.90 33.08
CA ARG D 51 49.91 -2.39 32.33
C ARG D 51 49.45 -2.89 30.95
N LEU D 52 48.23 -3.41 30.90
CA LEU D 52 47.66 -3.87 29.64
C LEU D 52 47.24 -2.68 28.79
N ALA D 53 46.81 -1.61 29.44
CA ALA D 53 46.42 -0.38 28.74
C ALA D 53 47.65 0.35 28.21
N ALA D 54 48.71 0.38 29.02
CA ALA D 54 49.96 0.99 28.61
C ALA D 54 50.61 0.19 27.49
N ALA D 55 50.31 -1.11 27.46
CA ALA D 55 50.80 -1.97 26.40
C ALA D 55 50.06 -1.66 25.10
N ALA D 56 48.78 -1.29 25.24
CA ALA D 56 47.97 -0.94 24.09
C ALA D 56 48.41 0.39 23.50
N ASP D 57 48.72 1.35 24.36
CA ASP D 57 49.18 2.67 23.93
C ASP D 57 50.53 2.57 23.23
N GLU D 58 51.31 1.56 23.60
CA GLU D 58 52.61 1.34 23.00
C GLU D 58 52.48 0.85 21.57
N VAL D 59 51.61 -0.14 21.37
CA VAL D 59 51.37 -0.71 20.05
C VAL D 59 50.76 0.31 19.10
N LEU D 60 49.84 1.11 19.61
CA LEU D 60 49.19 2.15 18.81
C LEU D 60 50.20 3.21 18.38
N ASP D 61 51.24 3.39 19.18
CA ASP D 61 52.30 4.34 18.85
C ASP D 61 53.33 3.70 17.94
N ALA D 62 53.51 2.38 18.08
CA ALA D 62 54.53 1.66 17.33
C ALA D 62 54.11 1.36 15.88
N PHE D 63 52.81 1.37 15.63
CA PHE D 63 52.28 1.15 14.29
C PHE D 63 51.52 2.37 13.79
N PRO D 64 52.23 3.32 13.16
CA PRO D 64 51.64 4.57 12.66
C PRO D 64 50.52 4.33 11.64
N LEU D 65 50.42 3.12 11.11
CA LEU D 65 49.35 2.75 10.20
C LEU D 65 48.00 2.80 10.93
N LEU D 66 48.00 2.39 12.19
CA LEU D 66 46.78 2.33 12.98
C LEU D 66 46.19 3.72 13.22
N ARG D 67 47.04 4.74 13.18
CA ARG D 67 46.62 6.11 13.45
C ARG D 67 46.39 6.90 12.17
N VAL D 68 45.84 6.22 11.16
CA VAL D 68 45.70 6.81 9.84
C VAL D 68 44.25 7.16 9.48
N ASN D 69 44.06 8.34 8.91
CA ASN D 69 42.79 8.74 8.32
C ASN D 69 42.98 8.98 6.82
N PHE D 70 41.91 8.81 6.06
CA PHE D 70 42.03 8.91 4.59
C PHE D 70 41.54 10.25 4.05
N VAL D 71 42.29 10.79 3.10
CA VAL D 71 41.93 12.05 2.45
C VAL D 71 41.68 11.84 0.97
N ASP D 72 40.45 12.12 0.54
CA ASP D 72 40.06 11.97 -0.86
C ASP D 72 40.14 13.31 -1.59
N ASP D 73 41.36 13.71 -1.96
CA ASP D 73 41.56 14.97 -2.65
C ASP D 73 42.34 14.77 -3.95
N ASP D 74 41.60 14.53 -5.04
CA ASP D 74 42.19 14.18 -6.33
C ASP D 74 43.17 13.02 -6.17
N GLY D 75 42.63 11.86 -5.84
CA GLY D 75 43.43 10.69 -5.49
C GLY D 75 43.05 10.23 -4.09
N LEU D 76 43.77 9.24 -3.58
CA LEU D 76 43.51 8.76 -2.22
C LEU D 76 44.80 8.78 -1.41
N TRP D 77 44.72 9.36 -0.21
CA TRP D 77 45.91 9.59 0.60
C TRP D 77 45.76 9.13 2.04
N ARG D 79 46.77 10.05 5.91
CA ARG D 79 47.27 11.03 6.85
C ARG D 79 47.36 10.41 8.25
N THR D 80 48.51 10.58 8.90
CA THR D 80 48.72 10.00 10.22
C THR D 80 48.46 11.01 11.33
N ARG D 81 47.65 10.61 12.31
CA ARG D 81 47.38 11.46 13.47
C ARG D 81 48.52 11.39 14.47
N GLU D 82 48.77 12.50 15.15
CA GLU D 82 49.80 12.56 16.18
C GLU D 82 49.37 11.76 17.40
N ASN D 83 48.22 12.11 17.96
CA ASN D 83 47.66 11.39 19.09
C ASN D 83 46.71 10.29 18.66
N ALA D 84 46.68 9.20 19.43
CA ALA D 84 45.85 8.05 19.09
C ALA D 84 44.37 8.30 19.38
N ASP D 85 44.04 8.52 20.65
CA ASP D 85 42.65 8.65 21.10
C ASP D 85 41.83 7.45 20.68
N ALA D 86 42.42 6.26 20.79
CA ALA D 86 41.82 5.05 20.25
C ALA D 86 41.47 4.01 21.31
N LEU D 87 42.12 4.09 22.47
CA LEU D 87 41.91 3.13 23.53
C LEU D 87 40.62 3.42 24.31
N VAL D 88 39.84 2.37 24.56
CA VAL D 88 38.60 2.50 25.32
C VAL D 88 38.54 1.43 26.41
N ARG D 89 38.44 1.88 27.66
CA ARG D 89 38.38 0.96 28.79
C ARG D 89 36.95 0.83 29.30
N SER D 90 36.54 -0.39 29.61
CA SER D 90 35.18 -0.65 30.05
C SER D 90 35.10 -1.74 31.11
N ASP D 91 34.07 -1.68 31.94
CA ASP D 91 33.87 -2.66 33.01
C ASP D 91 32.45 -3.20 32.94
N LEU D 92 32.32 -4.52 32.88
CA LEU D 92 31.01 -5.16 32.71
C LEU D 92 30.68 -6.12 33.85
N ARG D 93 31.33 -5.95 35.00
CA ARG D 93 31.20 -6.89 36.10
C ARG D 93 29.80 -6.94 36.73
N GLY D 94 29.08 -5.82 36.67
CA GLY D 94 27.74 -5.79 37.24
C GLY D 94 26.73 -6.51 36.37
N HIS D 95 27.00 -6.58 35.08
CA HIS D 95 26.10 -7.16 34.09
C HIS D 95 25.94 -8.67 34.30
N PRO D 96 24.70 -9.17 34.11
CA PRO D 96 24.36 -10.60 34.21
C PRO D 96 25.25 -11.48 33.33
N ASP D 97 25.28 -11.19 32.02
CA ASP D 97 26.13 -11.95 31.09
C ASP D 97 27.16 -11.02 30.45
N PRO D 98 28.34 -10.89 31.10
CA PRO D 98 29.42 -10.02 30.62
C PRO D 98 29.93 -10.43 29.24
N GLN D 99 30.08 -11.73 29.01
CA GLN D 99 30.57 -12.24 27.75
C GLN D 99 29.67 -11.86 26.57
N ALA D 100 28.36 -12.04 26.75
CA ALA D 100 27.40 -11.70 25.72
C ALA D 100 27.31 -10.18 25.54
N ARG D 101 27.48 -9.46 26.64
CA ARG D 101 27.41 -8.00 26.60
C ARG D 101 28.64 -7.40 25.94
N CYS D 102 29.77 -8.08 26.10
CA CYS D 102 31.02 -7.63 25.47
C CYS D 102 30.99 -7.83 23.97
N VAL D 103 30.32 -8.90 23.52
CA VAL D 103 30.14 -9.16 22.10
C VAL D 103 29.35 -8.00 21.50
N GLU D 104 28.35 -7.54 22.23
CA GLU D 104 27.53 -6.43 21.78
C GLU D 104 28.29 -5.10 21.86
N LEU D 105 29.17 -4.99 22.86
CA LEU D 105 30.00 -3.79 22.99
C LEU D 105 30.86 -3.63 21.74
N LEU D 106 31.40 -4.73 21.24
CA LEU D 106 32.25 -4.72 20.06
C LEU D 106 31.45 -4.48 18.79
N ARG D 107 30.27 -5.08 18.71
CA ARG D 107 29.41 -4.89 17.54
C ARG D 107 28.93 -3.45 17.43
N ALA D 108 28.50 -2.88 18.55
CA ALA D 108 27.97 -1.54 18.59
C ALA D 108 29.01 -0.51 18.15
N ASP D 109 30.23 -0.66 18.67
CA ASP D 109 31.32 0.22 18.31
C ASP D 109 31.66 0.08 16.83
N ARG D 110 31.51 -1.14 16.32
CA ARG D 110 31.75 -1.43 14.91
C ARG D 110 30.69 -0.78 14.02
N ASP D 111 29.46 -0.75 14.51
CA ASP D 111 28.33 -0.30 13.69
C ASP D 111 27.99 1.18 13.89
N ARG D 112 28.49 1.78 14.96
CA ARG D 112 28.21 3.19 15.24
C ARG D 112 28.82 4.09 14.17
N PRO D 113 28.21 5.26 13.93
CA PRO D 113 28.70 6.17 12.89
C PRO D 113 30.11 6.68 13.17
N THR D 114 30.86 6.94 12.11
CA THR D 114 32.25 7.35 12.26
C THR D 114 32.66 8.31 11.15
N ASP D 115 33.34 9.40 11.53
CA ASP D 115 33.95 10.29 10.55
C ASP D 115 35.28 9.68 10.11
N PRO D 116 35.38 9.32 8.83
CA PRO D 116 36.58 8.64 8.30
C PRO D 116 37.80 9.55 8.21
N GLU D 117 37.63 10.82 8.59
CA GLU D 117 38.73 11.78 8.52
C GLU D 117 39.19 12.25 9.90
N ARG D 118 38.25 12.36 10.83
CA ARG D 118 38.58 12.83 12.18
C ARG D 118 38.76 11.68 13.17
N ASP D 119 37.76 10.82 13.26
CA ASP D 119 37.74 9.74 14.24
C ASP D 119 38.79 8.67 13.95
N PRO D 120 39.23 7.96 15.01
CA PRO D 120 40.17 6.85 14.83
C PRO D 120 39.53 5.69 14.06
N LEU D 121 40.28 5.09 13.14
CA LEU D 121 39.77 3.99 12.33
C LEU D 121 40.14 2.63 12.92
N VAL D 122 40.99 2.64 13.93
CA VAL D 122 41.31 1.42 14.67
C VAL D 122 41.18 1.69 16.15
N ARG D 123 40.22 1.04 16.80
CA ARG D 123 39.96 1.26 18.21
C ARG D 123 40.25 -0.01 19.02
N LEU D 124 41.06 0.14 20.06
CA LEU D 124 41.36 -0.97 20.95
C LEU D 124 40.42 -0.93 22.16
N HIS D 125 39.82 -2.07 22.48
CA HIS D 125 38.91 -2.16 23.62
C HIS D 125 39.51 -3.03 24.73
N LEU D 126 39.62 -2.45 25.93
CA LEU D 126 40.02 -3.21 27.10
C LEU D 126 38.81 -3.34 28.02
N VAL D 127 38.21 -4.53 28.03
CA VAL D 127 37.00 -4.77 28.78
C VAL D 127 37.19 -5.85 29.83
N ARG D 128 36.97 -5.50 31.10
CA ARG D 128 37.04 -6.48 32.18
C ARG D 128 35.66 -7.10 32.38
N LEU D 129 35.62 -8.43 32.42
CA LEU D 129 34.36 -9.17 32.53
C LEU D 129 34.12 -9.66 33.96
N SER D 130 35.11 -10.33 34.52
CA SER D 130 35.04 -10.82 35.89
C SER D 130 36.29 -10.39 36.65
N GLU D 131 36.58 -11.09 37.75
CA GLU D 131 37.75 -10.76 38.56
C GLU D 131 39.01 -11.35 37.96
N THR D 132 38.86 -12.24 36.98
CA THR D 132 40.00 -12.90 36.35
C THR D 132 39.87 -12.97 34.83
N ASP D 133 39.00 -12.15 34.25
CA ASP D 133 38.80 -12.17 32.80
C ASP D 133 38.84 -10.77 32.19
N VAL D 134 39.72 -10.59 31.21
CA VAL D 134 39.80 -9.34 30.46
C VAL D 134 39.76 -9.59 28.96
N VAL D 135 38.90 -8.87 28.26
CA VAL D 135 38.83 -8.99 26.81
C VAL D 135 39.53 -7.83 26.11
N LEU D 136 40.51 -8.16 25.27
CA LEU D 136 41.16 -7.18 24.44
C LEU D 136 40.62 -7.30 23.03
N GLY D 137 39.83 -6.32 22.61
CA GLY D 137 39.20 -6.36 21.31
C GLY D 137 39.65 -5.23 20.40
N VAL D 138 39.51 -5.44 19.10
CA VAL D 138 39.84 -4.42 18.12
C VAL D 138 38.69 -4.21 17.13
N VAL D 139 38.33 -2.96 16.92
CA VAL D 139 37.37 -2.59 15.89
C VAL D 139 38.11 -1.77 14.85
N ALA D 140 38.30 -2.33 13.65
CA ALA D 140 39.17 -1.72 12.66
C ALA D 140 38.55 -1.60 11.28
N HIS D 141 38.81 -0.47 10.63
CA HIS D 141 38.43 -0.27 9.24
C HIS D 141 39.22 -1.25 8.37
N GLN D 142 38.56 -1.87 7.41
CA GLN D 142 39.18 -2.96 6.66
C GLN D 142 40.20 -2.50 5.63
N LEU D 144 42.70 -0.72 6.64
CA LEU D 144 43.91 -0.65 7.45
C LEU D 144 44.30 -2.05 7.91
N LEU D 145 43.33 -2.79 8.44
CA LEU D 145 43.58 -4.14 8.92
C LEU D 145 42.70 -5.17 8.22
N ASP D 146 43.33 -6.16 7.60
CA ASP D 146 42.59 -7.30 7.08
C ASP D 146 42.36 -8.30 8.21
N ALA D 147 41.88 -9.49 7.88
CA ALA D 147 41.53 -10.48 8.90
C ALA D 147 42.73 -10.91 9.74
N ARG D 148 43.90 -11.01 9.11
CA ARG D 148 45.10 -11.45 9.80
C ARG D 148 45.71 -10.33 10.65
N SER D 149 45.72 -9.11 10.13
CA SER D 149 46.31 -7.98 10.82
C SER D 149 45.60 -7.61 12.12
N ARG D 150 44.32 -7.98 12.22
CA ARG D 150 43.58 -7.73 13.45
C ARG D 150 44.16 -8.57 14.60
N TYR D 151 44.48 -9.82 14.31
CA TYR D 151 45.06 -10.69 15.32
C TYR D 151 46.56 -10.46 15.50
N VAL D 153 47.71 -7.40 15.65
CA VAL D 153 47.68 -6.27 16.58
C VAL D 153 47.31 -6.73 17.99
N LEU D 154 46.25 -7.54 18.08
CA LEU D 154 45.82 -8.09 19.36
C LEU D 154 46.93 -8.90 20.02
N GLY D 155 47.67 -9.65 19.20
CA GLY D 155 48.79 -10.44 19.71
C GLY D 155 49.98 -9.58 20.06
N ALA D 156 50.12 -8.44 19.37
CA ALA D 156 51.22 -7.53 19.65
C ALA D 156 51.08 -6.86 21.01
N VAL D 157 49.84 -6.64 21.42
CA VAL D 157 49.56 -6.01 22.71
C VAL D 157 49.94 -6.93 23.87
N TRP D 158 49.55 -8.19 23.76
CA TRP D 158 49.83 -9.16 24.82
C TRP D 158 51.32 -9.47 24.96
N GLN D 159 52.07 -9.30 23.87
CA GLN D 159 53.51 -9.47 23.91
C GLN D 159 54.16 -8.26 24.59
N ALA D 160 53.53 -7.10 24.46
CA ALA D 160 54.00 -5.88 25.10
C ALA D 160 53.75 -5.95 26.60
N TYR D 161 52.65 -6.59 26.98
CA TYR D 161 52.32 -6.79 28.39
C TYR D 161 53.38 -7.67 29.04
N TYR D 162 53.89 -8.64 28.29
CA TYR D 162 54.95 -9.51 28.77
C TYR D 162 56.33 -8.98 28.36
N GLY D 163 56.37 -7.73 27.89
CA GLY D 163 57.61 -7.07 27.52
C GLY D 163 58.31 -7.61 26.29
N ARG D 164 57.66 -8.55 25.62
CA ARG D 164 58.29 -9.24 24.49
C ARG D 164 58.11 -8.54 23.16
N PHE D 165 57.46 -7.37 23.17
CA PHE D 165 57.21 -6.63 21.93
C PHE D 165 58.44 -5.89 21.44
N ARG D 166 58.84 -6.18 20.21
CA ARG D 166 59.94 -5.51 19.53
C ARG D 166 59.47 -5.10 18.14
N PRO D 167 59.46 -3.79 17.86
CA PRO D 167 59.00 -3.27 16.57
C PRO D 167 59.83 -3.74 15.37
N ALA D 168 60.93 -4.45 15.65
CA ALA D 168 61.81 -4.95 14.61
C ALA D 168 61.28 -6.24 13.97
N GLN D 169 60.55 -7.03 14.74
CA GLN D 169 59.99 -8.28 14.23
C GLN D 169 58.69 -8.05 13.45
N TYR D 170 58.38 -6.79 13.18
CA TYR D 170 57.25 -6.43 12.33
C TYR D 170 57.73 -5.49 11.23
N ARG D 171 57.40 -5.83 9.99
CA ARG D 171 57.74 -4.97 8.86
C ARG D 171 56.66 -3.92 8.64
N ASP D 172 57.07 -2.65 8.63
CA ASP D 172 56.13 -1.56 8.52
C ASP D 172 55.45 -1.54 7.15
N PHE D 173 54.17 -1.17 7.13
CA PHE D 173 53.39 -1.14 5.90
C PHE D 173 53.89 -0.06 4.93
N ALA D 174 54.62 0.92 5.46
CA ALA D 174 55.16 2.00 4.65
C ALA D 174 56.17 1.47 3.62
N GLU D 175 56.74 0.30 3.91
CA GLU D 175 57.70 -0.31 3.01
C GLU D 175 57.03 -1.02 1.84
N VAL D 176 55.75 -1.34 1.97
CA VAL D 176 55.03 -2.08 0.94
C VAL D 176 53.78 -1.36 0.43
N ALA D 177 53.59 -0.12 0.86
CA ALA D 177 52.47 0.67 0.38
C ALA D 177 52.65 0.97 -1.10
N ASP D 178 53.90 1.05 -1.53
CA ASP D 178 54.25 1.32 -2.91
C ASP D 178 54.30 0.02 -3.71
N PHE D 179 54.30 -1.10 -3.01
CA PHE D 179 54.45 -2.41 -3.63
C PHE D 179 53.24 -2.83 -4.47
N HIS D 180 53.52 -3.41 -5.65
CA HIS D 180 52.50 -3.95 -6.51
C HIS D 180 53.01 -5.27 -7.10
N PRO D 181 52.20 -6.34 -6.99
CA PRO D 181 52.57 -7.67 -7.49
C PRO D 181 52.88 -7.67 -8.98
N LEU D 182 52.19 -6.82 -9.73
CA LEU D 182 52.44 -6.67 -11.16
C LEU D 182 53.27 -5.41 -11.42
N ASP D 183 54.48 -5.41 -10.88
CA ASP D 183 55.37 -4.26 -10.99
C ASP D 183 55.77 -4.00 -12.44
N ARG D 184 56.16 -5.07 -13.13
CA ARG D 184 56.52 -4.96 -14.54
C ARG D 184 55.28 -4.78 -15.42
N GLU D 185 55.30 -3.74 -16.25
CA GLU D 185 54.15 -3.41 -17.09
C GLU D 185 53.84 -4.49 -18.13
N THR D 186 54.89 -5.16 -18.60
CA THR D 186 54.71 -6.22 -19.60
C THR D 186 53.91 -7.39 -19.01
N VAL D 187 54.15 -7.67 -17.74
CA VAL D 187 53.41 -8.70 -17.03
C VAL D 187 51.97 -8.25 -16.82
N ARG D 188 51.82 -6.97 -16.50
CA ARG D 188 50.51 -6.40 -16.18
C ARG D 188 49.54 -6.51 -17.37
N VAL D 189 50.01 -6.14 -18.56
CA VAL D 189 49.15 -6.20 -19.74
C VAL D 189 48.86 -7.65 -20.13
N ALA D 190 49.76 -8.56 -19.76
CA ALA D 190 49.60 -9.98 -20.07
C ALA D 190 48.49 -10.58 -19.21
N ARG D 191 48.45 -10.20 -17.94
CA ARG D 191 47.41 -10.64 -17.03
C ARG D 191 46.09 -10.02 -17.47
N HIS D 192 46.15 -8.75 -17.83
CA HIS D 192 45.01 -8.00 -18.33
C HIS D 192 44.41 -8.69 -19.56
N ARG D 193 45.27 -9.15 -20.45
CA ARG D 193 44.83 -9.81 -21.68
C ARG D 193 44.26 -11.19 -21.38
N TRP D 194 44.88 -11.89 -20.44
CA TRP D 194 44.44 -13.23 -20.06
C TRP D 194 43.01 -13.17 -19.56
N TRP D 195 42.72 -12.22 -18.68
CA TRP D 195 41.38 -12.07 -18.13
C TRP D 195 40.37 -11.56 -19.16
N SER D 196 40.82 -10.68 -20.04
CA SER D 196 39.95 -10.11 -21.06
C SER D 196 39.38 -11.17 -22.01
N ARG D 197 40.08 -12.29 -22.14
CA ARG D 197 39.61 -13.38 -22.98
C ARG D 197 38.67 -14.30 -22.22
N ARG D 198 38.87 -14.40 -20.91
CA ARG D 198 38.07 -15.29 -20.08
C ARG D 198 36.72 -14.69 -19.69
N LEU D 199 36.73 -13.41 -19.33
CA LEU D 199 35.54 -12.74 -18.80
C LEU D 199 34.25 -12.82 -19.62
N PRO D 200 34.32 -12.59 -20.95
CA PRO D 200 33.08 -12.69 -21.72
C PRO D 200 32.50 -14.10 -21.74
N ALA D 201 33.34 -15.11 -21.52
CA ALA D 201 32.92 -16.51 -21.60
C ALA D 201 32.30 -17.01 -20.29
N LEU D 202 32.34 -16.17 -19.25
CA LEU D 202 31.77 -16.55 -17.96
C LEU D 202 30.25 -16.70 -18.04
N PRO D 203 29.73 -17.85 -17.58
CA PRO D 203 28.30 -18.16 -17.62
C PRO D 203 27.45 -17.17 -16.84
N VAL D 204 26.23 -16.96 -17.33
CA VAL D 204 25.30 -16.01 -16.71
C VAL D 204 24.58 -16.66 -15.53
N ARG D 205 24.37 -15.90 -14.47
CA ARG D 205 23.68 -16.41 -13.29
C ARG D 205 22.48 -15.53 -12.91
N GLY D 206 22.76 -14.28 -12.52
CA GLY D 206 21.73 -13.35 -12.11
C GLY D 206 21.02 -12.71 -13.29
N GLY D 210 15.69 -6.11 -9.09
CA GLY D 210 16.68 -7.15 -8.94
C GLY D 210 16.20 -8.49 -9.47
N PRO D 211 15.40 -9.23 -8.66
CA PRO D 211 14.97 -8.84 -7.31
C PRO D 211 16.06 -9.03 -6.25
N VAL D 212 16.05 -8.19 -5.23
CA VAL D 212 17.06 -8.23 -4.18
C VAL D 212 16.44 -8.37 -2.79
N GLY D 213 16.64 -9.53 -2.17
CA GLY D 213 16.13 -9.78 -0.83
C GLY D 213 17.15 -9.44 0.23
N PRO D 214 16.73 -9.42 1.50
CA PRO D 214 17.64 -9.21 2.63
C PRO D 214 18.42 -10.49 2.90
N PRO D 215 19.64 -10.37 3.43
CA PRO D 215 20.44 -11.57 3.69
C PRO D 215 19.90 -12.38 4.84
N GLU D 216 19.61 -13.65 4.60
CA GLU D 216 19.28 -14.56 5.69
C GLU D 216 20.54 -15.33 6.07
N THR D 217 20.75 -15.50 7.36
CA THR D 217 21.97 -16.14 7.83
C THR D 217 21.69 -17.50 8.49
N SER D 218 22.49 -18.49 8.13
CA SER D 218 22.39 -19.81 8.75
C SER D 218 23.74 -20.18 9.35
N ARG D 219 23.71 -20.95 10.44
CA ARG D 219 24.94 -21.33 11.12
C ARG D 219 25.04 -22.84 11.31
N LEU D 220 26.26 -23.36 11.21
CA LEU D 220 26.50 -24.78 11.39
C LEU D 220 27.73 -24.99 12.27
N ARG D 221 27.58 -25.75 13.34
CA ARG D 221 28.67 -26.00 14.26
C ARG D 221 29.41 -27.29 13.90
N VAL D 222 30.66 -27.16 13.49
CA VAL D 222 31.49 -28.30 13.10
C VAL D 222 32.51 -28.60 14.18
N PRO D 223 32.57 -29.87 14.64
CA PRO D 223 33.53 -30.31 15.65
C PRO D 223 34.97 -30.02 15.22
N GLY D 224 35.77 -29.54 16.16
CA GLY D 224 37.15 -29.15 15.88
C GLY D 224 38.01 -30.24 15.28
N SER D 225 37.76 -31.48 15.69
CA SER D 225 38.53 -32.62 15.20
C SER D 225 38.24 -32.86 13.71
N ARG D 226 36.99 -32.65 13.31
CA ARG D 226 36.59 -32.84 11.92
C ARG D 226 37.15 -31.73 11.05
N TRP D 227 36.98 -30.49 11.50
CA TRP D 227 37.47 -29.33 10.76
C TRP D 227 38.97 -29.38 10.58
N GLN D 228 39.67 -29.86 11.61
CA GLN D 228 41.12 -29.99 11.53
C GLN D 228 41.52 -31.06 10.51
N ALA D 229 40.84 -32.20 10.56
CA ALA D 229 41.13 -33.31 9.67
C ALA D 229 40.86 -32.95 8.21
N LEU D 230 40.07 -31.91 8.00
CA LEU D 230 39.70 -31.48 6.65
C LEU D 230 40.56 -30.31 6.18
N THR D 231 41.23 -29.65 7.12
CA THR D 231 41.92 -28.40 6.82
C THR D 231 43.42 -28.45 7.07
N GLU D 232 43.85 -29.28 8.02
CA GLU D 232 45.26 -29.38 8.41
C GLU D 232 46.22 -29.43 7.21
N PRO D 233 47.36 -28.72 7.32
CA PRO D 233 48.35 -28.61 6.23
C PRO D 233 48.82 -29.98 5.72
N GLY D 234 48.99 -30.93 6.65
CA GLY D 234 49.45 -32.26 6.30
C GLY D 234 48.32 -33.24 6.10
N GLY D 235 47.21 -32.76 5.54
CA GLY D 235 46.07 -33.62 5.26
C GLY D 235 46.34 -34.51 4.07
N PRO D 236 45.48 -35.52 3.84
CA PRO D 236 45.66 -36.45 2.72
C PRO D 236 45.51 -35.76 1.37
N LEU D 237 44.52 -34.88 1.26
CA LEU D 237 44.29 -34.15 0.02
C LEU D 237 44.93 -32.76 0.04
N GLY D 238 45.98 -32.62 0.85
CA GLY D 238 46.66 -31.35 1.01
C GLY D 238 45.72 -30.27 1.49
N GLY D 239 45.10 -30.51 2.64
CA GLY D 239 44.04 -29.67 3.18
C GLY D 239 44.21 -28.17 3.09
N ASN D 240 43.13 -27.51 2.68
CA ASN D 240 43.06 -26.06 2.62
C ASN D 240 41.65 -25.60 2.98
N GLY D 241 41.54 -24.76 4.00
CA GLY D 241 40.26 -24.30 4.49
C GLY D 241 39.36 -23.67 3.45
N SER D 242 39.91 -22.72 2.70
CA SER D 242 39.14 -21.97 1.71
C SER D 242 38.77 -22.85 0.51
N LEU D 243 39.70 -23.70 0.08
CA LEU D 243 39.48 -24.55 -1.08
C LEU D 243 38.52 -25.71 -0.80
N ALA D 244 38.57 -26.23 0.43
CA ALA D 244 37.66 -27.31 0.83
C ALA D 244 36.22 -26.80 0.89
N ALA D 246 35.15 -24.19 -0.80
CA ALA D 246 34.81 -23.83 -2.17
C ALA D 246 34.38 -25.08 -2.94
N ALA D 247 35.09 -26.18 -2.73
CA ALA D 247 34.80 -27.42 -3.45
C ALA D 247 33.43 -27.97 -3.08
N LEU D 248 33.14 -27.99 -1.79
CA LEU D 248 31.87 -28.55 -1.30
C LEU D 248 30.67 -27.67 -1.60
N THR D 249 30.86 -26.36 -1.55
CA THR D 249 29.80 -25.41 -1.88
C THR D 249 29.46 -25.48 -3.36
N ALA D 250 30.50 -25.52 -4.19
CA ALA D 250 30.32 -25.63 -5.64
C ALA D 250 29.59 -26.93 -5.97
N TRP D 251 29.96 -27.99 -5.28
CA TRP D 251 29.34 -29.30 -5.48
C TRP D 251 27.85 -29.28 -5.18
N TRP D 252 27.49 -28.66 -4.06
CA TRP D 252 26.09 -28.68 -3.62
C TRP D 252 25.19 -27.87 -4.54
N LEU D 253 25.66 -26.70 -4.95
CA LEU D 253 24.91 -25.88 -5.89
C LEU D 253 24.82 -26.58 -7.24
N TRP D 254 25.79 -27.44 -7.51
CA TRP D 254 25.80 -28.25 -8.72
C TRP D 254 24.77 -29.38 -8.64
N THR D 255 24.55 -29.90 -7.44
CA THR D 255 23.53 -30.92 -7.22
C THR D 255 22.15 -30.29 -7.04
N GLN D 256 22.15 -29.00 -6.66
CA GLN D 256 20.96 -28.25 -6.22
C GLN D 256 20.51 -28.56 -4.78
N ASP D 273 27.25 -27.23 -14.82
CA ASP D 273 28.49 -27.13 -15.58
C ASP D 273 29.60 -26.49 -14.75
N SER D 274 29.96 -25.26 -15.09
CA SER D 274 31.06 -24.57 -14.43
C SER D 274 30.55 -23.47 -13.51
N LEU D 275 30.98 -23.49 -12.25
CA LEU D 275 30.57 -22.50 -11.27
C LEU D 275 31.74 -21.62 -10.88
N TYR D 276 31.55 -20.32 -10.91
CA TYR D 276 32.61 -19.38 -10.55
C TYR D 276 32.37 -18.74 -9.19
N LEU D 277 33.42 -18.73 -8.37
CA LEU D 277 33.35 -18.15 -7.04
C LEU D 277 34.64 -17.43 -6.69
N SER D 278 34.70 -16.81 -5.52
CA SER D 278 35.90 -16.08 -5.11
C SER D 278 36.48 -16.64 -3.82
N THR D 279 37.77 -16.41 -3.62
CA THR D 279 38.50 -16.88 -2.46
C THR D 279 39.59 -15.86 -2.14
N GLU D 280 39.88 -15.65 -0.86
CA GLU D 280 40.90 -14.68 -0.47
C GLU D 280 42.30 -15.28 -0.45
N VAL D 281 43.27 -14.47 -0.87
CA VAL D 281 44.67 -14.88 -0.86
C VAL D 281 45.49 -13.90 -0.03
N ASP D 282 46.26 -14.42 0.91
CA ASP D 282 47.15 -13.59 1.73
C ASP D 282 48.44 -13.35 0.95
N LEU D 283 48.63 -12.12 0.50
CA LEU D 283 49.79 -11.78 -0.33
C LEU D 283 51.11 -11.85 0.45
N ARG D 284 51.03 -11.87 1.77
CA ARG D 284 52.21 -12.04 2.60
C ARG D 284 52.79 -13.42 2.38
N ASP D 285 51.93 -14.44 2.42
CA ASP D 285 52.37 -15.82 2.28
C ASP D 285 52.69 -16.17 0.83
N HIS D 286 51.95 -15.55 -0.08
CA HIS D 286 52.10 -15.84 -1.50
C HIS D 286 53.30 -15.16 -2.12
N LEU D 287 53.58 -13.94 -1.68
CA LEU D 287 54.66 -13.16 -2.28
C LEU D 287 55.80 -12.92 -1.30
N GLN D 288 55.79 -13.67 -0.20
CA GLN D 288 56.84 -13.61 0.82
C GLN D 288 57.15 -12.19 1.32
N LEU D 289 56.10 -11.43 1.59
CA LEU D 289 56.26 -10.16 2.30
C LEU D 289 56.48 -10.51 3.77
N GLY D 290 56.99 -9.57 4.54
CA GLY D 290 57.30 -9.85 5.93
C GLY D 290 56.05 -10.01 6.80
N SER D 291 56.25 -9.97 8.11
CA SER D 291 55.13 -9.92 9.03
C SER D 291 54.59 -8.50 9.04
N VAL D 292 53.77 -8.18 8.04
CA VAL D 292 53.29 -6.83 7.85
C VAL D 292 51.86 -6.63 8.35
N VAL D 293 51.69 -5.66 9.25
CA VAL D 293 50.35 -5.26 9.66
C VAL D 293 49.83 -4.32 8.59
N GLY D 294 48.69 -4.66 8.00
CA GLY D 294 48.12 -3.86 6.93
C GLY D 294 47.25 -4.64 5.97
N PRO D 295 46.67 -3.95 4.98
CA PRO D 295 45.81 -4.56 3.96
C PRO D 295 46.61 -5.24 2.86
N LEU D 296 46.81 -6.55 3.00
CA LEU D 296 47.55 -7.32 2.01
C LEU D 296 46.82 -8.60 1.63
N THR D 297 45.51 -8.59 1.82
CA THR D 297 44.67 -9.71 1.44
C THR D 297 43.79 -9.33 0.24
N ASP D 298 43.74 -10.20 -0.76
CA ASP D 298 42.97 -9.92 -1.96
C ASP D 298 42.14 -11.13 -2.39
N ARG D 299 41.09 -10.86 -3.16
CA ARG D 299 40.22 -11.91 -3.67
C ARG D 299 40.69 -12.38 -5.04
N VAL D 300 40.51 -13.68 -5.31
CA VAL D 300 40.77 -14.22 -6.63
C VAL D 300 39.54 -14.96 -7.16
N VAL D 301 39.19 -14.69 -8.42
CA VAL D 301 38.03 -15.33 -9.03
C VAL D 301 38.48 -16.53 -9.84
N PHE D 302 37.82 -17.67 -9.63
CA PHE D 302 38.11 -18.87 -10.38
C PHE D 302 36.87 -19.75 -10.51
N GLY D 303 36.88 -20.66 -11.47
CA GLY D 303 35.74 -21.51 -11.72
C GLY D 303 36.03 -22.96 -11.36
N VAL D 304 35.04 -23.62 -10.77
CA VAL D 304 35.14 -25.05 -10.49
C VAL D 304 34.35 -25.80 -11.56
N ASP D 305 35.06 -26.31 -12.56
CA ASP D 305 34.45 -27.07 -13.65
C ASP D 305 34.00 -28.44 -13.17
N LEU D 306 32.72 -28.75 -13.35
CA LEU D 306 32.13 -29.99 -12.87
C LEU D 306 31.44 -30.75 -13.99
N THR D 307 32.01 -30.66 -15.19
CA THR D 307 31.33 -31.12 -16.40
C THR D 307 31.01 -32.62 -16.43
N GLY D 308 32.04 -33.46 -16.38
CA GLY D 308 31.83 -34.90 -16.52
C GLY D 308 31.73 -35.65 -15.20
N LEU D 309 30.94 -35.12 -14.27
CA LEU D 309 30.87 -35.71 -12.94
C LEU D 309 29.59 -36.49 -12.68
N ARG D 310 29.77 -37.74 -12.27
CA ARG D 310 28.69 -38.57 -11.72
C ARG D 310 29.23 -39.20 -10.45
N GLU D 311 28.40 -39.23 -9.41
CA GLU D 311 28.80 -39.69 -8.07
C GLU D 311 30.23 -39.29 -7.66
N PRO D 312 30.53 -37.99 -7.67
CA PRO D 312 31.92 -37.57 -7.43
C PRO D 312 32.32 -37.72 -5.97
N SER D 313 33.62 -37.84 -5.73
CA SER D 313 34.15 -37.91 -4.37
C SER D 313 34.71 -36.55 -3.98
N PHE D 314 35.24 -36.45 -2.76
CA PHE D 314 35.85 -35.21 -2.30
C PHE D 314 37.10 -34.93 -3.11
N ARG D 315 37.84 -35.98 -3.45
CA ARG D 315 39.06 -35.85 -4.24
C ARG D 315 38.77 -35.32 -5.64
N ASP D 316 37.67 -35.77 -6.23
CA ASP D 316 37.25 -35.32 -7.55
C ASP D 316 37.02 -33.80 -7.59
N LEU D 317 36.29 -33.30 -6.61
CA LEU D 317 35.99 -31.87 -6.52
C LEU D 317 37.24 -31.07 -6.16
N SER D 319 40.31 -31.76 -6.66
CA SER D 319 41.21 -31.73 -7.82
C SER D 319 40.80 -30.62 -8.79
N ARG D 320 39.50 -30.55 -9.07
CA ARG D 320 38.97 -29.56 -10.00
C ARG D 320 39.00 -28.15 -9.44
N THR D 321 38.72 -28.03 -8.15
CA THR D 321 38.75 -26.73 -7.46
C THR D 321 40.18 -26.20 -7.43
N GLN D 322 41.14 -27.07 -7.15
CA GLN D 322 42.53 -26.68 -7.02
C GLN D 322 43.11 -26.33 -8.39
N ALA D 323 42.63 -27.00 -9.43
CA ALA D 323 43.09 -26.73 -10.78
C ALA D 323 42.68 -25.33 -11.24
N GLY D 324 41.43 -24.98 -11.00
CA GLY D 324 40.92 -23.66 -11.38
C GLY D 324 41.53 -22.55 -10.56
N PHE D 325 41.69 -22.81 -9.26
CA PHE D 325 42.23 -21.81 -8.34
C PHE D 325 43.67 -21.45 -8.67
N LEU D 326 44.52 -22.46 -8.78
CA LEU D 326 45.93 -22.25 -9.07
C LEU D 326 46.15 -21.58 -10.42
N ASP D 327 45.25 -21.86 -11.36
CA ASP D 327 45.31 -21.22 -12.68
C ASP D 327 45.07 -19.73 -12.53
N ALA D 328 44.13 -19.37 -11.66
CA ALA D 328 43.82 -17.96 -11.41
C ALA D 328 44.95 -17.28 -10.64
N VAL D 329 45.61 -18.04 -9.78
CA VAL D 329 46.72 -17.52 -8.98
C VAL D 329 47.96 -17.27 -9.84
N VAL D 330 48.28 -18.21 -10.72
CA VAL D 330 49.38 -18.06 -11.67
C VAL D 330 49.17 -16.84 -12.56
N HIS D 331 47.91 -16.63 -12.99
CA HIS D 331 47.57 -15.48 -13.81
C HIS D 331 46.89 -14.41 -12.95
N TYR D 332 47.48 -14.14 -11.79
CA TYR D 332 46.89 -13.23 -10.81
C TYR D 332 46.67 -11.82 -11.33
N LEU D 333 45.49 -11.29 -11.06
CA LEU D 333 45.15 -9.90 -11.34
C LEU D 333 44.30 -9.42 -10.18
N PRO D 334 44.66 -8.27 -9.60
CA PRO D 334 43.95 -7.72 -8.44
C PRO D 334 42.44 -7.67 -8.67
N TYR D 335 41.67 -8.14 -7.70
CA TYR D 335 40.23 -8.26 -7.82
C TYR D 335 39.55 -7.00 -8.35
N HIS D 336 40.03 -5.84 -7.90
CA HIS D 336 39.44 -4.58 -8.33
C HIS D 336 39.74 -4.27 -9.80
N ASP D 337 40.82 -4.84 -10.31
CA ASP D 337 41.15 -4.71 -11.72
C ASP D 337 40.33 -5.69 -12.56
N VAL D 338 40.04 -6.85 -11.98
CA VAL D 338 39.17 -7.83 -12.62
C VAL D 338 37.76 -7.26 -12.76
N VAL D 339 37.30 -6.59 -11.70
CA VAL D 339 35.98 -5.96 -11.70
C VAL D 339 35.92 -4.84 -12.73
N ASP D 340 36.89 -3.94 -12.69
CA ASP D 340 36.97 -2.83 -13.64
C ASP D 340 36.99 -3.32 -15.08
N LEU D 341 37.66 -4.44 -15.31
CA LEU D 341 37.75 -5.00 -16.65
C LEU D 341 36.41 -5.59 -17.08
N ALA D 342 35.73 -6.25 -16.16
CA ALA D 342 34.43 -6.85 -16.44
C ALA D 342 33.38 -5.77 -16.72
N VAL D 343 33.56 -4.61 -16.11
CA VAL D 343 32.66 -3.49 -16.33
C VAL D 343 32.83 -2.93 -17.72
N ASP D 344 34.08 -2.75 -18.15
CA ASP D 344 34.38 -2.17 -19.46
C ASP D 344 33.94 -3.08 -20.60
N LEU D 345 33.98 -4.39 -20.36
CA LEU D 345 33.58 -5.36 -21.38
C LEU D 345 32.06 -5.55 -21.38
N GLY D 346 31.38 -4.84 -20.48
CA GLY D 346 29.93 -4.92 -20.40
C GLY D 346 29.44 -6.24 -19.85
N VAL D 347 30.36 -7.03 -19.31
CA VAL D 347 30.02 -8.32 -18.73
C VAL D 347 29.09 -8.15 -17.53
N VAL D 348 29.41 -7.21 -16.65
CA VAL D 348 28.55 -6.89 -15.52
C VAL D 348 28.33 -5.38 -15.44
N THR D 349 27.27 -4.98 -14.75
CA THR D 349 26.97 -3.57 -14.57
C THR D 349 26.95 -3.23 -13.08
N PRO D 350 27.71 -2.20 -12.68
CA PRO D 350 27.70 -1.76 -11.28
C PRO D 350 26.29 -1.37 -10.83
N PRO D 351 25.96 -1.58 -9.55
CA PRO D 351 26.85 -2.10 -8.51
C PRO D 351 26.90 -3.64 -8.40
N ARG D 352 26.22 -4.33 -9.30
CA ARG D 352 26.18 -5.79 -9.28
C ARG D 352 27.39 -6.39 -9.98
N VAL D 353 28.59 -6.02 -9.53
CA VAL D 353 29.82 -6.41 -10.22
C VAL D 353 30.22 -7.88 -10.01
N ALA D 354 29.61 -8.52 -9.03
CA ALA D 354 29.94 -9.91 -8.70
C ALA D 354 28.88 -10.90 -9.18
N ALA D 355 28.06 -10.48 -10.14
CA ALA D 355 26.98 -11.33 -10.64
C ALA D 355 27.48 -12.56 -11.37
N ARG D 356 28.66 -12.46 -11.98
CA ARG D 356 29.23 -13.57 -12.74
C ARG D 356 30.02 -14.53 -11.86
N TRP D 357 30.25 -14.14 -10.61
CA TRP D 357 30.88 -15.00 -9.62
C TRP D 357 30.25 -14.79 -8.25
N ASP D 358 28.95 -15.06 -8.17
CA ASP D 358 28.15 -14.69 -7.02
C ASP D 358 28.25 -15.63 -5.82
N VAL D 359 29.35 -16.38 -5.73
CA VAL D 359 29.62 -17.17 -4.54
C VAL D 359 30.93 -16.70 -3.92
N ALA D 360 30.90 -16.36 -2.64
CA ALA D 360 32.08 -15.82 -1.97
C ALA D 360 32.51 -16.64 -0.76
N VAL D 361 33.75 -17.10 -0.79
CA VAL D 361 34.34 -17.79 0.35
C VAL D 361 35.33 -16.85 1.02
N HIS D 362 34.96 -16.35 2.19
CA HIS D 362 35.80 -15.38 2.91
C HIS D 362 36.86 -16.06 3.77
N LEU D 363 37.67 -16.90 3.13
CA LEU D 363 38.72 -17.63 3.83
C LEU D 363 40.03 -17.60 3.07
N CYS D 364 41.13 -17.79 3.78
CA CYS D 364 42.43 -18.00 3.16
C CYS D 364 42.87 -19.44 3.39
N ARG D 365 44.15 -19.72 3.18
CA ARG D 365 44.69 -21.05 3.42
C ARG D 365 44.75 -21.32 4.93
N ASN D 366 45.09 -20.28 5.69
CA ASN D 366 45.18 -20.38 7.14
C ASN D 366 44.16 -19.50 7.85
N ALA D 367 43.87 -19.85 9.10
CA ALA D 367 43.00 -19.01 9.92
C ALA D 367 43.75 -17.71 10.21
N PRO D 368 43.01 -16.60 10.36
CA PRO D 368 43.62 -15.30 10.69
C PRO D 368 44.38 -15.34 12.01
N SER D 369 44.00 -16.26 12.90
CA SER D 369 44.62 -16.37 14.22
C SER D 369 45.82 -17.33 14.22
N SER D 370 46.14 -17.87 13.04
CA SER D 370 47.23 -18.84 12.90
C SER D 370 48.59 -18.28 13.32
N SER D 371 48.73 -16.95 13.23
CA SER D 371 49.96 -16.28 13.61
C SER D 371 50.24 -16.39 15.11
N LEU D 372 49.19 -16.71 15.87
CA LEU D 372 49.29 -16.81 17.32
C LEU D 372 49.34 -18.26 17.78
N THR D 373 48.69 -19.13 17.02
CA THR D 373 48.64 -20.56 17.34
C THR D 373 49.68 -21.34 16.55
N VAL D 384 48.49 -16.01 32.50
CA VAL D 384 47.25 -15.67 31.81
C VAL D 384 47.00 -16.59 30.60
N SER D 385 45.85 -17.24 30.58
CA SER D 385 45.49 -18.12 29.47
C SER D 385 44.71 -17.34 28.44
N ILE D 386 45.28 -17.19 27.24
CA ILE D 386 44.70 -16.38 26.19
C ILE D 386 44.11 -17.22 25.06
N GLU D 387 42.86 -16.94 24.71
CA GLU D 387 42.20 -17.63 23.61
C GLU D 387 41.33 -16.67 22.82
N LEU D 388 40.83 -17.13 21.67
CA LEU D 388 39.94 -16.34 20.84
C LEU D 388 38.61 -16.10 21.56
N PHE D 389 38.07 -14.90 21.41
CA PHE D 389 36.85 -14.50 22.12
C PHE D 389 35.62 -14.46 21.22
N ARG D 390 34.78 -15.49 21.32
CA ARG D 390 33.48 -15.52 20.65
C ARG D 390 33.55 -15.12 19.18
N GLU D 391 34.53 -15.67 18.46
CA GLU D 391 34.80 -15.24 17.08
C GLU D 391 33.58 -15.37 16.18
N ALA D 392 32.86 -16.48 16.30
CA ALA D 392 31.69 -16.74 15.46
C ALA D 392 30.54 -15.80 15.76
N ASP D 393 30.58 -15.18 16.93
CA ASP D 393 29.53 -14.24 17.33
C ASP D 393 29.84 -12.81 16.87
N LEU D 394 31.01 -12.63 16.26
CA LEU D 394 31.43 -11.31 15.80
C LEU D 394 31.46 -11.24 14.27
N ILE D 395 31.11 -12.34 13.61
CA ILE D 395 31.11 -12.38 12.16
C ILE D 395 29.76 -12.82 11.63
N GLY D 396 29.44 -12.42 10.40
CA GLY D 396 28.21 -12.83 9.75
C GLY D 396 27.21 -11.71 9.55
N GLY D 397 26.21 -11.95 8.71
CA GLY D 397 25.19 -10.96 8.42
C GLY D 397 24.15 -10.85 9.52
N ASP D 398 24.07 -11.87 10.36
CA ASP D 398 23.11 -11.88 11.46
C ASP D 398 23.57 -11.04 12.64
N THR D 399 24.79 -10.52 12.54
CA THR D 399 25.34 -9.65 13.58
C THR D 399 25.14 -8.19 13.19
N ARG D 400 24.62 -7.98 11.99
CA ARG D 400 24.36 -6.63 11.50
C ARG D 400 22.88 -6.43 11.20
N SER D 401 22.43 -5.19 11.29
CA SER D 401 21.05 -4.86 10.97
C SER D 401 20.78 -5.04 9.48
N ALA D 402 19.55 -5.42 9.15
CA ALA D 402 19.14 -5.56 7.76
C ALA D 402 17.87 -4.76 7.52
N THR D 403 17.64 -4.37 6.27
CA THR D 403 16.48 -3.56 5.92
C THR D 403 15.83 -4.08 4.64
N ASP D 404 14.54 -3.79 4.46
CA ASP D 404 13.82 -4.24 3.27
C ASP D 404 13.18 -3.08 2.51
N THR D 405 13.54 -1.85 2.88
CA THR D 405 13.01 -0.66 2.24
C THR D 405 13.38 -0.66 0.76
N TRP D 406 12.44 -0.23 -0.08
CA TRP D 406 12.60 -0.29 -1.52
C TRP D 406 13.45 0.85 -2.07
N ASP D 407 13.40 2.00 -1.41
CA ASP D 407 14.14 3.18 -1.86
C ASP D 407 15.51 3.33 -1.18
N GLY D 408 15.90 2.30 -0.45
CA GLY D 408 17.24 2.23 0.11
C GLY D 408 18.22 1.78 -0.97
N THR D 409 18.79 2.75 -1.66
CA THR D 409 19.60 2.52 -2.87
C THR D 409 20.60 1.36 -2.79
N ASP D 410 20.71 0.63 -3.89
CA ASP D 410 21.52 -0.58 -3.95
C ASP D 410 23.01 -0.34 -3.84
N THR D 411 23.66 -1.12 -2.98
CA THR D 411 25.11 -1.11 -2.86
C THR D 411 25.62 -2.55 -2.92
N TRP D 412 24.66 -3.48 -2.99
CA TRP D 412 24.91 -4.91 -3.06
C TRP D 412 25.68 -5.28 -4.33
N ASP D 413 26.66 -6.15 -4.20
CA ASP D 413 27.53 -6.48 -5.33
C ASP D 413 27.02 -7.65 -6.17
N GLY D 414 25.93 -8.27 -5.74
CA GLY D 414 25.32 -9.36 -6.49
C GLY D 414 25.66 -10.73 -5.95
N THR D 415 26.42 -10.77 -4.85
CA THR D 415 26.82 -12.04 -4.26
C THR D 415 25.64 -12.70 -3.53
N THR D 416 25.25 -13.89 -4.00
CA THR D 416 24.11 -14.59 -3.43
C THR D 416 24.48 -15.53 -2.30
N THR D 417 25.77 -15.84 -2.17
CA THR D 417 26.24 -16.75 -1.13
C THR D 417 27.57 -16.33 -0.52
N ASP D 418 27.53 -15.78 0.68
CA ASP D 418 28.75 -15.48 1.42
C ASP D 418 28.98 -16.59 2.44
N LEU D 419 30.21 -17.06 2.52
CA LEU D 419 30.54 -18.17 3.43
C LEU D 419 31.78 -17.84 4.27
N SER D 420 31.58 -17.76 5.58
CA SER D 420 32.67 -17.49 6.50
C SER D 420 32.73 -18.54 7.59
N VAL D 421 33.89 -18.65 8.23
CA VAL D 421 34.02 -19.55 9.37
C VAL D 421 34.51 -18.78 10.60
N GLY D 422 34.14 -19.26 11.77
CA GLY D 422 34.55 -18.64 13.02
C GLY D 422 34.62 -19.67 14.12
N GLU D 423 35.55 -19.48 15.04
CA GLU D 423 35.73 -20.40 16.14
C GLU D 423 34.78 -20.06 17.30
N LEU D 424 34.04 -21.06 17.75
CA LEU D 424 33.14 -20.90 18.90
C LEU D 424 33.32 -22.10 19.81
N GLY D 425 33.88 -21.87 20.99
CA GLY D 425 34.27 -22.95 21.87
C GLY D 425 35.56 -23.57 21.37
N GLU D 426 35.58 -24.89 21.23
CA GLU D 426 36.72 -25.57 20.63
C GLU D 426 36.30 -26.12 19.28
N ASP D 427 35.16 -25.63 18.79
CA ASP D 427 34.62 -26.03 17.50
C ASP D 427 34.84 -24.96 16.44
N VAL D 429 32.48 -22.76 13.44
CA VAL D 429 31.11 -22.46 13.00
C VAL D 429 31.07 -21.89 11.58
N ILE D 430 30.40 -22.61 10.69
CA ILE D 430 30.19 -22.14 9.32
C ILE D 430 29.07 -21.08 9.33
N VAL D 431 29.39 -19.88 8.86
CA VAL D 431 28.41 -18.80 8.81
C VAL D 431 28.01 -18.51 7.37
N LEU D 432 26.80 -18.92 7.01
CA LEU D 432 26.34 -18.80 5.63
C LEU D 432 25.37 -17.63 5.45
N ASP D 433 25.73 -16.70 4.59
CA ASP D 433 24.85 -15.58 4.25
C ASP D 433 24.23 -15.80 2.88
N GLN D 434 22.93 -16.07 2.87
CA GLN D 434 22.21 -16.35 1.63
C GLN D 434 21.29 -15.20 1.25
N ARG D 435 21.15 -14.98 -0.04
CA ARG D 435 20.16 -14.06 -0.57
C ARG D 435 19.15 -14.85 -1.40
N ARG D 436 17.87 -14.54 -1.24
CA ARG D 436 16.83 -15.21 -2.01
C ARG D 436 17.02 -14.94 -3.50
N THR D 437 17.26 -16.00 -4.26
CA THR D 437 17.54 -15.88 -5.68
C THR D 437 16.26 -15.88 -6.52
N SER D 444 20.69 -22.99 4.55
CA SER D 444 19.91 -23.86 5.43
C SER D 444 19.92 -25.29 4.90
N ALA D 445 19.39 -25.47 3.69
CA ALA D 445 19.43 -26.75 3.01
C ALA D 445 20.85 -26.99 2.48
N LEU D 446 21.55 -25.89 2.21
CA LEU D 446 22.94 -25.95 1.77
C LEU D 446 23.83 -26.45 2.90
N LEU D 447 23.60 -25.92 4.10
CA LEU D 447 24.39 -26.30 5.26
C LEU D 447 24.20 -27.76 5.64
N ASP D 448 22.99 -28.27 5.45
CA ASP D 448 22.72 -29.68 5.69
C ASP D 448 23.49 -30.54 4.70
N GLY D 449 23.61 -30.06 3.47
CA GLY D 449 24.40 -30.75 2.46
C GLY D 449 25.86 -30.78 2.84
N LEU D 450 26.38 -29.63 3.26
CA LEU D 450 27.77 -29.52 3.69
C LEU D 450 28.05 -30.40 4.92
N ASP D 451 27.09 -30.44 5.84
CA ASP D 451 27.25 -31.18 7.08
C ASP D 451 27.50 -32.66 6.83
N ALA D 452 26.68 -33.26 5.98
CA ALA D 452 26.82 -34.67 5.64
C ALA D 452 28.06 -34.92 4.76
N ALA D 453 28.33 -33.98 3.86
CA ALA D 453 29.45 -34.11 2.93
C ALA D 453 30.81 -34.05 3.62
N ALA D 455 31.51 -34.84 6.66
CA ALA D 455 31.70 -36.05 7.43
C ALA D 455 32.19 -37.18 6.53
N GLN D 456 31.58 -37.29 5.35
CA GLN D 456 31.97 -38.30 4.38
C GLN D 456 33.37 -38.03 3.84
N ALA D 457 33.69 -36.75 3.66
CA ALA D 457 34.99 -36.35 3.13
C ALA D 457 36.12 -36.76 4.06
N VAL D 458 35.88 -36.64 5.36
CA VAL D 458 36.90 -37.00 6.35
C VAL D 458 37.03 -38.52 6.48
N ALA D 459 35.90 -39.20 6.49
CA ALA D 459 35.88 -40.66 6.61
C ALA D 459 36.64 -41.32 5.46
N ASP D 460 36.17 -41.10 4.24
CA ASP D 460 36.84 -41.62 3.06
C ASP D 460 36.73 -40.62 1.91
N PRO D 461 37.80 -39.85 1.67
CA PRO D 461 37.85 -38.83 0.63
C PRO D 461 37.65 -39.37 -0.78
N SER D 462 37.94 -40.66 -0.96
CA SER D 462 37.84 -41.27 -2.28
C SER D 462 36.45 -41.84 -2.54
N ALA D 463 35.59 -41.78 -1.53
CA ALA D 463 34.23 -42.32 -1.62
C ALA D 463 33.25 -41.26 -2.13
N PRO D 464 32.25 -41.71 -2.92
CA PRO D 464 31.20 -40.83 -3.44
C PRO D 464 30.47 -40.09 -2.32
N LEU D 465 30.20 -38.81 -2.54
CA LEU D 465 29.52 -37.97 -1.55
C LEU D 465 28.01 -38.14 -1.63
N PRO D 466 27.32 -37.80 -0.54
CA PRO D 466 25.85 -37.80 -0.55
C PRO D 466 25.28 -36.86 -1.60
#